data_3RUV
#
_entry.id   3RUV
#
_cell.length_a   161.019
_cell.length_b   184.477
_cell.length_c   184.785
_cell.angle_alpha   90.00
_cell.angle_beta   90.00
_cell.angle_gamma   90.00
#
_symmetry.space_group_name_H-M   'I 2 2 2'
#
loop_
_entity.id
_entity.type
_entity.pdbx_description
1 polymer Chaperonin
2 non-polymer 'MAGNESIUM ION'
3 non-polymer 'PHOSPHOAMINOPHOSPHONIC ACID-ADENYLATE ESTER'
4 non-polymer 'SULFATE ION'
5 water water
#
_entity_poly.entity_id   1
_entity_poly.type   'polypeptide(L)'
_entity_poly.pdbx_seq_one_letter_code
;MSQQPGVLPENMKRYMGRDAQRMNILAGRIIAETVRSTLGPKGMDKMLVDDLGDVVVTNDGVTILREMSVEHPAAKMLIE
VAKTQEKEVGDGTTTAVVVAGELLRKAEELLDQNVHPTIVVKGYQAAAQKAQELLKTIACEVGAQDKEILTKIAMTSITG
KGAEKAKEKLAEIIVEAVSAVVDDEGKVDKDLIKIEKKSGASIDDTELIKGVLVDKERVSAQMPKKVTDAKIALLNCAIE
IKETETDAEIRITDPAKLMEFIEQEEKMLKDMVAEIKASGANVLFCQKGIDDLAQHYLAKEGIVAARRVKKSDMEKLAKA
TGANVIAAIAALSAQDLGDAGLVEERKISGDSMIFVEECKHPKAVTMLIRGTTEHVIEEVARAVDDAVGVVGCTIEDGRI
VSGGGSTEVELSMKLREYAEGISGREQLAVRAFADALEVIPRTLAENAGLDAIEILVKVRAAHASNGNKCAGLNVFTGAV
EDMCENGVVEPLRVKTQAIQSAAESTEMLLRIDDVIAAEKLRGAPDMGDMGGMPGMGGMPGMM
;
_entity_poly.pdbx_strand_id   A,B,C,D
#
# COMPACT_ATOMS: atom_id res chain seq x y z
N GLN A 4 -13.57 -54.08 42.34
CA GLN A 4 -14.61 -53.97 41.31
C GLN A 4 -14.99 -52.51 41.03
N PRO A 5 -15.65 -52.25 39.89
CA PRO A 5 -15.89 -50.89 39.40
C PRO A 5 -17.04 -50.15 40.09
N GLY A 6 -17.01 -48.82 39.99
CA GLY A 6 -18.06 -48.00 40.57
C GLY A 6 -19.24 -47.88 39.63
N VAL A 7 -20.45 -47.84 40.19
CA VAL A 7 -21.68 -47.74 39.42
C VAL A 7 -21.83 -46.37 38.74
N LEU A 8 -21.97 -45.33 39.57
CA LEU A 8 -22.01 -43.95 39.08
C LEU A 8 -20.62 -43.56 38.59
N PRO A 9 -20.56 -42.69 37.56
CA PRO A 9 -19.26 -42.32 36.97
C PRO A 9 -18.30 -41.78 38.02
N GLU A 10 -17.05 -42.22 37.98
CA GLU A 10 -16.05 -41.76 38.93
C GLU A 10 -15.64 -40.32 38.63
N ASN A 11 -16.09 -39.83 37.48
CA ASN A 11 -15.82 -38.47 37.03
C ASN A 11 -17.04 -37.56 37.25
N MET A 12 -17.40 -37.34 38.51
CA MET A 12 -18.56 -36.52 38.86
C MET A 12 -18.50 -36.05 40.31
N LYS A 13 -18.91 -34.81 40.55
CA LYS A 13 -19.07 -34.29 41.90
C LYS A 13 -20.54 -34.41 42.31
N ARG A 14 -20.77 -34.83 43.55
CA ARG A 14 -22.12 -34.98 44.07
C ARG A 14 -22.30 -34.28 45.42
N TYR A 15 -23.46 -33.67 45.59
CA TYR A 15 -23.80 -32.94 46.79
C TYR A 15 -25.19 -33.37 47.22
N MET A 16 -25.31 -33.82 48.46
CA MET A 16 -26.54 -34.45 48.93
C MET A 16 -27.17 -33.79 50.14
N GLY A 17 -28.48 -33.97 50.25
CA GLY A 17 -29.25 -33.38 51.34
C GLY A 17 -28.85 -31.94 51.60
N ARG A 18 -28.42 -31.67 52.83
CA ARG A 18 -28.10 -30.32 53.27
C ARG A 18 -27.11 -29.61 52.36
N ASP A 19 -26.13 -30.36 51.86
CA ASP A 19 -25.13 -29.83 50.93
C ASP A 19 -25.74 -29.34 49.59
N ALA A 20 -26.65 -30.13 49.03
CA ALA A 20 -27.39 -29.75 47.81
C ALA A 20 -28.17 -28.45 48.06
N GLN A 21 -28.98 -28.49 49.11
CA GLN A 21 -29.75 -27.33 49.53
C GLN A 21 -28.89 -26.08 49.74
N ARG A 22 -27.76 -26.22 50.44
CA ARG A 22 -26.91 -25.05 50.68
C ARG A 22 -26.32 -24.55 49.37
N MET A 23 -25.92 -25.50 48.53
CA MET A 23 -25.33 -25.15 47.25
C MET A 23 -26.32 -24.29 46.45
N ASN A 24 -27.54 -24.78 46.29
CA ASN A 24 -28.50 -24.08 45.47
C ASN A 24 -28.88 -22.77 46.11
N ILE A 25 -29.21 -22.81 47.39
CA ILE A 25 -29.59 -21.61 48.11
C ILE A 25 -28.51 -20.54 48.06
N LEU A 26 -27.27 -20.94 48.32
CA LEU A 26 -26.15 -20.00 48.27
C LEU A 26 -25.95 -19.42 46.87
N ALA A 27 -25.96 -20.29 45.86
CA ALA A 27 -25.73 -19.84 44.49
C ALA A 27 -26.82 -18.87 44.11
N GLY A 28 -28.03 -19.19 44.57
CA GLY A 28 -29.16 -18.32 44.40
C GLY A 28 -28.96 -16.95 45.01
N ARG A 29 -28.67 -16.92 46.31
CA ARG A 29 -28.49 -15.66 47.02
C ARG A 29 -27.38 -14.79 46.43
N ILE A 30 -26.31 -15.42 46.00
CA ILE A 30 -25.15 -14.69 45.49
C ILE A 30 -25.47 -14.01 44.16
N ILE A 31 -26.23 -14.70 43.31
CA ILE A 31 -26.66 -14.13 42.05
C ILE A 31 -27.53 -12.90 42.29
N ALA A 32 -28.44 -13.00 43.25
CA ALA A 32 -29.31 -11.89 43.59
C ALA A 32 -28.52 -10.72 44.17
N GLU A 33 -27.50 -11.03 44.96
CA GLU A 33 -26.69 -10.00 45.60
C GLU A 33 -25.91 -9.20 44.57
N THR A 34 -25.53 -9.83 43.47
CA THR A 34 -24.75 -9.11 42.48
C THR A 34 -25.56 -7.95 41.84
N VAL A 35 -26.88 -8.10 41.71
CA VAL A 35 -27.70 -7.05 41.09
C VAL A 35 -28.41 -6.16 42.11
N ARG A 36 -28.50 -6.61 43.34
CA ARG A 36 -29.18 -5.84 44.38
C ARG A 36 -28.76 -4.36 44.47
N SER A 37 -27.47 -4.07 44.28
CA SER A 37 -26.97 -2.72 44.47
C SER A 37 -27.35 -1.81 43.31
N THR A 38 -27.85 -2.40 42.22
CA THR A 38 -28.36 -1.63 41.10
C THR A 38 -29.80 -1.14 41.32
N LEU A 39 -30.50 -1.70 42.30
CA LEU A 39 -31.97 -1.49 42.39
C LEU A 39 -32.45 -0.07 42.75
N GLY A 40 -33.38 0.44 41.96
CA GLY A 40 -34.00 1.72 42.30
C GLY A 40 -33.24 2.93 41.77
N PRO A 41 -33.83 4.12 41.90
CA PRO A 41 -33.21 5.31 41.30
C PRO A 41 -31.82 5.62 41.87
N LYS A 42 -31.50 5.08 43.02
CA LYS A 42 -30.24 5.41 43.68
C LYS A 42 -29.23 4.27 43.55
N GLY A 43 -29.58 3.27 42.76
CA GLY A 43 -28.75 2.11 42.59
C GLY A 43 -27.56 2.47 41.73
N MET A 44 -26.53 1.62 41.74
CA MET A 44 -25.31 1.90 41.01
C MET A 44 -25.16 0.95 39.83
N ASP A 45 -24.18 1.22 38.97
CA ASP A 45 -24.02 0.51 37.70
C ASP A 45 -22.85 -0.47 37.73
N LYS A 46 -22.86 -1.41 36.80
CA LYS A 46 -21.74 -2.32 36.61
C LYS A 46 -21.01 -2.01 35.32
N MET A 47 -19.72 -2.26 35.32
CA MET A 47 -18.96 -2.32 34.09
C MET A 47 -18.49 -3.75 33.91
N LEU A 48 -18.95 -4.39 32.84
CA LEU A 48 -18.60 -5.78 32.54
C LEU A 48 -17.67 -5.82 31.33
N VAL A 49 -16.57 -6.57 31.47
CA VAL A 49 -15.58 -6.66 30.38
C VAL A 49 -15.43 -8.11 29.99
N ASP A 50 -15.67 -8.42 28.72
CA ASP A 50 -15.65 -9.83 28.32
C ASP A 50 -14.23 -10.27 27.97
N ASP A 51 -14.09 -11.51 27.54
CA ASP A 51 -12.76 -12.04 27.20
C ASP A 51 -12.11 -11.36 25.99
N LEU A 52 -12.93 -10.78 25.11
CA LEU A 52 -12.42 -10.02 23.97
C LEU A 52 -12.08 -8.55 24.31
N GLY A 53 -12.33 -8.15 25.56
CA GLY A 53 -12.06 -6.78 25.96
C GLY A 53 -13.20 -5.81 25.64
N ASP A 54 -14.32 -6.32 25.13
CA ASP A 54 -15.50 -5.46 24.91
C ASP A 54 -16.18 -5.09 26.22
N VAL A 55 -16.70 -3.87 26.30
CA VAL A 55 -17.29 -3.45 27.57
C VAL A 55 -18.77 -3.06 27.53
N VAL A 56 -19.48 -3.46 28.57
CA VAL A 56 -20.85 -3.06 28.76
C VAL A 56 -20.88 -2.25 30.05
N VAL A 57 -21.48 -1.06 30.04
CA VAL A 57 -21.83 -0.44 31.31
C VAL A 57 -23.33 -0.16 31.43
N THR A 58 -23.92 -0.59 32.54
CA THR A 58 -25.37 -0.71 32.60
C THR A 58 -25.92 -0.85 34.02
N ASN A 59 -27.17 -0.40 34.20
CA ASN A 59 -27.94 -0.61 35.42
C ASN A 59 -28.98 -1.74 35.22
N ASP A 60 -28.95 -2.34 34.04
CA ASP A 60 -29.99 -3.26 33.59
C ASP A 60 -29.78 -4.69 34.11
N GLY A 61 -30.70 -5.13 34.97
CA GLY A 61 -30.54 -6.37 35.71
C GLY A 61 -30.26 -7.56 34.84
N VAL A 62 -31.14 -7.83 33.88
CA VAL A 62 -31.00 -9.01 33.04
C VAL A 62 -29.74 -8.93 32.17
N THR A 63 -29.39 -7.72 31.73
CA THR A 63 -28.20 -7.55 30.90
C THR A 63 -26.92 -7.90 31.69
N ILE A 64 -26.83 -7.40 32.90
CA ILE A 64 -25.75 -7.76 33.80
C ILE A 64 -25.66 -9.27 33.97
N LEU A 65 -26.79 -9.91 34.19
CA LEU A 65 -26.77 -11.32 34.46
C LEU A 65 -26.36 -12.16 33.23
N ARG A 66 -26.76 -11.71 32.05
CA ARG A 66 -26.42 -12.39 30.81
C ARG A 66 -24.95 -12.26 30.49
N GLU A 67 -24.39 -11.11 30.85
CA GLU A 67 -23.07 -10.75 30.38
C GLU A 67 -21.99 -11.32 31.28
N MET A 68 -22.32 -11.56 32.53
CA MET A 68 -21.47 -12.36 33.38
C MET A 68 -21.57 -13.75 32.78
N SER A 69 -20.48 -14.49 32.74
CA SER A 69 -20.66 -15.82 32.19
C SER A 69 -20.87 -16.82 33.31
N VAL A 70 -22.08 -16.83 33.86
CA VAL A 70 -22.38 -17.64 35.03
C VAL A 70 -22.51 -19.10 34.66
N GLU A 71 -21.78 -19.96 35.37
CA GLU A 71 -21.75 -21.38 35.07
C GLU A 71 -22.56 -22.18 36.06
N HIS A 72 -22.61 -21.72 37.31
CA HIS A 72 -23.22 -22.50 38.39
C HIS A 72 -24.68 -22.87 38.08
N PRO A 73 -24.99 -24.18 38.10
CA PRO A 73 -26.30 -24.66 37.64
C PRO A 73 -27.50 -23.96 38.31
N ALA A 74 -27.44 -23.79 39.62
CA ALA A 74 -28.54 -23.16 40.35
C ALA A 74 -28.64 -21.68 40.02
N ALA A 75 -27.50 -21.01 39.90
CA ALA A 75 -27.52 -19.62 39.48
C ALA A 75 -28.20 -19.48 38.12
N LYS A 76 -27.87 -20.36 37.16
CA LYS A 76 -28.50 -20.35 35.84
C LYS A 76 -30.03 -20.45 35.94
N MET A 77 -30.53 -21.21 36.91
CA MET A 77 -31.98 -21.32 37.11
C MET A 77 -32.59 -19.97 37.51
N LEU A 78 -31.85 -19.16 38.27
CA LEU A 78 -32.35 -17.84 38.65
C LEU A 78 -32.22 -16.83 37.51
N ILE A 79 -31.20 -16.98 36.68
CA ILE A 79 -31.06 -16.07 35.57
C ILE A 79 -32.29 -16.17 34.64
N GLU A 80 -32.92 -17.34 34.60
CA GLU A 80 -34.09 -17.53 33.73
C GLU A 80 -35.23 -16.62 34.20
N VAL A 81 -35.32 -16.42 35.50
CA VAL A 81 -36.31 -15.54 36.08
C VAL A 81 -36.15 -14.17 35.46
N ALA A 82 -34.90 -13.71 35.34
CA ALA A 82 -34.66 -12.39 34.78
C ALA A 82 -34.97 -12.35 33.28
N LYS A 83 -34.64 -13.41 32.56
CA LYS A 83 -34.93 -13.44 31.12
C LYS A 83 -36.44 -13.42 30.81
N THR A 84 -37.22 -14.16 31.59
CA THR A 84 -38.67 -14.20 31.39
C THR A 84 -39.31 -12.88 31.79
N GLN A 85 -38.75 -12.21 32.80
CA GLN A 85 -39.25 -10.92 33.18
C GLN A 85 -39.09 -9.96 32.01
N GLU A 86 -37.93 -10.01 31.37
CA GLU A 86 -37.62 -9.12 30.24
C GLU A 86 -38.55 -9.38 29.05
N LYS A 87 -38.76 -10.66 28.74
CA LYS A 87 -39.59 -11.05 27.63
C LYS A 87 -41.07 -10.67 27.85
N GLU A 88 -41.59 -10.96 29.04
CA GLU A 88 -43.03 -10.80 29.28
C GLU A 88 -43.44 -9.36 29.61
N VAL A 89 -42.51 -8.59 30.19
CA VAL A 89 -42.82 -7.28 30.76
C VAL A 89 -41.89 -6.21 30.23
N GLY A 90 -40.59 -6.49 30.26
CA GLY A 90 -39.60 -5.58 29.71
C GLY A 90 -38.97 -4.76 30.82
N ASP A 91 -39.45 -4.93 32.04
CA ASP A 91 -38.93 -4.17 33.17
C ASP A 91 -39.08 -4.98 34.46
N GLY A 92 -38.36 -4.59 35.51
CA GLY A 92 -38.39 -5.34 36.76
C GLY A 92 -37.53 -6.61 36.76
N THR A 93 -36.52 -6.68 35.90
CA THR A 93 -35.66 -7.88 35.88
C THR A 93 -34.90 -8.05 37.19
N THR A 94 -34.37 -6.97 37.74
CA THR A 94 -33.65 -7.07 39.01
C THR A 94 -34.60 -7.46 40.14
N THR A 95 -35.71 -6.76 40.22
CA THR A 95 -36.76 -7.04 41.18
C THR A 95 -37.12 -8.53 41.29
N ALA A 96 -37.37 -9.18 40.15
CA ALA A 96 -37.78 -10.58 40.17
C ALA A 96 -36.66 -11.45 40.76
N VAL A 97 -35.44 -11.21 40.31
CA VAL A 97 -34.27 -11.98 40.77
C VAL A 97 -34.03 -11.77 42.26
N VAL A 98 -34.08 -10.52 42.71
CA VAL A 98 -33.88 -10.23 44.12
C VAL A 98 -34.95 -10.87 45.00
N VAL A 99 -36.20 -10.89 44.54
CA VAL A 99 -37.25 -11.59 45.28
C VAL A 99 -36.93 -13.07 45.36
N ALA A 100 -36.54 -13.67 44.24
CA ALA A 100 -36.19 -15.10 44.23
C ALA A 100 -35.08 -15.42 45.23
N GLY A 101 -33.99 -14.63 45.22
CA GLY A 101 -32.87 -14.84 46.15
C GLY A 101 -33.32 -14.77 47.60
N GLU A 102 -34.23 -13.84 47.89
CA GLU A 102 -34.72 -13.65 49.23
C GLU A 102 -35.65 -14.78 49.66
N LEU A 103 -36.48 -15.27 48.75
CA LEU A 103 -37.25 -16.49 49.02
C LEU A 103 -36.35 -17.68 49.40
N LEU A 104 -35.21 -17.79 48.72
CA LEU A 104 -34.22 -18.80 49.06
C LEU A 104 -33.61 -18.51 50.44
N ARG A 105 -33.23 -17.27 50.68
CA ARG A 105 -32.64 -16.95 51.97
C ARG A 105 -33.63 -17.32 53.08
N LYS A 106 -34.90 -16.97 52.88
CA LYS A 106 -35.93 -17.14 53.90
C LYS A 106 -36.23 -18.61 54.09
N ALA A 107 -36.14 -19.37 53.01
CA ALA A 107 -36.37 -20.81 53.09
C ALA A 107 -35.26 -21.48 53.92
N GLU A 108 -34.04 -20.97 53.84
CA GLU A 108 -32.90 -21.57 54.53
C GLU A 108 -33.15 -21.60 56.04
N GLU A 109 -33.61 -20.46 56.55
CA GLU A 109 -33.93 -20.33 57.97
C GLU A 109 -34.95 -21.37 58.42
N LEU A 110 -35.84 -21.74 57.51
CA LEU A 110 -36.86 -22.76 57.80
C LEU A 110 -36.32 -24.17 57.77
N LEU A 111 -35.47 -24.47 56.78
CA LEU A 111 -34.84 -25.78 56.69
C LEU A 111 -33.92 -26.02 57.90
N ASP A 112 -33.30 -24.95 58.37
CA ASP A 112 -32.41 -25.00 59.53
C ASP A 112 -33.18 -25.20 60.83
N GLN A 113 -34.49 -25.26 60.73
CA GLN A 113 -35.33 -25.50 61.89
C GLN A 113 -36.16 -26.71 61.61
N ASN A 114 -35.62 -27.61 60.80
CA ASN A 114 -36.25 -28.88 60.52
C ASN A 114 -37.61 -28.84 59.78
N VAL A 115 -37.99 -27.68 59.26
CA VAL A 115 -39.13 -27.66 58.37
C VAL A 115 -38.75 -28.38 57.08
N HIS A 116 -39.61 -29.29 56.62
CA HIS A 116 -39.32 -30.12 55.47
C HIS A 116 -39.62 -29.42 54.14
N PRO A 117 -38.76 -29.63 53.13
CA PRO A 117 -38.85 -28.93 51.84
C PRO A 117 -40.24 -28.95 51.23
N THR A 118 -40.93 -30.09 51.22
CA THR A 118 -42.24 -30.12 50.60
C THR A 118 -43.24 -29.22 51.33
N ILE A 119 -42.95 -28.93 52.59
CA ILE A 119 -43.83 -28.04 53.33
C ILE A 119 -43.53 -26.61 52.96
N VAL A 120 -42.25 -26.23 52.83
CA VAL A 120 -42.00 -24.85 52.43
C VAL A 120 -42.49 -24.61 51.00
N VAL A 121 -42.23 -25.55 50.11
CA VAL A 121 -42.79 -25.47 48.76
C VAL A 121 -44.30 -25.22 48.77
N LYS A 122 -45.01 -25.95 49.62
CA LYS A 122 -46.46 -25.86 49.71
C LYS A 122 -46.94 -24.48 50.21
N GLY A 123 -46.31 -24.01 51.28
CA GLY A 123 -46.59 -22.69 51.81
C GLY A 123 -46.27 -21.61 50.79
N TYR A 124 -45.11 -21.71 50.15
CA TYR A 124 -44.72 -20.74 49.14
C TYR A 124 -45.75 -20.70 48.01
N GLN A 125 -46.32 -21.85 47.66
CA GLN A 125 -47.24 -21.91 46.55
C GLN A 125 -48.56 -21.23 46.93
N ALA A 126 -48.98 -21.49 48.15
CA ALA A 126 -50.19 -20.88 48.70
C ALA A 126 -50.02 -19.37 48.86
N ALA A 127 -48.85 -18.96 49.34
CA ALA A 127 -48.56 -17.55 49.50
C ALA A 127 -48.57 -16.87 48.13
N ALA A 128 -47.96 -17.50 47.13
CA ALA A 128 -47.84 -16.89 45.81
C ALA A 128 -49.21 -16.72 45.16
N GLN A 129 -50.07 -17.70 45.37
CA GLN A 129 -51.40 -17.67 44.80
C GLN A 129 -52.20 -16.56 45.47
N LYS A 130 -52.10 -16.50 46.80
CA LYS A 130 -52.79 -15.46 47.56
C LYS A 130 -52.32 -14.09 47.07
N ALA A 131 -51.00 -13.97 46.87
CA ALA A 131 -50.39 -12.75 46.37
C ALA A 131 -50.98 -12.31 45.03
N GLN A 132 -51.19 -13.24 44.10
CA GLN A 132 -51.79 -12.88 42.83
C GLN A 132 -53.21 -12.34 43.04
N GLU A 133 -53.98 -13.00 43.90
CA GLU A 133 -55.33 -12.51 44.23
C GLU A 133 -55.30 -11.14 44.88
N LEU A 134 -54.38 -10.94 45.83
CA LEU A 134 -54.23 -9.63 46.48
C LEU A 134 -53.82 -8.56 45.47
N LEU A 135 -52.94 -8.91 44.56
CA LEU A 135 -52.49 -7.96 43.54
C LEU A 135 -53.64 -7.44 42.70
N LYS A 136 -54.61 -8.31 42.41
CA LYS A 136 -55.72 -7.91 41.56
C LYS A 136 -56.58 -6.84 42.24
N THR A 137 -56.76 -6.96 43.54
CA THR A 137 -57.58 -6.02 44.29
C THR A 137 -56.84 -4.70 44.43
N ILE A 138 -55.52 -4.79 44.58
CA ILE A 138 -54.65 -3.63 44.79
C ILE A 138 -54.53 -2.73 43.57
N ALA A 139 -54.60 -3.35 42.39
CA ALA A 139 -54.39 -2.67 41.10
C ALA A 139 -55.47 -1.64 40.75
N CYS A 140 -55.06 -0.60 40.05
CA CYS A 140 -55.92 0.51 39.66
C CYS A 140 -56.11 0.42 38.16
N GLU A 141 -57.34 0.67 37.70
CA GLU A 141 -57.65 0.63 36.28
C GLU A 141 -57.26 1.94 35.62
N VAL A 142 -56.71 1.87 34.42
CA VAL A 142 -56.40 3.07 33.67
C VAL A 142 -56.72 2.86 32.19
N GLY A 143 -56.98 3.95 31.49
CA GLY A 143 -57.33 3.86 30.08
C GLY A 143 -56.11 3.67 29.19
N ALA A 144 -56.28 2.89 28.13
CA ALA A 144 -55.20 2.63 27.17
C ALA A 144 -54.70 3.90 26.49
N GLN A 145 -55.51 4.95 26.54
CA GLN A 145 -55.16 6.20 25.91
C GLN A 145 -55.08 7.37 26.92
N ASP A 146 -54.78 7.03 28.16
CA ASP A 146 -54.53 8.04 29.16
C ASP A 146 -53.07 8.48 29.04
N LYS A 147 -52.82 9.48 28.21
CA LYS A 147 -51.48 9.97 27.95
C LYS A 147 -50.73 10.32 29.23
N GLU A 148 -51.44 10.90 30.19
CA GLU A 148 -50.78 11.40 31.39
C GLU A 148 -50.27 10.25 32.25
N ILE A 149 -51.10 9.23 32.44
CA ILE A 149 -50.69 8.08 33.22
C ILE A 149 -49.59 7.28 32.50
N LEU A 150 -49.74 7.09 31.20
CA LEU A 150 -48.72 6.37 30.45
C LEU A 150 -47.38 7.11 30.57
N THR A 151 -47.44 8.43 30.57
CA THR A 151 -46.21 9.20 30.69
C THR A 151 -45.58 9.03 32.08
N LYS A 152 -46.41 8.88 33.11
CA LYS A 152 -45.89 8.62 34.44
C LYS A 152 -45.30 7.21 34.50
N ILE A 153 -45.91 6.31 33.75
CA ILE A 153 -45.41 4.95 33.68
C ILE A 153 -44.03 4.94 33.02
N ALA A 154 -43.89 5.68 31.92
CA ALA A 154 -42.62 5.81 31.24
C ALA A 154 -41.56 6.51 32.13
N MET A 155 -41.92 7.64 32.73
CA MET A 155 -40.97 8.36 33.57
C MET A 155 -40.51 7.47 34.74
N THR A 156 -41.44 6.75 35.34
CA THR A 156 -41.10 5.90 36.48
C THR A 156 -40.08 4.83 36.06
N SER A 157 -40.34 4.19 34.93
CA SER A 157 -39.43 3.18 34.40
C SER A 157 -38.02 3.76 34.19
N ILE A 158 -37.93 4.88 33.49
CA ILE A 158 -36.63 5.45 33.17
C ILE A 158 -35.87 5.83 34.45
N THR A 159 -36.63 6.35 35.41
CA THR A 159 -36.07 6.77 36.70
C THR A 159 -35.44 5.57 37.43
N GLY A 160 -35.99 4.39 37.19
CA GLY A 160 -35.42 3.18 37.76
C GLY A 160 -33.94 3.08 37.39
N LYS A 161 -33.58 3.59 36.24
CA LYS A 161 -32.17 3.64 35.85
C LYS A 161 -31.46 4.96 36.16
N GLY A 162 -32.06 5.79 37.03
CA GLY A 162 -31.46 7.06 37.44
C GLY A 162 -32.27 8.30 37.12
N ALA A 163 -32.46 9.17 38.11
CA ALA A 163 -33.24 10.40 37.90
C ALA A 163 -32.79 11.22 36.70
N GLU A 164 -31.48 11.24 36.48
CA GLU A 164 -30.90 12.07 35.43
C GLU A 164 -31.25 11.54 34.03
N LYS A 165 -31.81 10.34 33.95
CA LYS A 165 -32.28 9.82 32.66
C LYS A 165 -33.74 10.23 32.35
N ALA A 166 -34.49 10.52 33.39
CA ALA A 166 -35.92 10.74 33.23
C ALA A 166 -36.22 12.17 32.84
N LYS A 167 -36.18 12.43 31.54
CA LYS A 167 -36.57 13.72 30.97
C LYS A 167 -37.99 13.54 30.46
N GLU A 168 -38.87 14.47 30.82
CA GLU A 168 -40.26 14.42 30.39
C GLU A 168 -40.39 14.25 28.87
N LYS A 169 -39.63 15.05 28.14
CA LYS A 169 -39.66 15.01 26.68
C LYS A 169 -39.47 13.58 26.19
N LEU A 170 -38.48 12.90 26.78
CA LEU A 170 -38.18 11.53 26.39
C LEU A 170 -39.34 10.59 26.71
N ALA A 171 -39.90 10.71 27.91
CA ALA A 171 -41.03 9.88 28.31
C ALA A 171 -42.20 10.08 27.35
N GLU A 172 -42.50 11.34 27.04
CA GLU A 172 -43.57 11.69 26.12
C GLU A 172 -43.34 11.10 24.71
N ILE A 173 -42.10 11.17 24.24
CA ILE A 173 -41.72 10.60 22.94
C ILE A 173 -41.97 9.10 22.94
N ILE A 174 -41.67 8.44 24.06
CA ILE A 174 -41.83 7.00 24.15
C ILE A 174 -43.31 6.63 24.15
N VAL A 175 -44.09 7.38 24.89
CA VAL A 175 -45.53 7.17 24.92
C VAL A 175 -46.12 7.35 23.51
N GLU A 176 -45.64 8.36 22.78
CA GLU A 176 -46.14 8.59 21.44
C GLU A 176 -45.77 7.43 20.50
N ALA A 177 -44.53 6.95 20.61
CA ALA A 177 -44.03 5.85 19.81
C ALA A 177 -44.88 4.60 20.01
N VAL A 178 -45.09 4.21 21.26
CA VAL A 178 -45.85 3.00 21.56
C VAL A 178 -47.34 3.12 21.13
N SER A 179 -47.98 4.23 21.48
CA SER A 179 -49.37 4.48 21.07
C SER A 179 -49.53 4.35 19.57
N ALA A 180 -48.51 4.76 18.83
CA ALA A 180 -48.56 4.72 17.37
C ALA A 180 -48.63 3.31 16.80
N VAL A 181 -48.11 2.30 17.49
CA VAL A 181 -48.04 0.97 16.90
C VAL A 181 -49.05 -0.02 17.48
N VAL A 182 -49.89 0.45 18.40
CA VAL A 182 -50.96 -0.38 18.96
C VAL A 182 -51.79 -0.91 17.80
N ASP A 183 -52.06 -2.20 17.77
CA ASP A 183 -52.79 -2.79 16.63
C ASP A 183 -54.30 -2.87 16.84
N ASP A 184 -54.99 -3.51 15.89
CA ASP A 184 -56.46 -3.59 15.90
C ASP A 184 -57.00 -4.27 17.14
N GLU A 185 -56.23 -5.18 17.70
CA GLU A 185 -56.64 -5.89 18.91
C GLU A 185 -56.19 -5.18 20.19
N GLY A 186 -55.68 -3.96 20.06
CA GLY A 186 -55.18 -3.24 21.23
C GLY A 186 -53.87 -3.80 21.77
N LYS A 187 -53.17 -4.60 20.95
CA LYS A 187 -51.91 -5.22 21.33
C LYS A 187 -50.68 -4.43 20.88
N VAL A 188 -49.61 -4.52 21.66
CA VAL A 188 -48.38 -3.78 21.39
C VAL A 188 -47.22 -4.71 21.10
N ASP A 189 -46.72 -4.65 19.87
CA ASP A 189 -45.56 -5.45 19.46
C ASP A 189 -44.32 -4.57 19.52
N LYS A 190 -43.49 -4.80 20.52
CA LYS A 190 -42.34 -3.97 20.79
C LYS A 190 -41.42 -3.80 19.57
N ASP A 191 -41.42 -4.79 18.68
CA ASP A 191 -40.54 -4.79 17.52
C ASP A 191 -40.95 -3.77 16.47
N LEU A 192 -42.18 -3.28 16.54
CA LEU A 192 -42.61 -2.27 15.59
C LEU A 192 -41.97 -0.93 15.91
N ILE A 193 -41.34 -0.82 17.07
CA ILE A 193 -40.58 0.38 17.39
C ILE A 193 -39.10 0.18 17.10
N LYS A 194 -38.66 0.67 15.95
CA LYS A 194 -37.27 0.52 15.56
C LYS A 194 -36.37 1.41 16.40
N ILE A 195 -35.29 0.85 16.89
CA ILE A 195 -34.35 1.60 17.69
C ILE A 195 -33.10 1.87 16.86
N GLU A 196 -32.87 3.14 16.56
CA GLU A 196 -31.69 3.53 15.82
C GLU A 196 -30.77 4.32 16.77
N LYS A 197 -29.47 4.07 16.69
CA LYS A 197 -28.53 4.65 17.66
C LYS A 197 -27.41 5.42 16.95
N LYS A 198 -27.36 6.72 17.18
CA LYS A 198 -26.44 7.58 16.43
C LYS A 198 -25.82 8.65 17.34
N SER A 199 -24.50 8.72 17.34
CA SER A 199 -23.82 9.75 18.13
C SER A 199 -24.23 11.14 17.65
N GLY A 200 -24.15 12.09 18.55
CA GLY A 200 -24.63 13.42 18.29
C GLY A 200 -24.21 14.40 19.37
N ALA A 201 -24.85 15.56 19.37
CA ALA A 201 -24.55 16.65 20.27
C ALA A 201 -24.96 16.34 21.70
N SER A 202 -25.96 15.50 21.87
CA SER A 202 -26.55 15.34 23.19
C SER A 202 -27.62 14.27 23.25
N ILE A 203 -27.73 13.61 24.40
CA ILE A 203 -28.81 12.66 24.66
C ILE A 203 -30.17 13.32 24.37
N ASP A 204 -30.27 14.62 24.65
CA ASP A 204 -31.54 15.35 24.44
C ASP A 204 -31.95 15.51 22.96
N ASP A 205 -31.07 15.17 22.03
CA ASP A 205 -31.44 15.19 20.60
C ASP A 205 -32.22 13.94 20.16
N THR A 206 -32.40 13.00 21.08
CA THR A 206 -33.17 11.80 20.81
C THR A 206 -34.53 12.23 20.27
N GLU A 207 -34.99 11.61 19.19
CA GLU A 207 -36.26 12.01 18.60
C GLU A 207 -37.06 10.82 18.11
N LEU A 208 -38.37 11.02 17.96
CA LEU A 208 -39.25 10.04 17.36
C LEU A 208 -39.46 10.40 15.90
N ILE A 209 -39.23 9.43 15.04
CA ILE A 209 -39.51 9.56 13.63
C ILE A 209 -40.76 8.76 13.30
N LYS A 210 -41.75 9.42 12.71
CA LYS A 210 -42.95 8.73 12.26
C LYS A 210 -42.62 8.14 10.89
N GLY A 211 -41.93 7.01 10.88
CA GLY A 211 -41.40 6.47 9.65
C GLY A 211 -40.18 5.62 9.94
N VAL A 212 -39.32 5.42 8.95
CA VAL A 212 -38.16 4.55 9.16
C VAL A 212 -36.90 5.11 8.55
N LEU A 213 -35.79 4.63 9.09
CA LEU A 213 -34.47 4.96 8.59
C LEU A 213 -33.93 3.76 7.85
N VAL A 214 -33.58 3.99 6.60
CA VAL A 214 -33.03 2.93 5.77
C VAL A 214 -31.55 3.21 5.51
N ASP A 215 -30.69 2.27 5.91
CA ASP A 215 -29.26 2.43 5.65
C ASP A 215 -28.94 2.16 4.18
N LYS A 216 -29.29 3.12 3.33
CA LYS A 216 -29.04 3.05 1.89
C LYS A 216 -28.82 4.45 1.36
N GLU A 217 -28.24 4.55 0.18
CA GLU A 217 -28.22 5.80 -0.56
C GLU A 217 -29.03 5.53 -1.82
N ARG A 218 -29.57 6.58 -2.45
CA ARG A 218 -30.28 6.38 -3.69
C ARG A 218 -29.29 5.82 -4.70
N VAL A 219 -29.80 5.07 -5.65
CA VAL A 219 -28.95 4.23 -6.50
C VAL A 219 -28.19 5.06 -7.53
N SER A 220 -28.68 6.27 -7.80
CA SER A 220 -28.06 7.15 -8.77
C SER A 220 -28.12 8.60 -8.33
N ALA A 221 -26.97 9.27 -8.42
CA ALA A 221 -26.79 10.64 -7.93
C ALA A 221 -27.65 11.62 -8.70
N GLN A 222 -28.17 11.17 -9.84
CA GLN A 222 -29.02 11.99 -10.68
C GLN A 222 -30.45 12.12 -10.12
N MET A 223 -30.85 11.17 -9.29
CA MET A 223 -32.18 11.23 -8.68
C MET A 223 -32.28 12.34 -7.64
N PRO A 224 -33.49 12.86 -7.40
CA PRO A 224 -33.67 13.84 -6.33
C PRO A 224 -33.18 13.26 -5.01
N LYS A 225 -32.71 14.10 -4.09
CA LYS A 225 -32.31 13.55 -2.80
C LYS A 225 -33.30 13.94 -1.71
N LYS A 226 -34.27 14.77 -2.09
CA LYS A 226 -35.33 15.15 -1.17
C LYS A 226 -36.66 15.19 -1.90
N VAL A 227 -37.63 14.45 -1.40
CA VAL A 227 -38.96 14.42 -1.99
C VAL A 227 -40.00 14.70 -0.94
N THR A 228 -40.83 15.71 -1.14
CA THR A 228 -41.95 15.94 -0.22
C THR A 228 -43.21 15.29 -0.76
N ASP A 229 -44.10 14.91 0.15
CA ASP A 229 -45.27 14.08 -0.17
C ASP A 229 -44.94 13.01 -1.19
N ALA A 230 -44.00 12.14 -0.82
CA ALA A 230 -43.55 11.10 -1.72
C ALA A 230 -44.65 10.07 -1.89
N LYS A 231 -44.72 9.49 -3.08
CA LYS A 231 -45.55 8.32 -3.35
C LYS A 231 -44.61 7.13 -3.51
N ILE A 232 -44.73 6.18 -2.60
CA ILE A 232 -43.71 5.14 -2.45
C ILE A 232 -44.14 3.76 -2.95
N ALA A 233 -43.39 3.24 -3.91
CA ALA A 233 -43.55 1.87 -4.38
C ALA A 233 -42.57 0.90 -3.68
N LEU A 234 -43.07 -0.26 -3.28
CA LEU A 234 -42.28 -1.27 -2.60
C LEU A 234 -42.26 -2.55 -3.44
N LEU A 235 -41.10 -2.89 -4.01
CA LEU A 235 -41.00 -4.07 -4.88
C LEU A 235 -40.14 -5.18 -4.29
N ASN A 236 -40.69 -6.40 -4.34
CA ASN A 236 -40.05 -7.58 -3.81
C ASN A 236 -39.27 -8.33 -4.90
N CYS A 237 -39.40 -7.85 -6.12
CA CYS A 237 -38.78 -8.49 -7.26
C CYS A 237 -37.74 -7.57 -7.86
N ALA A 238 -36.72 -8.14 -8.49
CA ALA A 238 -35.66 -7.33 -9.08
C ALA A 238 -36.13 -6.57 -10.31
N ILE A 239 -35.67 -5.34 -10.45
CA ILE A 239 -35.90 -4.60 -11.68
C ILE A 239 -34.75 -4.93 -12.62
N GLU A 240 -34.72 -6.20 -13.05
CA GLU A 240 -33.68 -6.71 -13.95
C GLU A 240 -34.36 -7.50 -15.06
N ILE A 241 -33.58 -7.93 -16.05
CA ILE A 241 -34.17 -8.70 -17.16
C ILE A 241 -34.74 -10.01 -16.65
N LYS A 242 -36.02 -10.25 -16.92
CA LYS A 242 -36.63 -11.47 -16.41
C LYS A 242 -36.26 -12.68 -17.25
N GLU A 243 -36.00 -13.80 -16.58
CA GLU A 243 -35.66 -15.04 -17.27
C GLU A 243 -36.62 -16.15 -16.86
N THR A 244 -36.89 -17.06 -17.79
CA THR A 244 -37.75 -18.19 -17.48
C THR A 244 -37.09 -19.18 -16.53
N GLU A 245 -37.90 -19.88 -15.73
CA GLU A 245 -37.40 -20.92 -14.84
C GLU A 245 -36.89 -22.10 -15.66
N THR A 246 -37.62 -22.42 -16.72
CA THR A 246 -37.19 -23.42 -17.69
C THR A 246 -35.96 -22.92 -18.47
N ASP A 247 -34.86 -23.68 -18.42
CA ASP A 247 -33.63 -23.34 -19.16
C ASP A 247 -33.90 -22.96 -20.62
N ALA A 248 -33.43 -21.77 -21.00
CA ALA A 248 -33.63 -21.25 -22.34
C ALA A 248 -32.33 -20.71 -22.89
N GLU A 249 -32.12 -20.89 -24.19
CA GLU A 249 -30.97 -20.33 -24.87
C GLU A 249 -31.39 -19.63 -26.17
N ILE A 250 -30.72 -18.53 -26.48
CA ILE A 250 -30.96 -17.83 -27.73
C ILE A 250 -29.93 -18.30 -28.76
N ARG A 251 -30.40 -18.75 -29.92
CA ARG A 251 -29.49 -19.08 -31.01
C ARG A 251 -29.55 -17.99 -32.06
N ILE A 252 -28.38 -17.49 -32.46
CA ILE A 252 -28.30 -16.45 -33.46
C ILE A 252 -27.48 -16.89 -34.68
N THR A 253 -28.11 -16.86 -35.85
CA THR A 253 -27.43 -17.25 -37.08
C THR A 253 -27.36 -16.07 -38.05
N ASP A 254 -28.07 -15.01 -37.71
CA ASP A 254 -28.07 -13.82 -38.54
C ASP A 254 -27.54 -12.61 -37.75
N PRO A 255 -26.35 -12.12 -38.12
CA PRO A 255 -25.62 -11.00 -37.51
C PRO A 255 -26.50 -9.82 -37.07
N ALA A 256 -27.63 -9.62 -37.73
CA ALA A 256 -28.49 -8.49 -37.39
C ALA A 256 -29.35 -8.77 -36.16
N LYS A 257 -29.44 -10.03 -35.75
CA LYS A 257 -30.24 -10.42 -34.58
C LYS A 257 -29.58 -10.04 -33.25
N LEU A 258 -28.26 -9.91 -33.27
CA LEU A 258 -27.53 -9.46 -32.09
C LEU A 258 -28.20 -8.21 -31.53
N MET A 259 -28.21 -7.16 -32.34
CA MET A 259 -28.81 -5.89 -31.95
C MET A 259 -30.30 -6.01 -31.62
N GLU A 260 -30.99 -6.91 -32.31
CA GLU A 260 -32.44 -7.04 -32.08
C GLU A 260 -32.76 -7.61 -30.70
N PHE A 261 -31.91 -8.53 -30.24
CA PHE A 261 -32.11 -9.13 -28.93
C PHE A 261 -31.66 -8.15 -27.86
N ILE A 262 -30.47 -7.58 -28.03
CA ILE A 262 -29.97 -6.55 -27.13
C ILE A 262 -30.98 -5.42 -26.96
N GLU A 263 -31.66 -5.07 -28.04
CA GLU A 263 -32.61 -3.97 -28.01
C GLU A 263 -33.94 -4.41 -27.42
N GLN A 264 -34.14 -5.71 -27.33
CA GLN A 264 -35.36 -6.25 -26.73
C GLN A 264 -35.22 -6.27 -25.22
N GLU A 265 -34.04 -6.63 -24.76
CA GLU A 265 -33.76 -6.63 -23.33
C GLU A 265 -33.76 -5.20 -22.79
N GLU A 266 -33.26 -4.25 -23.58
CA GLU A 266 -33.32 -2.84 -23.18
C GLU A 266 -34.77 -2.37 -23.07
N LYS A 267 -35.61 -2.79 -24.00
CA LYS A 267 -37.01 -2.38 -24.01
C LYS A 267 -37.79 -2.96 -22.82
N MET A 268 -37.43 -4.16 -22.39
CA MET A 268 -38.09 -4.75 -21.24
C MET A 268 -37.85 -3.89 -20.01
N LEU A 269 -36.62 -3.40 -19.86
CA LEU A 269 -36.25 -2.56 -18.74
C LEU A 269 -36.96 -1.21 -18.82
N LYS A 270 -37.06 -0.67 -20.03
CA LYS A 270 -37.77 0.59 -20.22
C LYS A 270 -39.25 0.43 -19.91
N ASP A 271 -39.82 -0.72 -20.24
CA ASP A 271 -41.22 -1.02 -19.95
C ASP A 271 -41.46 -1.12 -18.44
N MET A 272 -40.57 -1.83 -17.76
CA MET A 272 -40.66 -1.99 -16.32
C MET A 272 -40.68 -0.62 -15.66
N VAL A 273 -39.73 0.22 -16.04
CA VAL A 273 -39.66 1.58 -15.53
C VAL A 273 -40.93 2.35 -15.88
N ALA A 274 -41.45 2.11 -17.09
CA ALA A 274 -42.69 2.76 -17.53
C ALA A 274 -43.85 2.40 -16.62
N GLU A 275 -43.99 1.11 -16.33
CA GLU A 275 -45.05 0.67 -15.45
C GLU A 275 -44.92 1.33 -14.06
N ILE A 276 -43.69 1.43 -13.56
CA ILE A 276 -43.46 2.03 -12.25
C ILE A 276 -43.93 3.49 -12.22
N LYS A 277 -43.49 4.26 -13.21
CA LYS A 277 -43.93 5.64 -13.42
C LYS A 277 -45.46 5.75 -13.42
N ALA A 278 -46.12 4.87 -14.18
CA ALA A 278 -47.57 4.93 -14.36
C ALA A 278 -48.35 4.83 -13.07
N SER A 279 -47.77 4.17 -12.06
CA SER A 279 -48.48 4.04 -10.78
C SER A 279 -48.56 5.40 -10.07
N GLY A 280 -47.62 6.29 -10.39
CA GLY A 280 -47.55 7.58 -9.74
C GLY A 280 -46.39 7.66 -8.77
N ALA A 281 -45.70 6.53 -8.57
CA ALA A 281 -44.58 6.45 -7.63
C ALA A 281 -43.47 7.42 -7.99
N ASN A 282 -42.99 8.19 -7.02
CA ASN A 282 -41.79 9.00 -7.26
C ASN A 282 -40.65 8.56 -6.33
N VAL A 283 -40.93 7.55 -5.52
CA VAL A 283 -39.92 6.90 -4.68
C VAL A 283 -40.15 5.40 -4.71
N LEU A 284 -39.06 4.65 -4.74
CA LEU A 284 -39.13 3.21 -4.88
C LEU A 284 -38.05 2.55 -4.03
N PHE A 285 -38.44 1.53 -3.28
CA PHE A 285 -37.50 0.67 -2.58
C PHE A 285 -37.65 -0.74 -3.15
N CYS A 286 -36.59 -1.22 -3.80
CA CYS A 286 -36.55 -2.58 -4.33
C CYS A 286 -35.76 -3.49 -3.40
N GLN A 287 -36.35 -4.63 -3.05
CA GLN A 287 -35.72 -5.57 -2.14
C GLN A 287 -34.51 -6.27 -2.78
N LYS A 288 -34.48 -6.32 -4.10
CA LYS A 288 -33.36 -6.94 -4.80
C LYS A 288 -32.67 -5.98 -5.75
N GLY A 289 -32.03 -6.54 -6.76
CA GLY A 289 -31.24 -5.74 -7.68
C GLY A 289 -32.02 -4.92 -8.68
N ILE A 290 -31.50 -3.72 -8.95
CA ILE A 290 -32.00 -2.90 -10.03
C ILE A 290 -30.90 -2.82 -11.06
N ASP A 291 -31.21 -3.24 -12.28
CA ASP A 291 -30.25 -3.21 -13.37
C ASP A 291 -29.73 -1.79 -13.53
N ASP A 292 -28.40 -1.67 -13.72
CA ASP A 292 -27.76 -0.38 -13.94
C ASP A 292 -28.51 0.46 -14.98
N LEU A 293 -28.96 -0.20 -16.03
CA LEU A 293 -29.66 0.48 -17.10
C LEU A 293 -31.01 1.02 -16.65
N ALA A 294 -31.74 0.24 -15.84
CA ALA A 294 -33.02 0.69 -15.27
C ALA A 294 -32.77 1.85 -14.31
N GLN A 295 -31.65 1.77 -13.59
CA GLN A 295 -31.21 2.85 -12.72
C GLN A 295 -31.21 4.18 -13.47
N HIS A 296 -30.71 4.16 -14.70
CA HIS A 296 -30.72 5.37 -15.52
C HIS A 296 -32.14 5.85 -15.84
N TYR A 297 -32.98 4.94 -16.31
CA TYR A 297 -34.35 5.30 -16.71
C TYR A 297 -35.15 5.90 -15.56
N LEU A 298 -35.05 5.29 -14.38
CA LEU A 298 -35.70 5.83 -13.18
C LEU A 298 -35.22 7.25 -12.93
N ALA A 299 -33.91 7.44 -12.98
CA ALA A 299 -33.30 8.76 -12.84
C ALA A 299 -33.83 9.75 -13.87
N LYS A 300 -33.93 9.33 -15.13
CA LYS A 300 -34.46 10.18 -16.18
C LYS A 300 -35.87 10.62 -15.83
N GLU A 301 -36.62 9.72 -15.19
CA GLU A 301 -38.01 10.00 -14.84
C GLU A 301 -38.17 10.79 -13.55
N GLY A 302 -37.04 11.06 -12.89
CA GLY A 302 -37.09 11.76 -11.61
C GLY A 302 -37.67 10.89 -10.50
N ILE A 303 -37.49 9.58 -10.62
CA ILE A 303 -37.93 8.66 -9.57
C ILE A 303 -36.77 8.25 -8.66
N VAL A 304 -36.89 8.49 -7.36
CA VAL A 304 -35.87 8.06 -6.41
C VAL A 304 -35.94 6.55 -6.16
N ALA A 305 -34.80 5.86 -6.23
CA ALA A 305 -34.79 4.43 -5.94
C ALA A 305 -33.60 3.98 -5.10
N ALA A 306 -33.83 3.02 -4.21
CA ALA A 306 -32.76 2.29 -3.53
C ALA A 306 -32.92 0.83 -3.88
N ARG A 307 -31.81 0.12 -3.94
CA ARG A 307 -31.80 -1.27 -4.34
C ARG A 307 -31.28 -2.14 -3.23
N ARG A 308 -31.55 -3.44 -3.33
CA ARG A 308 -31.11 -4.43 -2.36
C ARG A 308 -31.43 -4.01 -0.93
N VAL A 309 -32.63 -3.47 -0.76
CA VAL A 309 -33.12 -3.11 0.56
C VAL A 309 -33.36 -4.38 1.37
N LYS A 310 -32.98 -4.34 2.65
CA LYS A 310 -33.15 -5.47 3.57
C LYS A 310 -34.61 -5.85 3.69
N LYS A 311 -34.89 -7.14 3.81
CA LYS A 311 -36.27 -7.62 3.89
C LYS A 311 -37.02 -7.00 5.07
N SER A 312 -36.31 -6.88 6.19
CA SER A 312 -36.85 -6.24 7.39
C SER A 312 -37.07 -4.74 7.16
N ASP A 313 -36.26 -4.14 6.30
CA ASP A 313 -36.48 -2.75 5.91
C ASP A 313 -37.78 -2.62 5.08
N MET A 314 -37.90 -3.45 4.04
CA MET A 314 -39.13 -3.49 3.24
C MET A 314 -40.36 -3.69 4.13
N GLU A 315 -40.27 -4.63 5.06
CA GLU A 315 -41.39 -4.91 5.93
C GLU A 315 -41.78 -3.71 6.78
N LYS A 316 -40.79 -2.99 7.30
CA LYS A 316 -41.07 -1.83 8.15
C LYS A 316 -41.52 -0.62 7.33
N LEU A 317 -40.97 -0.46 6.12
CA LEU A 317 -41.45 0.57 5.20
C LEU A 317 -42.94 0.38 4.95
N ALA A 318 -43.31 -0.84 4.57
CA ALA A 318 -44.73 -1.13 4.34
C ALA A 318 -45.57 -0.73 5.55
N LYS A 319 -45.12 -1.13 6.72
CA LYS A 319 -45.86 -0.87 7.97
C LYS A 319 -46.02 0.61 8.25
N ALA A 320 -45.00 1.39 7.89
CA ALA A 320 -44.99 2.82 8.21
C ALA A 320 -45.68 3.70 7.15
N THR A 321 -45.48 3.37 5.88
CA THR A 321 -46.02 4.16 4.77
C THR A 321 -47.38 3.66 4.29
N GLY A 322 -47.67 2.39 4.58
CA GLY A 322 -48.92 1.77 4.15
C GLY A 322 -48.90 1.14 2.77
N ALA A 323 -47.72 1.01 2.16
CA ALA A 323 -47.56 0.39 0.85
C ALA A 323 -47.66 -1.13 0.94
N ASN A 324 -47.99 -1.78 -0.18
CA ASN A 324 -47.93 -3.23 -0.25
C ASN A 324 -46.67 -3.65 -0.99
N VAL A 325 -45.89 -4.53 -0.40
CA VAL A 325 -44.73 -5.02 -1.10
C VAL A 325 -45.25 -5.87 -2.24
N ILE A 326 -44.93 -5.44 -3.47
CA ILE A 326 -45.42 -6.06 -4.69
C ILE A 326 -44.33 -6.94 -5.34
N ALA A 327 -44.73 -8.10 -5.84
CA ALA A 327 -43.79 -9.11 -6.37
C ALA A 327 -43.76 -9.16 -7.88
N ALA A 328 -44.72 -8.50 -8.52
CA ALA A 328 -44.75 -8.44 -9.96
C ALA A 328 -44.88 -6.99 -10.41
N ILE A 329 -43.87 -6.49 -11.12
CA ILE A 329 -43.89 -5.11 -11.57
C ILE A 329 -45.17 -4.83 -12.36
N ALA A 330 -45.61 -5.81 -13.13
CA ALA A 330 -46.80 -5.67 -13.96
C ALA A 330 -48.02 -5.34 -13.10
N ALA A 331 -48.06 -5.89 -11.89
CA ALA A 331 -49.22 -5.79 -11.02
C ALA A 331 -49.23 -4.53 -10.16
N LEU A 332 -48.13 -3.81 -10.14
CA LEU A 332 -48.09 -2.58 -9.35
C LEU A 332 -49.20 -1.66 -9.83
N SER A 333 -49.83 -0.98 -8.88
CA SER A 333 -50.84 0.01 -9.20
C SER A 333 -50.81 1.12 -8.16
N ALA A 334 -51.47 2.22 -8.46
CA ALA A 334 -51.55 3.34 -7.54
C ALA A 334 -51.89 2.87 -6.14
N GLN A 335 -52.81 1.91 -6.06
CA GLN A 335 -53.33 1.45 -4.77
C GLN A 335 -52.29 0.82 -3.85
N ASP A 336 -51.17 0.38 -4.41
CA ASP A 336 -50.15 -0.29 -3.63
C ASP A 336 -49.13 0.69 -3.06
N LEU A 337 -49.24 1.95 -3.46
CA LEU A 337 -48.27 2.94 -3.02
C LEU A 337 -48.52 3.38 -1.58
N GLY A 338 -47.45 3.76 -0.89
CA GLY A 338 -47.55 4.37 0.41
C GLY A 338 -47.30 5.87 0.33
N ASP A 339 -47.49 6.55 1.46
CA ASP A 339 -47.26 7.99 1.55
C ASP A 339 -46.32 8.29 2.71
N ALA A 340 -45.48 9.29 2.50
CA ALA A 340 -44.65 9.85 3.55
C ALA A 340 -44.56 11.34 3.28
N GLY A 341 -44.62 12.15 4.33
CA GLY A 341 -44.49 13.58 4.16
C GLY A 341 -43.14 13.95 3.57
N LEU A 342 -42.11 13.18 3.93
CA LEU A 342 -40.74 13.49 3.52
C LEU A 342 -39.96 12.21 3.25
N VAL A 343 -39.27 12.14 2.11
CA VAL A 343 -38.26 11.11 1.88
C VAL A 343 -37.00 11.87 1.54
N GLU A 344 -35.94 11.66 2.31
CA GLU A 344 -34.71 12.42 2.11
C GLU A 344 -33.46 11.61 2.40
N GLU A 345 -32.50 11.66 1.48
CA GLU A 345 -31.19 11.12 1.78
C GLU A 345 -30.35 12.23 2.39
N ARG A 346 -29.84 12.00 3.58
CA ARG A 346 -28.94 12.95 4.21
C ARG A 346 -28.00 12.25 5.19
N LYS A 347 -26.93 12.94 5.56
CA LYS A 347 -25.95 12.33 6.46
C LYS A 347 -26.37 12.52 7.90
N ILE A 348 -26.21 11.47 8.69
CA ILE A 348 -26.41 11.54 10.13
C ILE A 348 -25.18 10.96 10.80
N SER A 349 -24.56 11.78 11.66
CA SER A 349 -23.23 11.47 12.22
C SER A 349 -22.35 10.79 11.18
N GLY A 350 -22.22 11.43 10.03
CA GLY A 350 -21.29 11.01 9.00
C GLY A 350 -21.73 9.88 8.08
N ASP A 351 -22.88 9.28 8.36
CA ASP A 351 -23.39 8.16 7.58
C ASP A 351 -24.57 8.61 6.72
N SER A 352 -24.51 8.31 5.42
CA SER A 352 -25.61 8.65 4.51
C SER A 352 -26.73 7.63 4.61
N MET A 353 -27.93 8.12 4.90
CA MET A 353 -29.09 7.26 5.04
C MET A 353 -30.28 7.89 4.37
N ILE A 354 -31.33 7.09 4.14
CA ILE A 354 -32.58 7.62 3.61
C ILE A 354 -33.63 7.65 4.71
N PHE A 355 -34.09 8.85 5.04
CA PHE A 355 -35.13 9.02 6.03
C PHE A 355 -36.48 9.00 5.33
N VAL A 356 -37.38 8.15 5.81
CA VAL A 356 -38.76 8.18 5.36
C VAL A 356 -39.55 8.60 6.58
N GLU A 357 -39.94 9.88 6.64
CA GLU A 357 -40.54 10.44 7.84
C GLU A 357 -41.81 11.24 7.58
N GLU A 358 -42.41 11.71 8.66
CA GLU A 358 -43.68 12.43 8.63
C GLU A 358 -44.77 11.63 7.94
N CYS A 359 -44.87 10.35 8.29
CA CYS A 359 -45.95 9.51 7.81
C CYS A 359 -47.19 9.74 8.66
N LYS A 360 -48.37 9.65 8.05
CA LYS A 360 -49.61 10.05 8.73
C LYS A 360 -50.13 9.12 9.84
N HIS A 361 -50.18 7.82 9.56
CA HIS A 361 -50.66 6.88 10.56
C HIS A 361 -49.79 5.64 10.52
N PRO A 362 -48.48 5.81 10.79
CA PRO A 362 -47.54 4.69 10.67
C PRO A 362 -47.90 3.59 11.65
N LYS A 363 -47.65 2.33 11.26
CA LYS A 363 -47.89 1.20 12.12
C LYS A 363 -46.54 0.71 12.64
N ALA A 364 -45.48 1.33 12.14
CA ALA A 364 -44.14 1.16 12.70
C ALA A 364 -43.47 2.50 12.71
N VAL A 365 -42.66 2.76 13.73
CA VAL A 365 -41.97 4.04 13.87
C VAL A 365 -40.54 3.81 14.32
N THR A 366 -39.79 4.89 14.48
CA THR A 366 -38.38 4.77 14.84
C THR A 366 -37.99 5.75 15.94
N MET A 367 -37.45 5.21 17.02
CA MET A 367 -36.81 6.03 18.05
C MET A 367 -35.37 6.26 17.61
N LEU A 368 -35.04 7.50 17.25
CA LEU A 368 -33.65 7.80 16.93
C LEU A 368 -32.95 8.28 18.22
N ILE A 369 -32.17 7.40 18.80
CA ILE A 369 -31.50 7.72 20.05
C ILE A 369 -30.15 8.37 19.80
N ARG A 370 -29.96 9.54 20.39
CA ARG A 370 -28.72 10.29 20.27
C ARG A 370 -28.01 10.36 21.61
N GLY A 371 -26.70 10.59 21.57
CA GLY A 371 -25.90 10.83 22.76
C GLY A 371 -24.48 11.11 22.28
N THR A 372 -23.63 11.57 23.19
CA THR A 372 -22.28 11.97 22.81
C THR A 372 -21.33 10.82 22.55
N THR A 373 -21.55 9.67 23.18
CA THR A 373 -20.69 8.52 22.93
C THR A 373 -21.48 7.24 22.75
N GLU A 374 -20.85 6.26 22.12
CA GLU A 374 -21.51 5.00 21.88
C GLU A 374 -22.04 4.39 23.17
N HIS A 375 -21.18 4.34 24.20
CA HIS A 375 -21.56 3.72 25.45
C HIS A 375 -22.62 4.50 26.22
N VAL A 376 -22.59 5.81 26.13
CA VAL A 376 -23.66 6.63 26.70
C VAL A 376 -25.00 6.27 26.02
N ILE A 377 -24.97 6.13 24.70
CA ILE A 377 -26.16 5.84 23.94
C ILE A 377 -26.73 4.46 24.31
N GLU A 378 -25.88 3.43 24.42
CA GLU A 378 -26.35 2.10 24.75
C GLU A 378 -27.26 2.07 26.00
N GLU A 379 -26.85 2.76 27.06
CA GLU A 379 -27.63 2.73 28.28
C GLU A 379 -28.94 3.53 28.16
N VAL A 380 -28.92 4.63 27.41
CA VAL A 380 -30.13 5.38 27.12
C VAL A 380 -31.06 4.45 26.35
N ALA A 381 -30.52 3.71 25.39
CA ALA A 381 -31.33 2.74 24.65
C ALA A 381 -31.92 1.65 25.56
N ARG A 382 -31.15 1.16 26.52
CA ARG A 382 -31.68 0.18 27.47
C ARG A 382 -32.84 0.78 28.29
N ALA A 383 -32.72 2.04 28.67
CA ALA A 383 -33.78 2.68 29.44
C ALA A 383 -35.03 2.85 28.56
N VAL A 384 -34.86 3.34 27.34
CA VAL A 384 -35.98 3.48 26.41
C VAL A 384 -36.70 2.14 26.28
N ASP A 385 -35.93 1.07 26.14
CA ASP A 385 -36.52 -0.26 26.08
C ASP A 385 -37.39 -0.63 27.29
N ASP A 386 -36.94 -0.30 28.49
CA ASP A 386 -37.69 -0.64 29.71
C ASP A 386 -39.03 0.06 29.60
N ALA A 387 -38.97 1.34 29.21
CA ALA A 387 -40.12 2.20 29.13
C ALA A 387 -41.11 1.73 28.06
N VAL A 388 -40.61 1.35 26.89
CA VAL A 388 -41.45 0.77 25.84
C VAL A 388 -42.21 -0.46 26.37
N GLY A 389 -41.49 -1.32 27.07
CA GLY A 389 -42.12 -2.49 27.66
C GLY A 389 -43.26 -2.17 28.62
N VAL A 390 -43.03 -1.26 29.55
CA VAL A 390 -44.07 -0.99 30.54
C VAL A 390 -45.22 -0.14 29.97
N VAL A 391 -44.92 0.80 29.08
CA VAL A 391 -46.00 1.53 28.42
C VAL A 391 -46.85 0.52 27.66
N GLY A 392 -46.20 -0.39 26.96
CA GLY A 392 -46.87 -1.48 26.27
C GLY A 392 -47.76 -2.32 27.18
N CYS A 393 -47.24 -2.67 28.35
CA CYS A 393 -48.02 -3.45 29.33
C CYS A 393 -49.26 -2.68 29.78
N THR A 394 -49.10 -1.38 29.96
CA THR A 394 -50.17 -0.60 30.57
C THR A 394 -51.29 -0.44 29.55
N ILE A 395 -50.91 -0.30 28.29
CA ILE A 395 -51.87 -0.20 27.20
C ILE A 395 -52.63 -1.51 27.03
N GLU A 396 -51.93 -2.62 27.16
CA GLU A 396 -52.53 -3.92 26.99
C GLU A 396 -53.41 -4.37 28.19
N ASP A 397 -52.95 -4.06 29.41
CA ASP A 397 -53.59 -4.58 30.60
C ASP A 397 -54.57 -3.58 31.22
N GLY A 398 -54.30 -2.29 31.02
CA GLY A 398 -55.08 -1.24 31.66
C GLY A 398 -55.03 -1.30 33.18
N ARG A 399 -53.96 -1.84 33.73
CA ARG A 399 -53.82 -2.00 35.17
C ARG A 399 -52.43 -1.66 35.72
N ILE A 400 -52.40 -0.81 36.74
CA ILE A 400 -51.15 -0.38 37.32
C ILE A 400 -51.19 -0.46 38.84
N VAL A 401 -50.01 -0.36 39.46
CA VAL A 401 -49.90 -0.29 40.91
C VAL A 401 -48.93 0.82 41.27
N SER A 402 -48.91 1.21 42.54
CA SER A 402 -47.98 2.22 42.99
C SER A 402 -46.61 1.56 43.18
N GLY A 403 -45.55 2.36 43.03
CA GLY A 403 -44.19 1.84 43.10
C GLY A 403 -43.44 2.17 44.37
N GLY A 404 -42.11 2.17 44.29
CA GLY A 404 -41.26 2.48 45.43
C GLY A 404 -41.38 1.45 46.53
N GLY A 405 -41.80 0.25 46.18
CA GLY A 405 -41.97 -0.83 47.15
C GLY A 405 -43.22 -0.72 48.03
N SER A 406 -44.10 0.22 47.68
CA SER A 406 -45.38 0.36 48.36
C SER A 406 -46.24 -0.90 48.22
N THR A 407 -46.27 -1.46 47.02
CA THR A 407 -47.11 -2.62 46.77
C THR A 407 -46.58 -3.85 47.49
N GLU A 408 -45.25 -4.02 47.50
CA GLU A 408 -44.65 -5.12 48.24
C GLU A 408 -45.01 -5.04 49.72
N VAL A 409 -44.98 -3.84 50.29
CA VAL A 409 -45.30 -3.67 51.71
C VAL A 409 -46.76 -4.05 51.95
N GLU A 410 -47.65 -3.55 51.09
CA GLU A 410 -49.06 -3.87 51.20
C GLU A 410 -49.28 -5.38 51.12
N LEU A 411 -48.61 -6.02 50.17
CA LEU A 411 -48.68 -7.48 50.03
C LEU A 411 -48.21 -8.24 51.27
N SER A 412 -47.07 -7.82 51.82
CA SER A 412 -46.49 -8.51 52.97
C SER A 412 -47.46 -8.47 54.13
N MET A 413 -47.91 -7.25 54.45
CA MET A 413 -48.90 -7.02 55.48
C MET A 413 -50.10 -7.97 55.28
N LYS A 414 -50.70 -7.92 54.10
CA LYS A 414 -51.87 -8.75 53.83
C LYS A 414 -51.57 -10.24 53.94
N LEU A 415 -50.38 -10.66 53.49
CA LEU A 415 -50.03 -12.08 53.52
C LEU A 415 -49.82 -12.58 54.94
N ARG A 416 -49.32 -11.71 55.80
CA ARG A 416 -49.15 -12.03 57.21
C ARG A 416 -50.51 -12.21 57.89
N GLU A 417 -51.51 -11.45 57.43
CA GLU A 417 -52.87 -11.64 57.89
C GLU A 417 -53.42 -12.98 57.42
N TYR A 418 -53.18 -13.29 56.16
CA TYR A 418 -53.59 -14.56 55.58
C TYR A 418 -52.99 -15.72 56.36
N ALA A 419 -51.72 -15.60 56.71
CA ALA A 419 -50.96 -16.70 57.31
C ALA A 419 -51.51 -17.10 58.68
N GLU A 420 -52.12 -16.14 59.38
CA GLU A 420 -52.80 -16.42 60.64
C GLU A 420 -53.75 -17.60 60.49
N GLY A 421 -54.45 -17.66 59.37
CA GLY A 421 -55.46 -18.69 59.17
C GLY A 421 -54.90 -20.04 58.76
N ILE A 422 -53.58 -20.15 58.66
CA ILE A 422 -52.97 -21.40 58.22
C ILE A 422 -52.55 -22.25 59.41
N SER A 423 -52.90 -23.54 59.35
CA SER A 423 -52.63 -24.48 60.44
C SER A 423 -51.22 -25.09 60.36
N GLY A 424 -50.58 -25.16 61.52
CA GLY A 424 -49.31 -25.84 61.64
C GLY A 424 -48.15 -25.22 60.89
N ARG A 425 -47.30 -26.08 60.34
CA ARG A 425 -45.96 -25.71 59.92
C ARG A 425 -45.93 -24.84 58.67
N GLU A 426 -46.82 -25.15 57.75
CA GLU A 426 -46.95 -24.42 56.52
C GLU A 426 -47.06 -22.93 56.82
N GLN A 427 -47.63 -22.61 57.99
CA GLN A 427 -47.76 -21.22 58.35
C GLN A 427 -46.42 -20.48 58.33
N LEU A 428 -45.35 -21.15 58.75
CA LEU A 428 -44.01 -20.56 58.76
C LEU A 428 -43.58 -20.16 57.34
N ALA A 429 -43.86 -21.03 56.39
CA ALA A 429 -43.51 -20.83 55.01
C ALA A 429 -44.28 -19.63 54.43
N VAL A 430 -45.58 -19.59 54.65
CA VAL A 430 -46.37 -18.47 54.17
C VAL A 430 -45.82 -17.15 54.74
N ARG A 431 -45.51 -17.15 56.03
CA ARG A 431 -44.96 -15.97 56.70
C ARG A 431 -43.60 -15.58 56.13
N ALA A 432 -42.79 -16.58 55.81
CA ALA A 432 -41.47 -16.37 55.21
C ALA A 432 -41.62 -15.69 53.85
N PHE A 433 -42.53 -16.21 53.02
CA PHE A 433 -42.84 -15.61 51.72
C PHE A 433 -43.27 -14.15 51.88
N ALA A 434 -44.12 -13.86 52.87
CA ALA A 434 -44.49 -12.47 53.16
C ALA A 434 -43.28 -11.63 53.48
N ASP A 435 -42.41 -12.12 54.36
CA ASP A 435 -41.25 -11.34 54.80
C ASP A 435 -40.33 -11.09 53.61
N ALA A 436 -40.28 -12.06 52.70
CA ALA A 436 -39.37 -11.99 51.57
C ALA A 436 -39.66 -10.78 50.68
N LEU A 437 -40.94 -10.49 50.46
CA LEU A 437 -41.32 -9.37 49.59
C LEU A 437 -40.72 -8.04 50.04
N GLU A 438 -40.43 -7.92 51.33
CA GLU A 438 -39.94 -6.67 51.86
C GLU A 438 -38.49 -6.38 51.47
N VAL A 439 -37.83 -7.33 50.81
CA VAL A 439 -36.48 -7.09 50.32
C VAL A 439 -36.52 -5.92 49.33
N ILE A 440 -37.65 -5.72 48.66
CA ILE A 440 -37.72 -4.64 47.68
C ILE A 440 -37.65 -3.24 48.34
N PRO A 441 -38.62 -2.91 49.21
CA PRO A 441 -38.55 -1.62 49.93
C PRO A 441 -37.26 -1.52 50.77
N ARG A 442 -36.86 -2.63 51.35
CA ARG A 442 -35.65 -2.63 52.14
C ARG A 442 -34.41 -2.24 51.32
N THR A 443 -34.22 -2.90 50.18
CA THR A 443 -33.09 -2.59 49.29
C THR A 443 -33.17 -1.20 48.68
N LEU A 444 -34.36 -0.78 48.27
CA LEU A 444 -34.52 0.57 47.73
C LEU A 444 -34.02 1.58 48.77
N ALA A 445 -34.28 1.29 50.03
CA ALA A 445 -33.91 2.22 51.08
C ALA A 445 -32.40 2.19 51.31
N GLU A 446 -31.82 1.00 51.39
CA GLU A 446 -30.38 0.93 51.63
C GLU A 446 -29.58 1.51 50.47
N ASN A 447 -30.04 1.34 49.24
CA ASN A 447 -29.30 1.90 48.12
C ASN A 447 -29.33 3.42 48.17
N ALA A 448 -30.38 3.97 48.78
CA ALA A 448 -30.52 5.41 48.92
C ALA A 448 -29.74 5.96 50.12
N GLY A 449 -29.02 5.07 50.81
CA GLY A 449 -28.26 5.45 52.00
C GLY A 449 -29.08 5.60 53.26
N LEU A 450 -30.30 5.05 53.25
CA LEU A 450 -31.18 5.16 54.42
C LEU A 450 -31.14 3.93 55.34
N ASP A 451 -31.63 4.08 56.56
CA ASP A 451 -31.73 2.96 57.50
C ASP A 451 -32.99 2.18 57.21
N ALA A 452 -32.81 0.97 56.70
CA ALA A 452 -33.93 0.26 56.08
C ALA A 452 -34.91 -0.23 57.13
N ILE A 453 -34.38 -0.63 58.29
CA ILE A 453 -35.23 -1.10 59.38
C ILE A 453 -36.21 0.00 59.80
N GLU A 454 -35.71 1.17 60.16
CA GLU A 454 -36.61 2.25 60.54
C GLU A 454 -37.51 2.70 59.38
N ILE A 455 -37.00 2.66 58.15
CA ILE A 455 -37.80 3.06 57.00
C ILE A 455 -39.01 2.12 56.92
N LEU A 456 -38.73 0.84 57.01
CA LEU A 456 -39.74 -0.21 56.94
C LEU A 456 -40.79 -0.08 58.05
N VAL A 457 -40.33 0.21 59.26
CA VAL A 457 -41.24 0.43 60.37
C VAL A 457 -42.24 1.52 60.01
N LYS A 458 -41.75 2.60 59.41
CA LYS A 458 -42.62 3.72 59.05
C LYS A 458 -43.57 3.38 57.89
N VAL A 459 -43.08 2.65 56.90
CA VAL A 459 -43.90 2.34 55.75
C VAL A 459 -45.01 1.36 56.16
N ARG A 460 -44.65 0.38 56.96
CA ARG A 460 -45.64 -0.53 57.50
C ARG A 460 -46.74 0.21 58.25
N ALA A 461 -46.33 1.14 59.10
CA ALA A 461 -47.29 1.89 59.90
C ALA A 461 -48.26 2.65 59.03
N ALA A 462 -47.77 3.17 57.89
CA ALA A 462 -48.62 3.92 56.98
C ALA A 462 -49.61 3.00 56.27
N HIS A 463 -49.29 1.71 56.22
CA HIS A 463 -50.20 0.73 55.59
C HIS A 463 -51.20 0.11 56.58
N ALA A 464 -50.85 0.14 57.86
CA ALA A 464 -51.65 -0.53 58.88
C ALA A 464 -52.97 0.18 59.22
N SER A 465 -53.89 -0.57 59.83
CA SER A 465 -55.18 -0.04 60.26
C SER A 465 -55.89 0.59 59.06
N ASN A 466 -56.11 -0.21 58.04
CA ASN A 466 -56.67 0.28 56.78
C ASN A 466 -56.04 1.61 56.37
N GLY A 467 -54.72 1.60 56.25
CA GLY A 467 -53.99 2.80 55.88
C GLY A 467 -53.92 2.99 54.37
N ASN A 468 -52.75 3.43 53.89
CA ASN A 468 -52.59 3.78 52.50
C ASN A 468 -51.80 2.73 51.72
N LYS A 469 -52.49 1.97 50.88
CA LYS A 469 -51.83 0.91 50.11
C LYS A 469 -50.74 1.46 49.20
N CYS A 470 -50.74 2.77 48.95
CA CYS A 470 -49.78 3.41 48.05
C CYS A 470 -48.59 4.09 48.76
N ALA A 471 -48.53 3.96 50.08
CA ALA A 471 -47.50 4.64 50.83
C ALA A 471 -46.16 3.93 50.67
N GLY A 472 -45.13 4.68 50.32
CA GLY A 472 -43.80 4.12 50.26
C GLY A 472 -42.78 5.21 50.52
N LEU A 473 -41.51 4.84 50.60
CA LEU A 473 -40.47 5.83 50.81
C LEU A 473 -40.03 6.42 49.48
N ASN A 474 -40.11 7.74 49.36
CA ASN A 474 -39.57 8.44 48.20
C ASN A 474 -38.07 8.56 48.39
N VAL A 475 -37.27 7.81 47.61
CA VAL A 475 -35.82 7.76 47.86
C VAL A 475 -35.19 9.14 47.85
N PHE A 476 -35.83 10.08 47.15
CA PHE A 476 -35.35 11.43 47.10
C PHE A 476 -35.63 12.17 48.41
N THR A 477 -36.90 12.52 48.64
CA THR A 477 -37.25 13.31 49.83
C THR A 477 -36.88 12.66 51.15
N GLY A 478 -36.80 11.34 51.18
CA GLY A 478 -36.53 10.61 52.41
C GLY A 478 -37.77 10.38 53.26
N ALA A 479 -38.93 10.75 52.74
CA ALA A 479 -40.18 10.60 53.50
C ALA A 479 -41.09 9.51 52.94
N VAL A 480 -41.91 8.95 53.82
CA VAL A 480 -42.97 8.05 53.42
C VAL A 480 -44.10 8.88 52.81
N GLU A 481 -44.36 8.67 51.53
CA GLU A 481 -45.36 9.44 50.79
C GLU A 481 -46.29 8.56 49.99
N ASP A 482 -47.37 9.15 49.48
CA ASP A 482 -48.27 8.44 48.62
C ASP A 482 -47.67 8.35 47.22
N MET A 483 -47.28 7.16 46.82
CA MET A 483 -46.50 7.00 45.57
C MET A 483 -47.36 7.28 44.34
N CYS A 484 -48.65 6.96 44.43
CA CYS A 484 -49.61 7.30 43.38
C CYS A 484 -49.71 8.80 43.18
N GLU A 485 -49.88 9.54 44.27
CA GLU A 485 -49.94 10.99 44.18
C GLU A 485 -48.65 11.53 43.58
N ASN A 486 -47.52 10.93 43.95
CA ASN A 486 -46.25 11.34 43.39
C ASN A 486 -46.00 10.90 41.94
N GLY A 487 -46.89 10.09 41.39
CA GLY A 487 -46.73 9.61 40.01
C GLY A 487 -45.68 8.53 39.86
N VAL A 488 -45.33 7.85 40.94
CA VAL A 488 -44.40 6.73 40.88
C VAL A 488 -45.22 5.46 40.77
N VAL A 489 -45.45 5.04 39.52
CA VAL A 489 -46.35 3.93 39.22
C VAL A 489 -45.74 2.97 38.20
N GLU A 490 -46.23 1.74 38.20
CA GLU A 490 -45.69 0.71 37.34
C GLU A 490 -46.80 -0.30 37.05
N PRO A 491 -46.74 -0.95 35.89
CA PRO A 491 -47.78 -1.89 35.44
C PRO A 491 -47.95 -3.01 36.47
N LEU A 492 -49.20 -3.43 36.69
CA LEU A 492 -49.50 -4.59 37.53
C LEU A 492 -48.62 -5.77 37.11
N ARG A 493 -48.46 -5.95 35.79
CA ARG A 493 -47.71 -7.05 35.22
C ARG A 493 -46.27 -7.17 35.74
N VAL A 494 -45.61 -6.03 36.01
CA VAL A 494 -44.26 -6.07 36.59
C VAL A 494 -44.26 -6.93 37.87
N LYS A 495 -45.26 -6.71 38.72
CA LYS A 495 -45.35 -7.41 40.01
C LYS A 495 -45.88 -8.82 39.87
N THR A 496 -46.84 -9.04 38.99
CA THR A 496 -47.43 -10.35 38.92
C THR A 496 -46.43 -11.33 38.34
N GLN A 497 -45.73 -10.89 37.30
CA GLN A 497 -44.72 -11.72 36.66
C GLN A 497 -43.53 -12.00 37.57
N ALA A 498 -43.05 -10.96 38.25
CA ALA A 498 -41.86 -11.12 39.09
C ALA A 498 -42.11 -12.08 40.24
N ILE A 499 -43.29 -11.96 40.83
CA ILE A 499 -43.60 -12.75 42.00
C ILE A 499 -43.90 -14.18 41.60
N GLN A 500 -44.61 -14.36 40.49
CA GLN A 500 -44.91 -15.71 40.06
C GLN A 500 -43.61 -16.47 39.63
N SER A 501 -42.73 -15.76 38.93
CA SER A 501 -41.46 -16.35 38.50
C SER A 501 -40.58 -16.66 39.69
N ALA A 502 -40.48 -15.73 40.64
CA ALA A 502 -39.68 -15.98 41.82
C ALA A 502 -40.19 -17.22 42.55
N ALA A 503 -41.51 -17.31 42.70
CA ALA A 503 -42.13 -18.43 43.40
C ALA A 503 -41.87 -19.76 42.71
N GLU A 504 -42.19 -19.82 41.42
CA GLU A 504 -42.10 -21.09 40.70
C GLU A 504 -40.68 -21.62 40.61
N SER A 505 -39.73 -20.70 40.46
CA SER A 505 -38.34 -21.11 40.27
C SER A 505 -37.72 -21.52 41.59
N THR A 506 -38.07 -20.83 42.68
CA THR A 506 -37.53 -21.24 43.97
C THR A 506 -38.17 -22.55 44.44
N GLU A 507 -39.47 -22.72 44.19
CA GLU A 507 -40.16 -23.98 44.49
C GLU A 507 -39.45 -25.15 43.80
N MET A 508 -39.08 -24.95 42.54
CA MET A 508 -38.34 -25.93 41.80
C MET A 508 -37.00 -26.22 42.49
N LEU A 509 -36.28 -25.17 42.85
CA LEU A 509 -34.96 -25.35 43.47
C LEU A 509 -35.03 -25.95 44.86
N LEU A 510 -36.08 -25.63 45.61
CA LEU A 510 -36.20 -26.15 46.97
C LEU A 510 -36.58 -27.64 47.00
N ARG A 511 -37.04 -28.18 45.88
CA ARG A 511 -37.37 -29.60 45.80
C ARG A 511 -36.14 -30.48 45.61
N ILE A 512 -34.99 -29.85 45.42
CA ILE A 512 -33.77 -30.57 45.06
C ILE A 512 -33.01 -31.05 46.29
N ASP A 513 -32.72 -32.36 46.37
CA ASP A 513 -31.93 -32.89 47.49
C ASP A 513 -30.66 -33.60 47.03
N ASP A 514 -30.32 -33.49 45.75
CA ASP A 514 -29.22 -34.24 45.19
C ASP A 514 -28.72 -33.53 43.93
N VAL A 515 -27.46 -33.10 43.95
CA VAL A 515 -26.89 -32.47 42.77
C VAL A 515 -25.80 -33.36 42.24
N ILE A 516 -25.93 -33.76 40.98
CA ILE A 516 -25.00 -34.67 40.35
C ILE A 516 -24.39 -33.99 39.14
N ALA A 517 -23.15 -33.53 39.30
CA ALA A 517 -22.49 -32.73 38.26
C ALA A 517 -21.35 -33.51 37.61
N ALA A 518 -21.46 -33.71 36.30
CA ALA A 518 -20.49 -34.51 35.55
C ALA A 518 -19.18 -33.76 35.32
N GLU A 519 -18.26 -34.39 34.60
CA GLU A 519 -17.01 -33.78 34.16
C GLU A 519 -16.36 -32.96 35.27
N GLN B 4 -17.40 -27.77 47.01
CA GLN B 4 -18.53 -27.00 46.54
C GLN B 4 -18.10 -25.95 45.52
N PRO B 5 -18.83 -25.83 44.40
CA PRO B 5 -18.47 -24.99 43.25
C PRO B 5 -18.73 -23.49 43.43
N GLY B 6 -17.94 -22.69 42.72
CA GLY B 6 -18.07 -21.24 42.75
C GLY B 6 -19.24 -20.76 41.92
N VAL B 7 -19.93 -19.73 42.43
CA VAL B 7 -21.11 -19.19 41.78
C VAL B 7 -20.79 -18.28 40.59
N LEU B 8 -20.01 -17.23 40.84
CA LEU B 8 -19.54 -16.38 39.75
C LEU B 8 -18.31 -17.05 39.13
N PRO B 9 -18.11 -16.86 37.82
CA PRO B 9 -16.95 -17.49 37.14
C PRO B 9 -15.64 -17.14 37.84
N GLU B 10 -14.81 -18.15 38.09
CA GLU B 10 -13.59 -17.99 38.86
C GLU B 10 -12.46 -17.35 38.04
N ASN B 11 -12.69 -17.20 36.74
CA ASN B 11 -11.71 -16.64 35.81
C ASN B 11 -11.75 -15.11 35.80
N MET B 12 -12.34 -14.54 36.85
CA MET B 12 -12.75 -13.14 36.83
C MET B 12 -12.05 -12.25 37.84
N LYS B 13 -11.66 -11.07 37.39
CA LYS B 13 -11.13 -10.02 38.25
C LYS B 13 -12.28 -9.06 38.58
N ARG B 14 -12.42 -8.69 39.86
CA ARG B 14 -13.52 -7.84 40.27
C ARG B 14 -13.05 -6.70 41.19
N TYR B 15 -13.61 -5.52 40.98
CA TYR B 15 -13.26 -4.33 41.77
C TYR B 15 -14.53 -3.67 42.26
N MET B 16 -14.65 -3.49 43.56
CA MET B 16 -15.91 -3.01 44.15
C MET B 16 -15.81 -1.72 44.93
N GLY B 17 -16.91 -0.98 44.97
CA GLY B 17 -16.98 0.30 45.65
C GLY B 17 -15.82 1.23 45.37
N ARG B 18 -15.07 1.57 46.41
CA ARG B 18 -13.98 2.54 46.27
C ARG B 18 -12.94 2.12 45.20
N ASP B 19 -12.71 0.82 45.04
CA ASP B 19 -11.75 0.30 44.05
C ASP B 19 -12.22 0.45 42.61
N ALA B 20 -13.53 0.28 42.40
CA ALA B 20 -14.08 0.49 41.09
C ALA B 20 -13.94 1.97 40.74
N GLN B 21 -14.32 2.83 41.68
CA GLN B 21 -14.25 4.26 41.45
C GLN B 21 -12.81 4.70 41.18
N ARG B 22 -11.86 4.14 41.94
CA ARG B 22 -10.47 4.52 41.80
C ARG B 22 -9.93 4.08 40.46
N MET B 23 -10.26 2.85 40.08
CA MET B 23 -9.87 2.31 38.81
C MET B 23 -10.28 3.25 37.66
N ASN B 24 -11.57 3.58 37.63
CA ASN B 24 -12.12 4.31 36.50
C ASN B 24 -11.64 5.74 36.49
N ILE B 25 -11.58 6.33 37.67
CA ILE B 25 -11.10 7.69 37.78
C ILE B 25 -9.63 7.80 37.36
N LEU B 26 -8.82 6.90 37.90
CA LEU B 26 -7.40 6.90 37.57
C LEU B 26 -7.17 6.61 36.09
N ALA B 27 -7.87 5.64 35.53
CA ALA B 27 -7.65 5.31 34.12
C ALA B 27 -8.07 6.50 33.27
N GLY B 28 -9.16 7.12 33.67
CA GLY B 28 -9.61 8.33 33.01
C GLY B 28 -8.52 9.37 33.06
N ARG B 29 -8.12 9.76 34.26
CA ARG B 29 -7.08 10.78 34.43
C ARG B 29 -5.82 10.48 33.63
N ILE B 30 -5.35 9.24 33.66
CA ILE B 30 -4.12 8.91 32.97
C ILE B 30 -4.24 9.13 31.47
N ILE B 31 -5.39 8.78 30.90
CA ILE B 31 -5.63 8.96 29.48
C ILE B 31 -5.63 10.44 29.11
N ALA B 32 -6.18 11.26 30.00
CA ALA B 32 -6.22 12.69 29.74
C ALA B 32 -4.81 13.25 29.83
N GLU B 33 -4.02 12.72 30.75
CA GLU B 33 -2.69 13.27 30.98
C GLU B 33 -1.75 13.00 29.81
N THR B 34 -2.01 11.94 29.06
CA THR B 34 -1.15 11.63 27.93
C THR B 34 -1.25 12.65 26.78
N VAL B 35 -2.42 13.25 26.57
CA VAL B 35 -2.57 14.21 25.47
C VAL B 35 -2.46 15.65 25.96
N ARG B 36 -2.44 15.82 27.27
CA ARG B 36 -2.47 17.15 27.88
C ARG B 36 -1.30 18.03 27.41
N SER B 37 -0.11 17.46 27.27
CA SER B 37 1.06 18.23 26.92
C SER B 37 1.05 18.64 25.45
N THR B 38 0.12 18.07 24.67
CA THR B 38 -0.06 18.50 23.28
C THR B 38 -0.94 19.74 23.16
N LEU B 39 -1.61 20.14 24.24
CA LEU B 39 -2.66 21.18 24.14
C LEU B 39 -2.15 22.59 23.84
N GLY B 40 -2.75 23.22 22.84
CA GLY B 40 -2.44 24.60 22.49
C GLY B 40 -1.23 24.76 21.59
N PRO B 41 -0.97 25.98 21.12
CA PRO B 41 0.09 26.29 20.15
C PRO B 41 1.49 26.01 20.67
N LYS B 42 1.67 25.91 21.99
CA LYS B 42 2.97 25.61 22.57
C LYS B 42 3.03 24.16 23.02
N GLY B 43 2.01 23.38 22.68
CA GLY B 43 2.00 21.96 22.98
C GLY B 43 3.04 21.19 22.16
N MET B 44 3.38 19.99 22.62
CA MET B 44 4.39 19.16 21.96
C MET B 44 3.75 17.96 21.31
N ASP B 45 4.52 17.27 20.48
CA ASP B 45 4.01 16.15 19.70
C ASP B 45 4.47 14.79 20.22
N LYS B 46 3.71 13.75 19.87
CA LYS B 46 4.06 12.37 20.21
C LYS B 46 4.55 11.66 18.97
N MET B 47 5.43 10.70 19.16
CA MET B 47 5.78 9.77 18.10
C MET B 47 5.32 8.43 18.58
N LEU B 48 4.42 7.82 17.83
CA LEU B 48 3.88 6.52 18.18
C LEU B 48 4.39 5.48 17.19
N VAL B 49 4.96 4.38 17.71
CA VAL B 49 5.45 3.32 16.86
C VAL B 49 4.59 2.08 17.14
N ASP B 50 4.02 1.49 16.10
CA ASP B 50 3.20 0.31 16.32
C ASP B 50 4.02 -0.99 16.20
N ASP B 51 3.34 -2.13 16.31
CA ASP B 51 4.06 -3.41 16.35
C ASP B 51 4.67 -3.81 15.00
N LEU B 52 4.38 -3.05 13.95
CA LEU B 52 4.99 -3.30 12.65
C LEU B 52 6.16 -2.36 12.41
N GLY B 53 6.36 -1.42 13.33
CA GLY B 53 7.42 -0.44 13.17
C GLY B 53 6.97 0.80 12.43
N ASP B 54 5.69 0.84 12.05
CA ASP B 54 5.14 2.03 11.40
C ASP B 54 5.07 3.20 12.38
N VAL B 55 5.28 4.41 11.84
CA VAL B 55 5.43 5.59 12.68
C VAL B 55 4.35 6.65 12.41
N VAL B 56 3.79 7.17 13.49
CA VAL B 56 2.90 8.32 13.44
C VAL B 56 3.54 9.40 14.27
N VAL B 57 3.71 10.59 13.71
CA VAL B 57 4.05 11.74 14.56
C VAL B 57 3.02 12.85 14.43
N THR B 58 2.48 13.29 15.56
CA THR B 58 1.28 14.12 15.52
C THR B 58 1.02 14.86 16.82
N ASN B 59 0.29 15.95 16.67
CA ASN B 59 -0.20 16.75 17.78
C ASN B 59 -1.70 16.50 17.94
N ASP B 60 -2.24 15.59 17.13
CA ASP B 60 -3.69 15.39 17.05
C ASP B 60 -4.23 14.45 18.14
N GLY B 61 -5.03 15.01 19.05
CA GLY B 61 -5.47 14.26 20.22
C GLY B 61 -6.12 12.93 19.94
N VAL B 62 -7.15 12.92 19.10
CA VAL B 62 -7.87 11.68 18.85
C VAL B 62 -6.98 10.67 18.15
N THR B 63 -6.09 11.17 17.29
CA THR B 63 -5.16 10.30 16.56
C THR B 63 -4.23 9.60 17.57
N ILE B 64 -3.69 10.37 18.48
CA ILE B 64 -2.83 9.80 19.51
C ILE B 64 -3.61 8.71 20.25
N LEU B 65 -4.83 9.02 20.64
CA LEU B 65 -5.57 8.12 21.51
C LEU B 65 -5.99 6.83 20.79
N ARG B 66 -6.23 6.93 19.49
CA ARG B 66 -6.51 5.75 18.68
C ARG B 66 -5.27 4.89 18.49
N GLU B 67 -4.13 5.55 18.33
CA GLU B 67 -2.96 4.88 17.83
C GLU B 67 -2.26 4.10 18.93
N MET B 68 -2.32 4.61 20.16
CA MET B 68 -1.82 3.80 21.24
C MET B 68 -2.85 2.71 21.41
N SER B 69 -2.45 1.56 21.89
CA SER B 69 -3.42 0.48 21.86
C SER B 69 -4.00 0.26 23.25
N VAL B 70 -4.85 1.20 23.65
CA VAL B 70 -5.38 1.22 24.99
C VAL B 70 -6.42 0.13 25.17
N GLU B 71 -6.25 -0.69 26.20
CA GLU B 71 -7.21 -1.76 26.46
C GLU B 71 -8.02 -1.58 27.75
N HIS B 72 -7.56 -0.71 28.65
CA HIS B 72 -8.30 -0.49 29.89
C HIS B 72 -9.73 -0.01 29.62
N PRO B 73 -10.73 -0.65 30.25
CA PRO B 73 -12.13 -0.42 29.95
C PRO B 73 -12.59 1.01 30.19
N ALA B 74 -12.17 1.62 31.29
CA ALA B 74 -12.63 2.96 31.55
C ALA B 74 -11.92 3.98 30.65
N ALA B 75 -10.68 3.68 30.28
CA ALA B 75 -9.95 4.58 29.40
C ALA B 75 -10.62 4.59 28.01
N LYS B 76 -11.08 3.42 27.56
CA LYS B 76 -11.80 3.28 26.30
C LYS B 76 -13.07 4.15 26.26
N MET B 77 -13.78 4.25 27.38
CA MET B 77 -14.95 5.11 27.45
C MET B 77 -14.57 6.57 27.20
N LEU B 78 -13.39 6.95 27.67
CA LEU B 78 -12.95 8.33 27.54
C LEU B 78 -12.44 8.59 26.13
N ILE B 79 -11.88 7.57 25.49
CA ILE B 79 -11.45 7.75 24.12
C ILE B 79 -12.65 8.00 23.21
N GLU B 80 -13.81 7.47 23.59
CA GLU B 80 -15.01 7.69 22.78
C GLU B 80 -15.32 9.17 22.70
N VAL B 81 -14.98 9.89 23.77
CA VAL B 81 -15.18 11.30 23.84
C VAL B 81 -14.41 11.97 22.71
N ALA B 82 -13.17 11.52 22.51
CA ALA B 82 -12.32 12.09 21.46
C ALA B 82 -12.87 11.77 20.09
N LYS B 83 -13.35 10.55 19.92
CA LYS B 83 -13.89 10.12 18.63
C LYS B 83 -15.12 10.94 18.22
N THR B 84 -16.02 11.21 19.16
CA THR B 84 -17.25 11.94 18.83
C THR B 84 -16.91 13.38 18.56
N GLN B 85 -15.96 13.91 19.31
CA GLN B 85 -15.50 15.26 19.05
C GLN B 85 -15.02 15.38 17.61
N GLU B 86 -14.19 14.43 17.17
CA GLU B 86 -13.71 14.46 15.80
C GLU B 86 -14.86 14.39 14.81
N LYS B 87 -15.81 13.50 15.06
CA LYS B 87 -16.91 13.30 14.12
C LYS B 87 -17.88 14.49 14.04
N GLU B 88 -18.25 15.07 15.18
CA GLU B 88 -19.22 16.16 15.21
C GLU B 88 -18.62 17.53 14.90
N VAL B 89 -17.34 17.69 15.21
CA VAL B 89 -16.72 19.00 15.10
C VAL B 89 -15.47 18.99 14.23
N GLY B 90 -14.53 18.08 14.50
CA GLY B 90 -13.32 17.99 13.71
C GLY B 90 -12.13 18.64 14.41
N ASP B 91 -12.40 19.30 15.54
CA ASP B 91 -11.35 19.95 16.31
C ASP B 91 -11.72 19.92 17.80
N GLY B 92 -10.75 20.15 18.68
CA GLY B 92 -11.02 20.12 20.11
C GLY B 92 -11.01 18.72 20.73
N THR B 93 -10.45 17.75 20.03
CA THR B 93 -10.43 16.40 20.59
C THR B 93 -9.64 16.37 21.89
N THR B 94 -8.51 17.07 21.95
CA THR B 94 -7.75 17.05 23.20
C THR B 94 -8.51 17.74 24.33
N THR B 95 -9.09 18.90 24.01
CA THR B 95 -9.88 19.67 24.95
C THR B 95 -10.98 18.85 25.62
N ALA B 96 -11.73 18.11 24.81
CA ALA B 96 -12.83 17.30 25.34
C ALA B 96 -12.32 16.23 26.32
N VAL B 97 -11.25 15.54 25.96
CA VAL B 97 -10.69 14.51 26.83
C VAL B 97 -10.09 15.08 28.13
N VAL B 98 -9.41 16.23 28.03
CA VAL B 98 -8.81 16.85 29.19
C VAL B 98 -9.87 17.35 30.19
N VAL B 99 -10.94 17.94 29.67
CA VAL B 99 -12.04 18.32 30.55
C VAL B 99 -12.62 17.08 31.21
N ALA B 100 -12.81 16.02 30.43
CA ALA B 100 -13.36 14.79 31.02
C ALA B 100 -12.46 14.29 32.17
N GLY B 101 -11.16 14.26 31.93
CA GLY B 101 -10.22 13.84 32.97
C GLY B 101 -10.33 14.67 34.22
N GLU B 102 -10.43 15.98 34.05
CA GLU B 102 -10.50 16.91 35.17
C GLU B 102 -11.81 16.73 35.92
N LEU B 103 -12.89 16.44 35.20
CA LEU B 103 -14.18 16.18 35.84
C LEU B 103 -14.10 14.96 36.77
N LEU B 104 -13.40 13.93 36.31
CA LEU B 104 -13.20 12.75 37.14
C LEU B 104 -12.34 13.12 38.34
N ARG B 105 -11.28 13.91 38.11
CA ARG B 105 -10.40 14.29 39.19
C ARG B 105 -11.15 15.08 40.26
N LYS B 106 -11.97 16.05 39.85
CA LYS B 106 -12.73 16.83 40.82
C LYS B 106 -13.78 15.95 41.53
N ALA B 107 -14.31 14.94 40.84
CA ALA B 107 -15.30 14.07 41.46
C ALA B 107 -14.68 13.31 42.64
N GLU B 108 -13.43 12.88 42.47
CA GLU B 108 -12.76 12.07 43.48
C GLU B 108 -12.70 12.81 44.81
N GLU B 109 -12.28 14.07 44.75
CA GLU B 109 -12.26 14.95 45.91
C GLU B 109 -13.59 14.97 46.65
N LEU B 110 -14.71 14.92 45.92
CA LEU B 110 -16.02 14.91 46.56
C LEU B 110 -16.35 13.52 47.11
N LEU B 111 -16.05 12.48 46.35
CA LEU B 111 -16.23 11.12 46.84
C LEU B 111 -15.39 10.89 48.09
N ASP B 112 -14.20 11.49 48.14
CA ASP B 112 -13.28 11.34 49.27
C ASP B 112 -13.82 12.01 50.53
N GLN B 113 -14.43 13.18 50.38
CA GLN B 113 -15.05 13.82 51.52
C GLN B 113 -16.52 13.40 51.59
N ASN B 114 -16.76 12.14 51.22
CA ASN B 114 -18.05 11.49 51.42
C ASN B 114 -19.31 12.09 50.77
N VAL B 115 -19.19 12.58 49.54
CA VAL B 115 -20.38 12.87 48.76
C VAL B 115 -20.76 11.60 48.00
N HIS B 116 -22.05 11.31 47.93
CA HIS B 116 -22.53 10.12 47.21
C HIS B 116 -22.51 10.37 45.70
N PRO B 117 -22.18 9.32 44.94
CA PRO B 117 -22.05 9.41 43.48
C PRO B 117 -23.24 10.02 42.77
N THR B 118 -24.47 9.63 43.13
CA THR B 118 -25.63 10.15 42.39
C THR B 118 -25.78 11.65 42.56
N ILE B 119 -25.28 12.17 43.67
CA ILE B 119 -25.34 13.60 43.89
C ILE B 119 -24.32 14.26 42.98
N VAL B 120 -23.14 13.64 42.88
CA VAL B 120 -22.14 14.16 41.96
C VAL B 120 -22.70 14.16 40.53
N VAL B 121 -23.32 13.06 40.11
CA VAL B 121 -23.87 13.04 38.76
C VAL B 121 -24.96 14.08 38.60
N LYS B 122 -25.77 14.26 39.64
CA LYS B 122 -26.87 15.22 39.59
C LYS B 122 -26.30 16.61 39.39
N GLY B 123 -25.26 16.92 40.16
CA GLY B 123 -24.58 18.20 40.07
C GLY B 123 -23.91 18.42 38.73
N TYR B 124 -23.20 17.41 38.24
CA TYR B 124 -22.57 17.51 36.93
C TYR B 124 -23.60 17.80 35.82
N GLN B 125 -24.75 17.15 35.89
CA GLN B 125 -25.76 17.29 34.84
C GLN B 125 -26.39 18.67 34.81
N ALA B 126 -26.64 19.20 36.01
CA ALA B 126 -27.17 20.55 36.17
C ALA B 126 -26.18 21.60 35.67
N ALA B 127 -24.91 21.46 36.05
CA ALA B 127 -23.91 22.42 35.66
C ALA B 127 -23.75 22.37 34.14
N ALA B 128 -23.79 21.17 33.57
CA ALA B 128 -23.54 21.02 32.15
C ALA B 128 -24.68 21.68 31.36
N GLN B 129 -25.92 21.39 31.78
CA GLN B 129 -27.11 22.01 31.18
C GLN B 129 -27.04 23.54 31.26
N LYS B 130 -26.69 24.05 32.42
CA LYS B 130 -26.53 25.48 32.60
C LYS B 130 -25.42 26.01 31.68
N ALA B 131 -24.40 25.18 31.45
CA ALA B 131 -23.25 25.66 30.68
C ALA B 131 -23.61 25.79 29.20
N GLN B 132 -24.46 24.89 28.73
CA GLN B 132 -24.97 24.96 27.37
C GLN B 132 -25.80 26.24 27.17
N GLU B 133 -26.64 26.56 28.14
CA GLU B 133 -27.41 27.81 28.13
C GLU B 133 -26.49 29.03 28.15
N LEU B 134 -25.48 29.00 29.01
CA LEU B 134 -24.58 30.14 29.04
C LEU B 134 -23.79 30.24 27.74
N LEU B 135 -23.38 29.10 27.20
CA LEU B 135 -22.60 29.15 25.96
C LEU B 135 -23.36 29.88 24.85
N LYS B 136 -24.67 29.67 24.78
CA LYS B 136 -25.49 30.31 23.75
C LYS B 136 -25.46 31.83 23.83
N THR B 137 -25.40 32.38 25.03
CA THR B 137 -25.39 33.84 25.19
C THR B 137 -23.96 34.38 25.00
N ILE B 138 -22.97 33.58 25.33
CA ILE B 138 -21.57 33.96 25.16
C ILE B 138 -21.17 34.00 23.69
N ALA B 139 -21.77 33.15 22.88
CA ALA B 139 -21.39 33.04 21.48
C ALA B 139 -21.64 34.36 20.74
N CYS B 140 -20.85 34.60 19.70
CA CYS B 140 -20.96 35.77 18.86
C CYS B 140 -21.58 35.32 17.55
N GLU B 141 -22.52 36.11 17.05
CA GLU B 141 -23.15 35.81 15.76
C GLU B 141 -22.21 36.16 14.61
N VAL B 142 -22.24 35.35 13.57
CA VAL B 142 -21.32 35.49 12.46
C VAL B 142 -21.96 35.00 11.15
N GLY B 143 -21.61 35.63 10.04
CA GLY B 143 -22.21 35.31 8.76
C GLY B 143 -21.48 34.22 7.98
N ALA B 144 -22.25 33.31 7.41
CA ALA B 144 -21.70 32.11 6.77
C ALA B 144 -20.84 32.44 5.54
N GLN B 145 -20.89 33.67 5.08
CA GLN B 145 -20.11 34.07 3.90
C GLN B 145 -19.07 35.12 4.25
N ASP B 146 -18.91 35.37 5.56
CA ASP B 146 -17.87 36.28 6.05
C ASP B 146 -16.49 35.59 6.04
N LYS B 147 -15.80 35.72 4.91
CA LYS B 147 -14.56 34.99 4.70
C LYS B 147 -13.43 35.43 5.64
N GLU B 148 -13.52 36.68 6.10
CA GLU B 148 -12.52 37.21 7.00
C GLU B 148 -12.54 36.47 8.34
N ILE B 149 -13.75 36.21 8.85
CA ILE B 149 -13.91 35.48 10.10
C ILE B 149 -13.62 33.99 9.91
N LEU B 150 -14.15 33.40 8.84
CA LEU B 150 -13.82 32.01 8.52
C LEU B 150 -12.31 31.80 8.43
N THR B 151 -11.59 32.78 7.90
CA THR B 151 -10.13 32.67 7.83
C THR B 151 -9.49 32.75 9.22
N LYS B 152 -10.08 33.52 10.12
CA LYS B 152 -9.59 33.57 11.49
C LYS B 152 -9.85 32.24 12.19
N ILE B 153 -11.04 31.69 11.96
CA ILE B 153 -11.40 30.40 12.49
C ILE B 153 -10.35 29.37 12.08
N ALA B 154 -10.00 29.38 10.79
CA ALA B 154 -9.08 28.40 10.24
C ALA B 154 -7.66 28.62 10.72
N MET B 155 -7.22 29.88 10.74
CA MET B 155 -5.90 30.20 11.27
C MET B 155 -5.82 29.72 12.72
N THR B 156 -6.84 30.04 13.52
CA THR B 156 -6.84 29.65 14.92
C THR B 156 -6.68 28.13 15.04
N SER B 157 -7.51 27.38 14.31
CA SER B 157 -7.42 25.93 14.26
C SER B 157 -6.00 25.44 13.99
N ILE B 158 -5.40 25.90 12.90
CA ILE B 158 -4.07 25.45 12.53
C ILE B 158 -3.03 25.79 13.61
N THR B 159 -3.21 26.94 14.24
CA THR B 159 -2.27 27.35 15.28
C THR B 159 -2.29 26.41 16.49
N GLY B 160 -3.43 25.75 16.70
CA GLY B 160 -3.53 24.76 17.77
C GLY B 160 -2.44 23.70 17.62
N LYS B 161 -2.02 23.46 16.38
CA LYS B 161 -0.97 22.50 16.10
C LYS B 161 0.41 23.12 15.85
N GLY B 162 0.57 24.39 16.23
CA GLY B 162 1.84 25.07 16.09
C GLY B 162 1.73 26.24 15.14
N ALA B 163 2.12 27.43 15.61
CA ALA B 163 2.02 28.64 14.79
C ALA B 163 2.78 28.54 13.47
N GLU B 164 3.85 27.71 13.45
CA GLU B 164 4.63 27.56 12.24
C GLU B 164 3.83 26.91 11.10
N LYS B 165 2.72 26.30 11.44
CA LYS B 165 1.84 25.69 10.43
C LYS B 165 0.82 26.71 9.89
N ALA B 166 0.52 27.71 10.71
CA ALA B 166 -0.54 28.66 10.39
C ALA B 166 -0.07 29.74 9.41
N LYS B 167 -0.15 29.43 8.12
CA LYS B 167 0.11 30.39 7.05
C LYS B 167 -1.21 30.91 6.48
N GLU B 168 -1.27 32.22 6.22
CA GLU B 168 -2.47 32.83 5.68
C GLU B 168 -2.95 32.17 4.39
N LYS B 169 -2.01 31.90 3.49
CA LYS B 169 -2.36 31.34 2.19
C LYS B 169 -3.08 30.03 2.42
N LEU B 170 -2.54 29.23 3.33
CA LEU B 170 -3.12 27.92 3.64
C LEU B 170 -4.55 28.06 4.16
N ALA B 171 -4.72 28.94 5.14
CA ALA B 171 -6.01 29.18 5.75
C ALA B 171 -7.04 29.72 4.74
N GLU B 172 -6.60 30.57 3.81
CA GLU B 172 -7.51 31.14 2.80
C GLU B 172 -7.94 30.06 1.81
N ILE B 173 -6.99 29.27 1.36
CA ILE B 173 -7.24 28.10 0.53
C ILE B 173 -8.30 27.20 1.17
N ILE B 174 -8.16 26.95 2.46
CA ILE B 174 -9.10 26.09 3.18
C ILE B 174 -10.51 26.69 3.20
N VAL B 175 -10.59 27.98 3.48
CA VAL B 175 -11.86 28.68 3.43
C VAL B 175 -12.48 28.58 2.03
N GLU B 176 -11.68 28.75 0.98
CA GLU B 176 -12.21 28.62 -0.38
C GLU B 176 -12.75 27.21 -0.57
N ALA B 177 -11.93 26.22 -0.24
CA ALA B 177 -12.34 24.82 -0.39
C ALA B 177 -13.72 24.54 0.24
N VAL B 178 -13.87 24.92 1.51
CA VAL B 178 -15.09 24.62 2.23
C VAL B 178 -16.26 25.45 1.68
N SER B 179 -16.02 26.74 1.44
CA SER B 179 -17.04 27.58 0.82
C SER B 179 -17.56 26.96 -0.48
N ALA B 180 -16.66 26.38 -1.25
CA ALA B 180 -17.04 25.79 -2.53
C ALA B 180 -18.05 24.65 -2.44
N VAL B 181 -18.01 23.84 -1.38
CA VAL B 181 -18.85 22.65 -1.33
C VAL B 181 -20.11 22.76 -0.46
N VAL B 182 -20.33 23.92 0.14
CA VAL B 182 -21.56 24.13 0.92
C VAL B 182 -22.75 23.76 0.05
N ASP B 183 -23.65 22.94 0.56
CA ASP B 183 -24.78 22.48 -0.24
C ASP B 183 -25.98 23.45 -0.22
N ASP B 184 -27.15 22.95 -0.64
CA ASP B 184 -28.36 23.77 -0.73
C ASP B 184 -28.97 24.11 0.62
N GLU B 185 -28.98 23.13 1.51
CA GLU B 185 -29.44 23.32 2.87
C GLU B 185 -28.44 24.19 3.67
N GLY B 186 -27.32 24.53 3.05
CA GLY B 186 -26.28 25.27 3.72
C GLY B 186 -25.41 24.38 4.61
N LYS B 187 -25.38 23.09 4.31
CA LYS B 187 -24.57 22.13 5.07
C LYS B 187 -23.25 21.81 4.40
N VAL B 188 -22.24 21.52 5.23
CA VAL B 188 -20.93 21.15 4.72
C VAL B 188 -20.63 19.68 4.99
N ASP B 189 -20.58 18.88 3.94
CA ASP B 189 -20.10 17.51 4.04
C ASP B 189 -18.61 17.53 3.75
N LYS B 190 -17.80 17.33 4.80
CA LYS B 190 -16.36 17.44 4.67
C LYS B 190 -15.73 16.35 3.79
N ASP B 191 -16.49 15.30 3.47
CA ASP B 191 -16.01 14.26 2.54
C ASP B 191 -15.93 14.78 1.11
N LEU B 192 -16.65 15.87 0.82
CA LEU B 192 -16.62 16.47 -0.51
C LEU B 192 -15.30 17.17 -0.80
N ILE B 193 -14.48 17.40 0.22
CA ILE B 193 -13.16 17.97 -0.02
C ILE B 193 -12.14 16.84 0.00
N LYS B 194 -11.71 16.42 -1.18
CA LYS B 194 -10.78 15.31 -1.30
C LYS B 194 -9.39 15.76 -0.92
N ILE B 195 -8.72 14.93 -0.12
CA ILE B 195 -7.35 15.20 0.30
C ILE B 195 -6.40 14.32 -0.49
N GLU B 196 -5.48 14.96 -1.22
CA GLU B 196 -4.42 14.23 -1.90
C GLU B 196 -3.10 14.66 -1.26
N LYS B 197 -2.20 13.70 -1.09
CA LYS B 197 -0.93 13.96 -0.45
C LYS B 197 0.20 13.56 -1.37
N LYS B 198 1.07 14.51 -1.67
CA LYS B 198 2.14 14.33 -2.65
C LYS B 198 3.38 15.08 -2.24
N SER B 199 4.50 14.36 -2.14
CA SER B 199 5.77 14.99 -1.76
C SER B 199 6.16 16.00 -2.83
N GLY B 200 7.02 16.94 -2.45
CA GLY B 200 7.36 18.05 -3.32
C GLY B 200 8.46 18.91 -2.75
N ALA B 201 8.52 20.15 -3.20
CA ALA B 201 9.59 21.08 -2.83
C ALA B 201 9.34 21.77 -1.50
N SER B 202 8.08 21.89 -1.11
CA SER B 202 7.75 22.61 0.11
C SER B 202 6.29 22.45 0.53
N ILE B 203 6.06 22.46 1.85
CA ILE B 203 4.70 22.58 2.37
C ILE B 203 3.89 23.70 1.72
N ASP B 204 4.56 24.79 1.34
CA ASP B 204 3.87 25.96 0.82
C ASP B 204 3.29 25.74 -0.58
N ASP B 205 3.73 24.67 -1.25
CA ASP B 205 3.19 24.36 -2.56
C ASP B 205 1.78 23.74 -2.50
N THR B 206 1.24 23.61 -1.29
CA THR B 206 -0.09 23.05 -1.11
C THR B 206 -1.09 23.93 -1.85
N GLU B 207 -2.01 23.31 -2.60
CA GLU B 207 -2.93 24.05 -3.44
C GLU B 207 -4.34 23.48 -3.44
N LEU B 208 -5.30 24.36 -3.70
CA LEU B 208 -6.70 23.97 -3.87
C LEU B 208 -6.96 23.75 -5.35
N ILE B 209 -7.45 22.57 -5.69
CA ILE B 209 -7.86 22.31 -7.06
C ILE B 209 -9.37 22.35 -7.13
N LYS B 210 -9.90 23.27 -7.92
CA LYS B 210 -11.34 23.32 -8.15
C LYS B 210 -11.68 22.17 -9.09
N GLY B 211 -11.70 20.96 -8.57
CA GLY B 211 -11.88 19.76 -9.39
C GLY B 211 -11.33 18.53 -8.68
N VAL B 212 -10.91 17.52 -9.44
CA VAL B 212 -10.40 16.30 -8.83
C VAL B 212 -9.16 15.72 -9.53
N LEU B 213 -8.42 14.90 -8.79
CA LEU B 213 -7.29 14.14 -9.34
C LEU B 213 -7.69 12.69 -9.51
N VAL B 214 -7.38 12.13 -10.66
CA VAL B 214 -7.70 10.73 -10.90
C VAL B 214 -6.42 9.96 -11.12
N ASP B 215 -6.20 8.92 -10.32
CA ASP B 215 -4.99 8.10 -10.43
C ASP B 215 -5.14 7.18 -11.63
N LYS B 216 -5.03 7.75 -12.82
CA LYS B 216 -5.19 7.01 -14.07
C LYS B 216 -4.38 7.67 -15.18
N GLU B 217 -4.09 6.92 -16.23
CA GLU B 217 -3.48 7.47 -17.43
C GLU B 217 -4.48 7.27 -18.56
N ARG B 218 -4.46 8.16 -19.55
CA ARG B 218 -5.32 7.92 -20.70
C ARG B 218 -4.93 6.58 -21.29
N VAL B 219 -5.90 5.90 -21.88
CA VAL B 219 -5.73 4.50 -22.25
C VAL B 219 -4.97 4.33 -23.56
N SER B 220 -4.74 5.42 -24.27
CA SER B 220 -3.98 5.40 -25.53
C SER B 220 -3.12 6.65 -25.71
N ALA B 221 -1.86 6.43 -26.04
CA ALA B 221 -0.91 7.53 -26.12
C ALA B 221 -1.22 8.40 -27.32
N GLN B 222 -2.09 7.90 -28.19
CA GLN B 222 -2.46 8.64 -29.38
C GLN B 222 -3.45 9.75 -29.02
N MET B 223 -4.08 9.62 -27.85
CA MET B 223 -5.02 10.62 -27.36
C MET B 223 -4.28 11.86 -26.85
N PRO B 224 -4.93 13.04 -26.95
CA PRO B 224 -4.36 14.27 -26.37
C PRO B 224 -4.02 14.10 -24.90
N LYS B 225 -2.94 14.73 -24.45
CA LYS B 225 -2.61 14.72 -23.03
C LYS B 225 -3.32 15.86 -22.32
N LYS B 226 -3.93 16.74 -23.10
CA LYS B 226 -4.46 17.98 -22.58
C LYS B 226 -5.68 18.45 -23.36
N VAL B 227 -6.75 18.77 -22.65
CA VAL B 227 -7.92 19.33 -23.29
C VAL B 227 -8.32 20.53 -22.45
N THR B 228 -8.45 21.70 -23.08
CA THR B 228 -9.05 22.81 -22.37
C THR B 228 -10.50 23.01 -22.78
N ASP B 229 -11.28 23.56 -21.85
CA ASP B 229 -12.73 23.59 -21.99
C ASP B 229 -13.26 22.21 -22.36
N ALA B 230 -13.02 21.26 -21.45
CA ALA B 230 -13.37 19.87 -21.70
C ALA B 230 -14.86 19.65 -21.58
N LYS B 231 -15.39 18.77 -22.41
CA LYS B 231 -16.76 18.31 -22.25
C LYS B 231 -16.67 16.85 -21.83
N ILE B 232 -17.17 16.54 -20.64
CA ILE B 232 -16.84 15.27 -20.01
C ILE B 232 -17.96 14.24 -19.92
N ALA B 233 -17.76 13.10 -20.57
CA ALA B 233 -18.69 11.97 -20.52
C ALA B 233 -18.34 11.00 -19.38
N LEU B 234 -19.33 10.61 -18.60
CA LEU B 234 -19.13 9.69 -17.50
C LEU B 234 -19.95 8.42 -17.71
N LEU B 235 -19.28 7.32 -18.08
CA LEU B 235 -19.98 6.05 -18.35
C LEU B 235 -19.65 4.98 -17.31
N ASN B 236 -20.68 4.40 -16.69
CA ASN B 236 -20.47 3.29 -15.76
C ASN B 236 -20.60 1.92 -16.44
N CYS B 237 -20.89 1.93 -17.73
CA CYS B 237 -20.98 0.69 -18.49
C CYS B 237 -19.77 0.50 -19.38
N ALA B 238 -19.32 -0.74 -19.52
CA ALA B 238 -18.17 -1.04 -20.36
C ALA B 238 -18.43 -0.62 -21.80
N ILE B 239 -17.37 -0.13 -22.44
CA ILE B 239 -17.43 0.14 -23.87
C ILE B 239 -16.95 -1.11 -24.60
N GLU B 240 -17.69 -2.19 -24.42
CA GLU B 240 -17.38 -3.47 -25.03
C GLU B 240 -18.65 -4.03 -25.65
N ILE B 241 -18.52 -4.99 -26.54
CA ILE B 241 -19.69 -5.66 -27.12
C ILE B 241 -20.66 -6.13 -26.05
N LYS B 242 -21.92 -5.74 -26.16
CA LYS B 242 -22.88 -6.05 -25.11
C LYS B 242 -23.43 -7.47 -25.22
N GLU B 243 -23.37 -8.23 -24.12
CA GLU B 243 -23.94 -9.57 -24.07
C GLU B 243 -25.35 -9.51 -23.49
N THR B 244 -26.28 -10.26 -24.09
CA THR B 244 -27.63 -10.35 -23.57
C THR B 244 -27.64 -11.05 -22.21
N GLU B 245 -28.61 -10.73 -21.37
CA GLU B 245 -28.76 -11.38 -20.06
C GLU B 245 -29.16 -12.85 -20.22
N THR B 246 -30.09 -13.09 -21.15
CA THR B 246 -30.47 -14.44 -21.49
C THR B 246 -29.30 -15.08 -22.26
N ASP B 247 -28.93 -16.30 -21.90
CA ASP B 247 -27.82 -16.95 -22.57
C ASP B 247 -28.07 -17.06 -24.07
N ALA B 248 -27.08 -16.67 -24.85
CA ALA B 248 -27.22 -16.64 -26.30
C ALA B 248 -25.92 -17.04 -26.99
N GLU B 249 -26.01 -18.00 -27.91
CA GLU B 249 -24.87 -18.39 -28.73
C GLU B 249 -25.10 -18.19 -30.23
N ILE B 250 -24.06 -17.71 -30.91
CA ILE B 250 -24.05 -17.63 -32.37
C ILE B 250 -23.73 -19.01 -32.96
N ARG B 251 -24.50 -19.41 -33.97
CA ARG B 251 -24.23 -20.64 -34.73
C ARG B 251 -23.86 -20.29 -36.17
N ILE B 252 -22.71 -20.80 -36.62
CA ILE B 252 -22.24 -20.51 -37.98
C ILE B 252 -22.10 -21.78 -38.82
N THR B 253 -22.77 -21.80 -39.97
CA THR B 253 -22.72 -22.95 -40.86
C THR B 253 -22.03 -22.60 -42.16
N ASP B 254 -21.97 -21.31 -42.43
CA ASP B 254 -21.44 -20.80 -43.69
C ASP B 254 -20.16 -20.02 -43.44
N PRO B 255 -19.04 -20.47 -44.03
CA PRO B 255 -17.74 -19.78 -43.92
C PRO B 255 -17.85 -18.25 -44.10
N ALA B 256 -18.67 -17.83 -45.04
CA ALA B 256 -18.86 -16.42 -45.32
C ALA B 256 -19.33 -15.65 -44.08
N LYS B 257 -20.19 -16.28 -43.28
CA LYS B 257 -20.74 -15.66 -42.07
C LYS B 257 -19.70 -15.40 -40.97
N LEU B 258 -18.56 -16.09 -41.04
CA LEU B 258 -17.49 -15.90 -40.07
C LEU B 258 -17.13 -14.42 -39.95
N MET B 259 -16.86 -13.80 -41.09
CA MET B 259 -16.51 -12.39 -41.13
C MET B 259 -17.71 -11.51 -40.82
N GLU B 260 -18.89 -11.92 -41.30
CA GLU B 260 -20.10 -11.14 -41.08
C GLU B 260 -20.32 -10.79 -39.61
N PHE B 261 -20.13 -11.76 -38.72
CA PHE B 261 -20.31 -11.51 -37.30
C PHE B 261 -19.17 -10.67 -36.76
N ILE B 262 -17.95 -11.04 -37.10
CA ILE B 262 -16.78 -10.31 -36.64
C ILE B 262 -16.91 -8.83 -36.96
N GLU B 263 -17.35 -8.52 -38.17
CA GLU B 263 -17.49 -7.15 -38.63
C GLU B 263 -18.73 -6.45 -38.08
N GLN B 264 -19.73 -7.22 -37.68
CA GLN B 264 -20.87 -6.65 -36.99
C GLN B 264 -20.39 -6.13 -35.64
N GLU B 265 -19.58 -6.92 -34.96
CA GLU B 265 -19.09 -6.54 -33.65
C GLU B 265 -18.21 -5.29 -33.71
N GLU B 266 -17.48 -5.12 -34.80
CA GLU B 266 -16.67 -3.93 -34.95
C GLU B 266 -17.54 -2.70 -35.21
N LYS B 267 -18.53 -2.86 -36.09
CA LYS B 267 -19.49 -1.78 -36.35
C LYS B 267 -20.22 -1.37 -35.07
N MET B 268 -20.56 -2.35 -34.24
CA MET B 268 -21.20 -2.08 -32.98
C MET B 268 -20.29 -1.20 -32.13
N LEU B 269 -19.00 -1.48 -32.19
CA LEU B 269 -18.01 -0.70 -31.46
C LEU B 269 -17.89 0.73 -31.99
N LYS B 270 -17.76 0.87 -33.31
CA LYS B 270 -17.69 2.18 -33.94
C LYS B 270 -18.91 3.00 -33.58
N ASP B 271 -20.07 2.35 -33.50
CA ASP B 271 -21.32 3.04 -33.21
C ASP B 271 -21.27 3.68 -31.82
N MET B 272 -20.85 2.90 -30.84
CA MET B 272 -20.74 3.39 -29.47
C MET B 272 -19.89 4.66 -29.46
N VAL B 273 -18.79 4.61 -30.18
CA VAL B 273 -17.87 5.75 -30.24
C VAL B 273 -18.49 6.96 -30.94
N ALA B 274 -19.14 6.73 -32.08
CA ALA B 274 -19.85 7.79 -32.77
C ALA B 274 -20.88 8.47 -31.86
N GLU B 275 -21.60 7.68 -31.07
CA GLU B 275 -22.61 8.23 -30.16
C GLU B 275 -21.97 9.10 -29.10
N ILE B 276 -20.83 8.64 -28.58
CA ILE B 276 -20.07 9.39 -27.59
C ILE B 276 -19.63 10.72 -28.20
N LYS B 277 -19.08 10.64 -29.41
CA LYS B 277 -18.69 11.84 -30.14
C LYS B 277 -19.88 12.76 -30.36
N ALA B 278 -21.03 12.18 -30.70
CA ALA B 278 -22.22 12.94 -31.07
C ALA B 278 -22.72 13.80 -29.93
N SER B 279 -22.43 13.39 -28.70
CA SER B 279 -22.83 14.17 -27.53
C SER B 279 -22.02 15.47 -27.44
N GLY B 280 -20.87 15.49 -28.12
CA GLY B 280 -19.97 16.63 -28.04
C GLY B 280 -18.82 16.40 -27.06
N ALA B 281 -18.79 15.21 -26.47
CA ALA B 281 -17.77 14.83 -25.50
C ALA B 281 -16.39 14.69 -26.14
N ASN B 282 -15.39 15.26 -25.48
CA ASN B 282 -13.99 15.06 -25.89
C ASN B 282 -13.14 14.49 -24.75
N VAL B 283 -13.79 14.24 -23.62
CA VAL B 283 -13.16 13.50 -22.53
C VAL B 283 -14.16 12.49 -21.99
N LEU B 284 -13.68 11.30 -21.68
CA LEU B 284 -14.54 10.22 -21.22
C LEU B 284 -13.88 9.43 -20.08
N PHE B 285 -14.57 9.35 -18.95
CA PHE B 285 -14.19 8.44 -17.88
C PHE B 285 -15.16 7.28 -17.80
N CYS B 286 -14.63 6.06 -17.94
CA CYS B 286 -15.43 4.84 -17.96
C CYS B 286 -15.09 4.00 -16.74
N GLN B 287 -16.11 3.66 -15.95
CA GLN B 287 -15.93 2.90 -14.72
C GLN B 287 -15.41 1.47 -14.96
N LYS B 288 -15.60 0.98 -16.18
CA LYS B 288 -15.26 -0.39 -16.53
C LYS B 288 -14.41 -0.40 -17.79
N GLY B 289 -14.37 -1.55 -18.46
CA GLY B 289 -13.46 -1.72 -19.59
C GLY B 289 -13.81 -1.00 -20.89
N ILE B 290 -12.81 -0.84 -21.74
CA ILE B 290 -12.99 -0.31 -23.08
C ILE B 290 -12.24 -1.19 -24.07
N ASP B 291 -12.96 -1.75 -25.03
CA ASP B 291 -12.34 -2.62 -26.02
C ASP B 291 -11.16 -1.93 -26.69
N ASP B 292 -10.12 -2.69 -26.98
CA ASP B 292 -8.93 -2.14 -27.60
C ASP B 292 -9.28 -1.42 -28.90
N LEU B 293 -10.23 -1.99 -29.64
CA LEU B 293 -10.65 -1.39 -30.90
C LEU B 293 -11.32 -0.06 -30.64
N ALA B 294 -12.17 0.00 -29.62
CA ALA B 294 -12.86 1.23 -29.23
C ALA B 294 -11.86 2.31 -28.83
N GLN B 295 -10.81 1.89 -28.12
CA GLN B 295 -9.73 2.79 -27.71
C GLN B 295 -9.08 3.42 -28.91
N HIS B 296 -8.95 2.65 -29.99
CA HIS B 296 -8.40 3.21 -31.22
C HIS B 296 -9.33 4.27 -31.79
N TYR B 297 -10.62 3.93 -31.89
CA TYR B 297 -11.61 4.84 -32.46
C TYR B 297 -11.68 6.14 -31.68
N LEU B 298 -11.79 6.00 -30.36
CA LEU B 298 -11.77 7.16 -29.49
C LEU B 298 -10.56 8.05 -29.80
N ALA B 299 -9.38 7.45 -29.91
CA ALA B 299 -8.14 8.19 -30.17
C ALA B 299 -8.15 8.85 -31.54
N LYS B 300 -8.79 8.19 -32.50
CA LYS B 300 -8.94 8.74 -33.84
C LYS B 300 -9.80 10.00 -33.75
N GLU B 301 -10.84 9.94 -32.94
CA GLU B 301 -11.76 11.07 -32.83
C GLU B 301 -11.25 12.18 -31.90
N GLY B 302 -10.04 12.00 -31.36
CA GLY B 302 -9.45 13.00 -30.48
C GLY B 302 -9.99 12.99 -29.06
N ILE B 303 -10.74 11.94 -28.72
CA ILE B 303 -11.37 11.84 -27.41
C ILE B 303 -10.45 11.19 -26.36
N VAL B 304 -10.13 11.92 -25.30
CA VAL B 304 -9.31 11.39 -24.22
C VAL B 304 -10.14 10.50 -23.33
N ALA B 305 -9.69 9.26 -23.16
CA ALA B 305 -10.46 8.29 -22.37
C ALA B 305 -9.63 7.57 -21.32
N ALA B 306 -10.23 7.35 -20.15
CA ALA B 306 -9.62 6.50 -19.13
C ALA B 306 -10.60 5.38 -18.78
N ARG B 307 -10.08 4.18 -18.56
CA ARG B 307 -10.93 3.02 -18.29
C ARG B 307 -10.75 2.50 -16.88
N ARG B 308 -11.72 1.69 -16.44
CA ARG B 308 -11.68 1.06 -15.13
C ARG B 308 -11.52 2.06 -14.01
N VAL B 309 -12.18 3.20 -14.12
CA VAL B 309 -12.13 4.24 -13.10
C VAL B 309 -12.88 3.81 -11.84
N LYS B 310 -12.25 3.97 -10.67
CA LYS B 310 -12.89 3.65 -9.38
C LYS B 310 -14.25 4.29 -9.28
N LYS B 311 -15.23 3.53 -8.81
CA LYS B 311 -16.59 4.05 -8.66
C LYS B 311 -16.58 5.36 -7.86
N SER B 312 -15.82 5.38 -6.76
CA SER B 312 -15.74 6.58 -5.93
C SER B 312 -15.12 7.74 -6.71
N ASP B 313 -14.32 7.42 -7.72
CA ASP B 313 -13.73 8.44 -8.60
C ASP B 313 -14.81 8.98 -9.55
N MET B 314 -15.47 8.06 -10.24
CA MET B 314 -16.66 8.37 -11.01
C MET B 314 -17.56 9.32 -10.24
N GLU B 315 -17.83 9.00 -8.97
CA GLU B 315 -18.71 9.81 -8.15
C GLU B 315 -18.18 11.22 -7.91
N LYS B 316 -16.92 11.34 -7.49
CA LYS B 316 -16.35 12.66 -7.26
C LYS B 316 -16.26 13.49 -8.55
N LEU B 317 -16.02 12.81 -9.67
CA LEU B 317 -16.00 13.45 -10.98
C LEU B 317 -17.36 14.10 -11.30
N ALA B 318 -18.44 13.37 -11.03
CA ALA B 318 -19.78 13.87 -11.32
C ALA B 318 -20.05 15.11 -10.49
N LYS B 319 -19.64 15.07 -9.22
CA LYS B 319 -19.88 16.19 -8.34
C LYS B 319 -19.14 17.46 -8.79
N ALA B 320 -17.93 17.29 -9.31
CA ALA B 320 -17.07 18.43 -9.64
C ALA B 320 -17.38 19.04 -11.01
N THR B 321 -17.69 18.19 -11.97
CA THR B 321 -17.87 18.63 -13.35
C THR B 321 -19.32 18.94 -13.73
N GLY B 322 -20.26 18.28 -13.07
CA GLY B 322 -21.67 18.41 -13.40
C GLY B 322 -22.24 17.24 -14.21
N ALA B 323 -21.38 16.36 -14.70
CA ALA B 323 -21.83 15.24 -15.53
C ALA B 323 -22.78 14.28 -14.80
N ASN B 324 -23.54 13.51 -15.56
CA ASN B 324 -24.27 12.39 -15.00
C ASN B 324 -23.58 11.09 -15.38
N VAL B 325 -23.52 10.14 -14.46
CA VAL B 325 -22.99 8.82 -14.80
C VAL B 325 -24.04 8.03 -15.60
N ILE B 326 -23.67 7.66 -16.82
CA ILE B 326 -24.58 7.06 -17.81
C ILE B 326 -24.41 5.55 -17.89
N ALA B 327 -25.52 4.83 -18.00
CA ALA B 327 -25.50 3.36 -17.99
C ALA B 327 -25.59 2.72 -19.39
N ALA B 328 -26.23 3.42 -20.32
CA ALA B 328 -26.31 2.92 -21.69
C ALA B 328 -25.85 4.01 -22.64
N ILE B 329 -24.78 3.72 -23.37
CA ILE B 329 -24.22 4.69 -24.31
C ILE B 329 -25.29 5.26 -25.23
N ALA B 330 -26.36 4.49 -25.43
CA ALA B 330 -27.47 4.91 -26.27
C ALA B 330 -28.16 6.18 -25.77
N ALA B 331 -28.20 6.35 -24.44
CA ALA B 331 -28.94 7.45 -23.82
C ALA B 331 -28.09 8.71 -23.65
N LEU B 332 -26.78 8.56 -23.80
CA LEU B 332 -25.86 9.68 -23.65
C LEU B 332 -26.28 10.88 -24.50
N SER B 333 -26.62 11.97 -23.84
CA SER B 333 -26.90 13.20 -24.56
C SER B 333 -25.91 14.27 -24.14
N ALA B 334 -25.95 15.40 -24.82
CA ALA B 334 -25.07 16.51 -24.50
C ALA B 334 -25.30 17.04 -23.09
N GLN B 335 -26.50 16.82 -22.55
CA GLN B 335 -26.86 17.35 -21.23
C GLN B 335 -26.30 16.50 -20.09
N ASP B 336 -25.80 15.32 -20.42
CA ASP B 336 -25.21 14.45 -19.40
C ASP B 336 -23.73 14.77 -19.18
N LEU B 337 -23.23 15.71 -19.98
CA LEU B 337 -21.81 16.04 -20.02
C LEU B 337 -21.37 17.05 -18.96
N GLY B 338 -20.20 16.82 -18.38
CA GLY B 338 -19.63 17.73 -17.39
C GLY B 338 -18.71 18.73 -18.05
N ASP B 339 -18.40 19.81 -17.33
CA ASP B 339 -17.45 20.78 -17.83
C ASP B 339 -16.24 20.94 -16.89
N ALA B 340 -15.08 21.19 -17.49
CA ALA B 340 -13.88 21.55 -16.75
C ALA B 340 -13.03 22.45 -17.64
N GLY B 341 -12.48 23.50 -17.05
CA GLY B 341 -11.60 24.40 -17.78
C GLY B 341 -10.36 23.68 -18.33
N LEU B 342 -9.87 22.69 -17.59
CA LEU B 342 -8.69 21.93 -18.02
C LEU B 342 -8.73 20.48 -17.58
N VAL B 343 -8.50 19.57 -18.53
CA VAL B 343 -8.26 18.17 -18.24
C VAL B 343 -6.89 17.84 -18.79
N GLU B 344 -5.99 17.42 -17.91
CA GLU B 344 -4.62 17.15 -18.31
C GLU B 344 -4.00 15.96 -17.60
N GLU B 345 -3.42 15.05 -18.38
CA GLU B 345 -2.61 13.99 -17.79
C GLU B 345 -1.21 14.52 -17.63
N ARG B 346 -0.71 14.50 -16.39
CA ARG B 346 0.64 14.97 -16.12
C ARG B 346 1.24 14.24 -14.92
N LYS B 347 2.55 14.43 -14.74
CA LYS B 347 3.31 13.78 -13.69
C LYS B 347 3.35 14.68 -12.46
N ILE B 348 3.12 14.09 -11.30
CA ILE B 348 3.31 14.78 -10.04
C ILE B 348 4.01 13.83 -9.08
N SER B 349 5.15 14.24 -8.55
CA SER B 349 5.88 13.36 -7.63
C SER B 349 6.17 12.03 -8.34
N GLY B 350 6.48 12.11 -9.63
CA GLY B 350 6.80 10.93 -10.43
C GLY B 350 5.64 10.05 -10.87
N ASP B 351 4.44 10.32 -10.36
CA ASP B 351 3.24 9.56 -10.74
C ASP B 351 2.46 10.31 -11.81
N SER B 352 2.11 9.64 -12.90
CA SER B 352 1.24 10.29 -13.86
C SER B 352 -0.24 10.09 -13.50
N MET B 353 -0.95 11.21 -13.40
CA MET B 353 -2.36 11.22 -13.03
C MET B 353 -3.12 12.14 -14.00
N ILE B 354 -4.43 12.11 -13.91
CA ILE B 354 -5.24 12.99 -14.72
C ILE B 354 -5.87 14.07 -13.84
N PHE B 355 -5.48 15.32 -14.08
CA PHE B 355 -6.08 16.45 -13.37
C PHE B 355 -7.34 16.88 -14.11
N VAL B 356 -8.39 17.17 -13.36
CA VAL B 356 -9.61 17.76 -13.88
C VAL B 356 -9.82 19.03 -13.08
N GLU B 357 -9.39 20.15 -13.63
CA GLU B 357 -9.30 21.38 -12.85
C GLU B 357 -10.13 22.50 -13.44
N GLU B 358 -10.18 23.60 -12.71
CA GLU B 358 -10.89 24.79 -13.16
C GLU B 358 -12.32 24.44 -13.54
N CYS B 359 -13.00 23.67 -12.70
CA CYS B 359 -14.43 23.45 -12.87
C CYS B 359 -15.14 24.73 -12.42
N LYS B 360 -16.35 24.96 -12.92
CA LYS B 360 -17.04 26.23 -12.71
C LYS B 360 -17.76 26.29 -11.38
N HIS B 361 -18.61 25.30 -11.13
CA HIS B 361 -19.30 25.24 -9.85
C HIS B 361 -19.10 23.86 -9.22
N PRO B 362 -17.85 23.51 -8.90
CA PRO B 362 -17.61 22.16 -8.40
C PRO B 362 -18.37 21.93 -7.07
N LYS B 363 -18.98 20.76 -6.92
CA LYS B 363 -19.63 20.39 -5.67
C LYS B 363 -18.67 19.51 -4.87
N ALA B 364 -17.59 19.10 -5.52
CA ALA B 364 -16.48 18.46 -4.83
C ALA B 364 -15.20 19.14 -5.26
N VAL B 365 -14.24 19.28 -4.35
CA VAL B 365 -12.95 19.87 -4.69
C VAL B 365 -11.83 19.11 -4.02
N THR B 366 -10.60 19.45 -4.35
CA THR B 366 -9.44 18.70 -3.89
C THR B 366 -8.34 19.56 -3.30
N MET B 367 -8.03 19.35 -2.02
CA MET B 367 -6.84 19.95 -1.43
C MET B 367 -5.65 19.08 -1.82
N LEU B 368 -4.72 19.64 -2.57
CA LEU B 368 -3.51 18.91 -2.92
C LEU B 368 -2.42 19.36 -1.96
N ILE B 369 -2.18 18.55 -0.94
CA ILE B 369 -1.23 18.88 0.11
C ILE B 369 0.20 18.43 -0.25
N ARG B 370 1.13 19.38 -0.25
CA ARG B 370 2.53 19.12 -0.55
C ARG B 370 3.41 19.31 0.67
N GLY B 371 4.64 18.82 0.59
CA GLY B 371 5.62 18.95 1.65
C GLY B 371 6.83 18.09 1.30
N THR B 372 7.93 18.26 2.00
CA THR B 372 9.15 17.59 1.60
C THR B 372 9.13 16.10 1.87
N THR B 373 8.51 15.66 2.97
CA THR B 373 8.49 14.23 3.24
C THR B 373 7.11 13.73 3.59
N GLU B 374 6.95 12.41 3.53
CA GLU B 374 5.67 11.79 3.78
C GLU B 374 5.15 12.14 5.17
N HIS B 375 6.01 11.99 6.17
CA HIS B 375 5.54 12.24 7.54
C HIS B 375 5.26 13.71 7.83
N VAL B 376 6.01 14.60 7.21
CA VAL B 376 5.73 16.03 7.32
C VAL B 376 4.34 16.31 6.73
N ILE B 377 4.09 15.78 5.54
CA ILE B 377 2.79 15.93 4.90
C ILE B 377 1.62 15.42 5.75
N GLU B 378 1.79 14.26 6.39
CA GLU B 378 0.73 13.65 7.17
C GLU B 378 0.18 14.61 8.21
N GLU B 379 1.08 15.33 8.87
CA GLU B 379 0.63 16.21 9.94
C GLU B 379 0.00 17.49 9.38
N VAL B 380 0.49 17.95 8.23
CA VAL B 380 -0.11 19.09 7.55
C VAL B 380 -1.55 18.73 7.18
N ALA B 381 -1.76 17.51 6.69
CA ALA B 381 -3.09 17.07 6.33
C ALA B 381 -4.00 16.97 7.55
N ARG B 382 -3.43 16.62 8.70
CA ARG B 382 -4.23 16.56 9.92
C ARG B 382 -4.70 17.98 10.30
N ALA B 383 -3.79 18.94 10.21
CA ALA B 383 -4.12 20.33 10.50
C ALA B 383 -5.19 20.85 9.54
N VAL B 384 -5.04 20.54 8.25
CA VAL B 384 -6.04 20.95 7.28
C VAL B 384 -7.41 20.37 7.67
N ASP B 385 -7.42 19.14 8.16
CA ASP B 385 -8.67 18.51 8.55
C ASP B 385 -9.35 19.20 9.73
N ASP B 386 -8.57 19.55 10.76
CA ASP B 386 -9.11 20.32 11.88
C ASP B 386 -9.81 21.57 11.30
N ALA B 387 -9.11 22.28 10.43
CA ALA B 387 -9.56 23.58 9.96
C ALA B 387 -10.78 23.48 9.07
N VAL B 388 -10.80 22.47 8.20
CA VAL B 388 -11.98 22.16 7.40
C VAL B 388 -13.19 21.91 8.31
N GLY B 389 -12.98 21.08 9.33
CA GLY B 389 -14.01 20.84 10.33
C GLY B 389 -14.59 22.12 10.92
N VAL B 390 -13.74 23.02 11.39
CA VAL B 390 -14.23 24.19 12.13
C VAL B 390 -14.74 25.28 11.22
N VAL B 391 -14.14 25.42 10.03
CA VAL B 391 -14.75 26.28 9.02
C VAL B 391 -16.16 25.77 8.68
N GLY B 392 -16.31 24.46 8.57
CA GLY B 392 -17.63 23.89 8.31
C GLY B 392 -18.66 24.21 9.39
N CYS B 393 -18.27 24.00 10.66
CA CYS B 393 -19.15 24.30 11.77
C CYS B 393 -19.55 25.76 11.77
N THR B 394 -18.60 26.63 11.51
CA THR B 394 -18.87 28.05 11.52
C THR B 394 -19.89 28.40 10.44
N ILE B 395 -19.69 27.88 9.23
CA ILE B 395 -20.63 28.11 8.15
C ILE B 395 -22.04 27.60 8.47
N GLU B 396 -22.12 26.42 9.08
CA GLU B 396 -23.40 25.80 9.41
C GLU B 396 -24.09 26.46 10.59
N ASP B 397 -23.31 26.92 11.55
CA ASP B 397 -23.83 27.33 12.84
C ASP B 397 -23.99 28.82 12.98
N GLY B 398 -23.09 29.57 12.35
CA GLY B 398 -23.06 31.02 12.49
C GLY B 398 -22.74 31.51 13.90
N ARG B 399 -22.06 30.68 14.70
CA ARG B 399 -21.74 31.04 16.09
C ARG B 399 -20.29 30.69 16.48
N ILE B 400 -19.56 31.69 16.96
CA ILE B 400 -18.19 31.48 17.37
C ILE B 400 -17.98 32.01 18.79
N VAL B 401 -16.91 31.56 19.44
CA VAL B 401 -16.50 32.10 20.74
C VAL B 401 -15.02 32.47 20.66
N SER B 402 -14.54 33.22 21.66
CA SER B 402 -13.11 33.52 21.75
C SER B 402 -12.29 32.36 22.33
N GLY B 403 -11.04 32.26 21.93
CA GLY B 403 -10.21 31.13 22.30
C GLY B 403 -9.28 31.39 23.47
N GLY B 404 -8.18 30.64 23.52
CA GLY B 404 -7.15 30.86 24.52
C GLY B 404 -7.64 30.56 25.92
N GLY B 405 -8.74 29.83 26.03
CA GLY B 405 -9.30 29.48 27.33
C GLY B 405 -10.15 30.56 27.96
N SER B 406 -10.37 31.64 27.23
CA SER B 406 -11.18 32.76 27.71
C SER B 406 -12.62 32.34 27.94
N THR B 407 -13.16 31.57 27.01
CA THR B 407 -14.55 31.12 27.13
C THR B 407 -14.73 30.19 28.35
N GLU B 408 -13.74 29.34 28.62
CA GLU B 408 -13.82 28.46 29.78
C GLU B 408 -13.79 29.28 31.07
N VAL B 409 -12.98 30.33 31.08
CA VAL B 409 -12.90 31.20 32.26
C VAL B 409 -14.25 31.88 32.49
N GLU B 410 -14.82 32.47 31.45
CA GLU B 410 -16.14 33.09 31.54
C GLU B 410 -17.18 32.09 32.06
N LEU B 411 -17.21 30.91 31.44
CA LEU B 411 -18.16 29.87 31.84
C LEU B 411 -18.00 29.50 33.30
N SER B 412 -16.76 29.19 33.68
CA SER B 412 -16.44 28.84 35.04
C SER B 412 -16.91 29.90 36.04
N MET B 413 -16.68 31.17 35.71
CA MET B 413 -17.10 32.28 36.58
C MET B 413 -18.62 32.32 36.74
N LYS B 414 -19.35 32.14 35.63
CA LYS B 414 -20.81 32.16 35.66
C LYS B 414 -21.42 30.94 36.38
N LEU B 415 -20.77 29.80 36.25
CA LEU B 415 -21.25 28.59 36.92
C LEU B 415 -21.05 28.66 38.44
N ARG B 416 -20.03 29.39 38.88
CA ARG B 416 -19.82 29.57 40.31
C ARG B 416 -20.92 30.44 40.89
N GLU B 417 -21.34 31.43 40.12
CA GLU B 417 -22.48 32.26 40.48
C GLU B 417 -23.70 31.37 40.59
N TYR B 418 -23.96 30.60 39.54
CA TYR B 418 -25.10 29.71 39.48
C TYR B 418 -25.08 28.76 40.68
N ALA B 419 -23.90 28.22 40.97
CA ALA B 419 -23.69 27.29 42.07
C ALA B 419 -24.18 27.87 43.38
N GLU B 420 -24.03 29.19 43.53
CA GLU B 420 -24.37 29.90 44.76
C GLU B 420 -25.82 29.66 45.17
N GLY B 421 -26.69 29.52 44.17
CA GLY B 421 -28.10 29.36 44.43
C GLY B 421 -28.53 27.92 44.48
N ILE B 422 -27.56 27.00 44.56
CA ILE B 422 -27.86 25.59 44.65
C ILE B 422 -27.83 25.14 46.11
N SER B 423 -28.84 24.37 46.52
CA SER B 423 -28.93 23.93 47.91
C SER B 423 -28.45 22.50 48.12
N GLY B 424 -27.67 22.31 49.19
CA GLY B 424 -27.26 20.97 49.59
C GLY B 424 -25.93 20.56 49.01
N ARG B 425 -25.61 19.28 49.15
CA ARG B 425 -24.35 18.72 48.66
C ARG B 425 -24.20 18.96 47.16
N GLU B 426 -25.32 19.00 46.46
CA GLU B 426 -25.31 19.16 45.02
C GLU B 426 -24.49 20.38 44.64
N GLN B 427 -24.50 21.40 45.49
CA GLN B 427 -23.74 22.61 45.23
C GLN B 427 -22.25 22.31 45.05
N LEU B 428 -21.73 21.37 45.84
CA LEU B 428 -20.31 21.01 45.78
C LEU B 428 -19.97 20.48 44.40
N ALA B 429 -20.84 19.66 43.84
CA ALA B 429 -20.59 19.10 42.52
C ALA B 429 -20.64 20.18 41.43
N VAL B 430 -21.61 21.10 41.52
CA VAL B 430 -21.72 22.18 40.56
C VAL B 430 -20.45 23.04 40.58
N ARG B 431 -19.95 23.34 41.78
CA ARG B 431 -18.71 24.12 41.89
C ARG B 431 -17.54 23.33 41.33
N ALA B 432 -17.55 22.03 41.55
CA ALA B 432 -16.48 21.18 41.04
C ALA B 432 -16.43 21.23 39.51
N PHE B 433 -17.59 21.17 38.89
CA PHE B 433 -17.69 21.22 37.43
C PHE B 433 -17.13 22.56 36.95
N ALA B 434 -17.59 23.64 37.58
CA ALA B 434 -17.11 24.98 37.28
C ALA B 434 -15.59 25.01 37.30
N ASP B 435 -15.01 24.56 38.40
CA ASP B 435 -13.56 24.53 38.52
C ASP B 435 -12.85 23.66 37.46
N ALA B 436 -13.49 22.58 37.04
CA ALA B 436 -12.87 21.65 36.09
C ALA B 436 -12.59 22.35 34.76
N LEU B 437 -13.50 23.23 34.35
CA LEU B 437 -13.36 23.93 33.09
C LEU B 437 -12.06 24.70 32.96
N GLU B 438 -11.53 25.18 34.09
CA GLU B 438 -10.29 25.95 34.09
C GLU B 438 -9.05 25.11 33.78
N VAL B 439 -9.20 23.80 33.69
CA VAL B 439 -8.07 22.97 33.29
C VAL B 439 -7.58 23.41 31.89
N ILE B 440 -8.46 23.97 31.07
CA ILE B 440 -8.04 24.39 29.74
C ILE B 440 -7.08 25.59 29.77
N PRO B 441 -7.51 26.74 30.32
CA PRO B 441 -6.58 27.87 30.47
C PRO B 441 -5.36 27.52 31.32
N ARG B 442 -5.53 26.74 32.38
CA ARG B 442 -4.36 26.31 33.14
C ARG B 442 -3.36 25.51 32.31
N THR B 443 -3.85 24.58 31.48
CA THR B 443 -2.94 23.76 30.67
C THR B 443 -2.29 24.52 29.51
N LEU B 444 -3.05 25.44 28.92
CA LEU B 444 -2.51 26.33 27.90
C LEU B 444 -1.27 27.06 28.46
N ALA B 445 -1.42 27.59 29.67
CA ALA B 445 -0.33 28.35 30.30
C ALA B 445 0.84 27.46 30.70
N GLU B 446 0.55 26.29 31.25
CA GLU B 446 1.56 25.29 31.55
C GLU B 446 2.43 25.01 30.32
N ASN B 447 1.79 24.59 29.24
CA ASN B 447 2.52 24.17 28.06
C ASN B 447 3.36 25.33 27.49
N ALA B 448 2.94 26.56 27.78
CA ALA B 448 3.68 27.75 27.36
C ALA B 448 4.83 28.10 28.30
N GLY B 449 5.02 27.30 29.33
CA GLY B 449 6.05 27.59 30.32
C GLY B 449 5.74 28.75 31.26
N LEU B 450 4.46 29.12 31.38
CA LEU B 450 4.05 30.22 32.25
C LEU B 450 3.51 29.72 33.61
N ASP B 451 3.39 30.62 34.58
CA ASP B 451 2.81 30.20 35.86
C ASP B 451 1.28 30.19 35.84
N ALA B 452 0.72 28.98 35.80
CA ALA B 452 -0.72 28.79 35.62
C ALA B 452 -1.54 29.49 36.68
N ILE B 453 -1.13 29.37 37.93
CA ILE B 453 -1.88 29.97 39.02
C ILE B 453 -1.97 31.50 38.87
N GLU B 454 -0.84 32.15 38.63
CA GLU B 454 -0.81 33.60 38.47
C GLU B 454 -1.61 34.00 37.24
N ILE B 455 -1.41 33.27 36.15
CA ILE B 455 -2.11 33.53 34.90
C ILE B 455 -3.60 33.49 35.14
N LEU B 456 -4.05 32.46 35.86
CA LEU B 456 -5.47 32.30 36.17
C LEU B 456 -6.04 33.46 36.98
N VAL B 457 -5.30 33.88 38.00
CA VAL B 457 -5.72 35.03 38.78
C VAL B 457 -5.97 36.22 37.86
N LYS B 458 -5.00 36.47 36.98
CA LYS B 458 -5.13 37.58 36.04
C LYS B 458 -6.35 37.45 35.13
N VAL B 459 -6.46 36.34 34.40
CA VAL B 459 -7.59 36.19 33.47
C VAL B 459 -8.92 36.29 34.22
N ARG B 460 -9.01 35.64 35.38
CA ARG B 460 -10.24 35.76 36.16
C ARG B 460 -10.60 37.22 36.44
N ALA B 461 -9.63 37.97 36.95
CA ALA B 461 -9.86 39.38 37.26
C ALA B 461 -10.38 40.16 36.05
N ALA B 462 -9.88 39.81 34.85
CA ALA B 462 -10.31 40.51 33.65
C ALA B 462 -11.76 40.18 33.25
N HIS B 463 -12.30 39.11 33.81
CA HIS B 463 -13.67 38.73 33.50
C HIS B 463 -14.60 39.25 34.58
N ALA B 464 -14.07 39.41 35.78
CA ALA B 464 -14.87 39.88 36.91
C ALA B 464 -15.39 41.31 36.70
N SER B 465 -16.46 41.65 37.43
CA SER B 465 -17.03 43.01 37.38
C SER B 465 -17.61 43.35 36.01
N ASN B 466 -18.22 42.36 35.37
CA ASN B 466 -18.74 42.51 34.02
C ASN B 466 -17.68 43.06 33.06
N GLY B 467 -16.50 42.43 33.09
CA GLY B 467 -15.40 42.82 32.23
C GLY B 467 -15.48 42.22 30.84
N ASN B 468 -14.43 41.51 30.45
CA ASN B 468 -14.29 41.05 29.08
C ASN B 468 -14.39 39.54 28.92
N LYS B 469 -15.51 39.08 28.37
CA LYS B 469 -15.72 37.64 28.22
C LYS B 469 -14.69 37.02 27.29
N CYS B 470 -13.96 37.86 26.54
CA CYS B 470 -13.03 37.37 25.54
C CYS B 470 -11.58 37.48 26.02
N ALA B 471 -11.41 37.89 27.26
CA ALA B 471 -10.06 38.01 27.79
C ALA B 471 -9.46 36.64 28.04
N GLY B 472 -8.30 36.40 27.43
CA GLY B 472 -7.54 35.20 27.69
C GLY B 472 -6.05 35.48 27.65
N LEU B 473 -5.25 34.53 28.10
CA LEU B 473 -3.80 34.65 27.98
C LEU B 473 -3.35 34.26 26.58
N ASN B 474 -2.66 35.18 25.91
CA ASN B 474 -2.05 34.86 24.63
C ASN B 474 -0.68 34.27 24.88
N VAL B 475 -0.53 32.97 24.63
CA VAL B 475 0.73 32.26 24.88
C VAL B 475 1.97 32.88 24.22
N PHE B 476 1.77 33.61 23.12
CA PHE B 476 2.85 34.30 22.43
C PHE B 476 3.24 35.62 23.09
N THR B 477 2.24 36.38 23.53
CA THR B 477 2.47 37.68 24.17
C THR B 477 2.99 37.49 25.57
N GLY B 478 2.37 36.58 26.30
CA GLY B 478 2.60 36.45 27.72
C GLY B 478 1.58 37.30 28.46
N ALA B 479 0.81 38.06 27.69
CA ALA B 479 -0.15 39.02 28.24
C ALA B 479 -1.60 38.52 28.17
N VAL B 480 -2.44 39.01 29.08
CA VAL B 480 -3.88 38.79 28.97
C VAL B 480 -4.45 39.83 28.01
N GLU B 481 -5.16 39.37 26.99
CA GLU B 481 -5.74 40.28 26.03
C GLU B 481 -7.07 39.80 25.48
N ASP B 482 -7.76 40.71 24.82
CA ASP B 482 -9.02 40.40 24.18
C ASP B 482 -8.71 39.46 23.03
N MET B 483 -9.10 38.19 23.19
CA MET B 483 -8.73 37.14 22.23
C MET B 483 -9.49 37.32 20.94
N CYS B 484 -10.71 37.80 21.06
CA CYS B 484 -11.56 38.08 19.91
C CYS B 484 -10.93 39.15 19.02
N GLU B 485 -10.32 40.15 19.65
CA GLU B 485 -9.71 41.25 18.92
C GLU B 485 -8.41 40.79 18.32
N ASN B 486 -7.79 39.79 18.96
CA ASN B 486 -6.58 39.19 18.43
C ASN B 486 -6.83 38.16 17.32
N GLY B 487 -8.11 37.90 17.03
CA GLY B 487 -8.45 36.96 15.96
C GLY B 487 -8.27 35.50 16.39
N VAL B 488 -8.15 35.28 17.70
CA VAL B 488 -8.11 33.93 18.25
C VAL B 488 -9.53 33.49 18.58
N VAL B 489 -10.17 32.84 17.61
CA VAL B 489 -11.57 32.44 17.69
C VAL B 489 -11.82 30.97 17.29
N GLU B 490 -12.90 30.39 17.80
CA GLU B 490 -13.22 29.01 17.49
C GLU B 490 -14.74 28.84 17.51
N PRO B 491 -15.26 27.87 16.75
CA PRO B 491 -16.73 27.71 16.69
C PRO B 491 -17.33 27.36 18.04
N LEU B 492 -18.53 27.85 18.30
CA LEU B 492 -19.28 27.52 19.50
C LEU B 492 -19.34 25.99 19.68
N ARG B 493 -19.52 25.29 18.55
CA ARG B 493 -19.74 23.85 18.55
C ARG B 493 -18.56 23.08 19.15
N VAL B 494 -17.36 23.65 19.08
CA VAL B 494 -16.18 23.04 19.70
C VAL B 494 -16.38 22.92 21.20
N LYS B 495 -16.85 24.01 21.81
CA LYS B 495 -17.04 24.05 23.25
C LYS B 495 -18.28 23.28 23.67
N THR B 496 -19.36 23.38 22.89
CA THR B 496 -20.59 22.70 23.30
C THR B 496 -20.46 21.20 23.22
N GLN B 497 -19.84 20.69 22.17
CA GLN B 497 -19.64 19.24 22.03
C GLN B 497 -18.65 18.70 23.08
N ALA B 498 -17.60 19.45 23.34
CA ALA B 498 -16.59 18.98 24.28
C ALA B 498 -17.12 18.93 25.72
N ILE B 499 -17.87 19.95 26.12
CA ILE B 499 -18.41 19.99 27.46
C ILE B 499 -19.51 18.94 27.67
N GLN B 500 -20.40 18.79 26.69
CA GLN B 500 -21.48 17.80 26.77
C GLN B 500 -20.97 16.36 26.85
N SER B 501 -19.99 16.05 26.00
CA SER B 501 -19.36 14.72 25.96
C SER B 501 -18.61 14.43 27.25
N ALA B 502 -17.86 15.40 27.75
CA ALA B 502 -17.18 15.25 29.03
C ALA B 502 -18.19 14.99 30.14
N ALA B 503 -19.26 15.79 30.17
CA ALA B 503 -20.31 15.63 31.15
C ALA B 503 -20.97 14.24 31.08
N GLU B 504 -21.40 13.85 29.89
CA GLU B 504 -22.14 12.60 29.71
C GLU B 504 -21.30 11.35 30.02
N SER B 505 -20.10 11.27 29.47
CA SER B 505 -19.24 10.13 29.70
C SER B 505 -18.80 10.01 31.17
N THR B 506 -18.46 11.13 31.81
CA THR B 506 -18.02 11.05 33.19
C THR B 506 -19.16 10.72 34.12
N GLU B 507 -20.35 11.25 33.84
CA GLU B 507 -21.57 10.89 34.61
C GLU B 507 -21.80 9.39 34.53
N MET B 508 -21.63 8.84 33.32
CA MET B 508 -21.75 7.40 33.14
C MET B 508 -20.69 6.66 33.96
N LEU B 509 -19.44 7.12 33.90
CA LEU B 509 -18.37 6.42 34.63
C LEU B 509 -18.57 6.52 36.14
N LEU B 510 -19.10 7.65 36.62
CA LEU B 510 -19.25 7.87 38.05
C LEU B 510 -20.35 7.02 38.65
N ARG B 511 -21.26 6.50 37.82
CA ARG B 511 -22.34 5.65 38.30
C ARG B 511 -21.87 4.23 38.66
N ILE B 512 -20.65 3.90 38.27
CA ILE B 512 -20.15 2.53 38.36
C ILE B 512 -19.59 2.19 39.75
N ASP B 513 -20.09 1.12 40.37
CA ASP B 513 -19.60 0.72 41.67
C ASP B 513 -19.05 -0.70 41.66
N ASP B 514 -18.81 -1.23 40.47
CA ASP B 514 -18.53 -2.64 40.34
C ASP B 514 -17.99 -2.93 38.94
N VAL B 515 -16.76 -3.40 38.89
CA VAL B 515 -16.14 -3.74 37.63
C VAL B 515 -15.92 -5.24 37.66
N ILE B 516 -16.42 -5.91 36.64
CA ILE B 516 -16.32 -7.36 36.55
C ILE B 516 -15.68 -7.65 35.21
N ALA B 517 -14.42 -8.10 35.25
CA ALA B 517 -13.63 -8.33 34.05
C ALA B 517 -13.25 -9.79 33.91
N ALA B 518 -13.75 -10.42 32.86
CA ALA B 518 -13.46 -11.83 32.61
C ALA B 518 -12.00 -12.04 32.21
N GLU B 519 -11.57 -13.30 32.16
CA GLU B 519 -10.24 -13.66 31.68
C GLU B 519 -9.15 -12.84 32.38
N GLN C 4 -3.78 -2.44 39.52
CA GLN C 4 -4.57 -3.47 38.84
C GLN C 4 -5.84 -2.89 38.22
N PRO C 5 -5.86 -2.75 36.88
CA PRO C 5 -4.74 -2.97 35.95
C PRO C 5 -4.23 -1.67 35.32
N GLY C 6 -3.32 -1.80 34.37
CA GLY C 6 -2.70 -0.63 33.75
C GLY C 6 -3.52 -0.03 32.62
N VAL C 7 -3.48 1.30 32.49
CA VAL C 7 -4.23 2.00 31.46
C VAL C 7 -3.58 1.81 30.08
N LEU C 8 -2.35 2.33 29.94
CA LEU C 8 -1.58 2.16 28.72
C LEU C 8 -1.06 0.72 28.65
N PRO C 9 -0.83 0.20 27.44
CA PRO C 9 -0.43 -1.20 27.26
C PRO C 9 0.79 -1.55 28.09
N GLU C 10 0.85 -2.78 28.60
CA GLU C 10 2.00 -3.23 29.39
C GLU C 10 3.20 -3.54 28.51
N ASN C 11 2.93 -3.89 27.26
CA ASN C 11 3.98 -4.18 26.28
C ASN C 11 4.34 -2.93 25.48
N MET C 12 5.02 -1.98 26.12
CA MET C 12 5.40 -0.75 25.43
C MET C 12 6.53 0.01 26.10
N LYS C 13 7.49 0.44 25.28
CA LYS C 13 8.55 1.33 25.72
C LYS C 13 8.06 2.77 25.59
N ARG C 14 8.60 3.65 26.43
CA ARG C 14 8.24 5.05 26.39
C ARG C 14 9.40 5.93 26.84
N TYR C 15 9.62 7.03 26.13
CA TYR C 15 10.70 7.94 26.41
C TYR C 15 10.11 9.34 26.42
N MET C 16 10.40 10.12 27.46
CA MET C 16 9.72 11.39 27.65
C MET C 16 10.65 12.57 27.84
N GLY C 17 10.20 13.74 27.40
CA GLY C 17 10.97 14.96 27.54
C GLY C 17 12.37 14.84 26.96
N ARG C 18 13.38 14.93 27.82
CA ARG C 18 14.77 14.96 27.38
C ARG C 18 15.21 13.64 26.78
N ASP C 19 14.69 12.54 27.31
CA ASP C 19 14.96 11.23 26.73
C ASP C 19 14.40 11.08 25.32
N ALA C 20 13.23 11.66 25.06
CA ALA C 20 12.63 11.60 23.73
C ALA C 20 13.47 12.45 22.77
N GLN C 21 13.76 13.67 23.18
CA GLN C 21 14.58 14.55 22.37
C GLN C 21 15.94 13.93 22.08
N ARG C 22 16.53 13.30 23.10
CA ARG C 22 17.83 12.70 22.95
C ARG C 22 17.83 11.54 21.96
N MET C 23 16.87 10.63 22.09
CA MET C 23 16.85 9.48 21.19
C MET C 23 16.57 9.90 19.74
N ASN C 24 15.73 10.91 19.55
CA ASN C 24 15.49 11.40 18.21
C ASN C 24 16.72 12.11 17.67
N ILE C 25 17.31 12.97 18.48
CA ILE C 25 18.46 13.71 18.02
C ILE C 25 19.63 12.78 17.71
N LEU C 26 19.87 11.83 18.61
CA LEU C 26 20.91 10.84 18.41
C LEU C 26 20.67 10.00 17.14
N ALA C 27 19.45 9.54 16.96
CA ALA C 27 19.17 8.64 15.84
C ALA C 27 19.43 9.38 14.55
N GLY C 28 19.03 10.63 14.52
CA GLY C 28 19.27 11.45 13.36
C GLY C 28 20.74 11.60 13.10
N ARG C 29 21.47 12.03 14.12
CA ARG C 29 22.91 12.28 13.98
C ARG C 29 23.66 11.05 13.48
N ILE C 30 23.30 9.88 14.01
CA ILE C 30 23.98 8.65 13.65
C ILE C 30 23.67 8.26 12.20
N ILE C 31 22.45 8.53 11.77
CA ILE C 31 22.08 8.25 10.39
C ILE C 31 22.92 9.12 9.47
N ALA C 32 23.13 10.36 9.87
CA ALA C 32 23.88 11.30 9.04
C ALA C 32 25.35 10.94 9.03
N GLU C 33 25.86 10.48 10.16
CA GLU C 33 27.28 10.14 10.26
C GLU C 33 27.60 8.92 9.38
N THR C 34 26.61 8.06 9.18
CA THR C 34 26.75 6.90 8.33
C THR C 34 27.10 7.27 6.88
N VAL C 35 26.49 8.32 6.33
CA VAL C 35 26.79 8.69 4.94
C VAL C 35 27.81 9.83 4.78
N ARG C 36 28.13 10.49 5.88
CA ARG C 36 29.02 11.65 5.87
C ARG C 36 30.34 11.39 5.14
N SER C 37 30.96 10.26 5.41
CA SER C 37 32.27 9.94 4.84
C SER C 37 32.22 9.71 3.33
N THR C 38 31.02 9.57 2.77
CA THR C 38 30.84 9.45 1.32
C THR C 38 30.87 10.81 0.60
N LEU C 39 30.73 11.89 1.36
CA LEU C 39 30.47 13.20 0.77
C LEU C 39 31.61 13.79 -0.03
N GLY C 40 31.31 14.19 -1.26
CA GLY C 40 32.27 14.88 -2.10
C GLY C 40 33.19 13.96 -2.89
N PRO C 41 34.02 14.53 -3.79
CA PRO C 41 34.86 13.72 -4.68
C PRO C 41 35.89 12.86 -3.94
N LYS C 42 36.20 13.18 -2.69
CA LYS C 42 37.18 12.39 -1.96
C LYS C 42 36.50 11.44 -1.00
N GLY C 43 35.19 11.38 -1.07
CA GLY C 43 34.40 10.48 -0.24
C GLY C 43 34.65 9.02 -0.57
N MET C 44 34.37 8.15 0.39
CA MET C 44 34.59 6.73 0.19
C MET C 44 33.29 5.99 0.11
N ASP C 45 33.34 4.72 -0.26
CA ASP C 45 32.15 3.94 -0.54
C ASP C 45 31.84 2.88 0.53
N LYS C 46 30.60 2.41 0.50
CA LYS C 46 30.11 1.37 1.38
C LYS C 46 29.92 0.13 0.56
N MET C 47 30.09 -1.00 1.22
CA MET C 47 29.67 -2.27 0.68
C MET C 47 28.63 -2.75 1.66
N LEU C 48 27.41 -2.88 1.19
CA LEU C 48 26.31 -3.40 2.01
C LEU C 48 26.00 -4.82 1.58
N VAL C 49 25.79 -5.69 2.58
CA VAL C 49 25.42 -7.07 2.31
C VAL C 49 24.08 -7.38 2.98
N ASP C 50 23.12 -7.87 2.22
CA ASP C 50 21.82 -8.17 2.81
C ASP C 50 21.77 -9.58 3.38
N ASP C 51 20.63 -9.95 3.94
CA ASP C 51 20.48 -11.26 4.58
C ASP C 51 20.48 -12.44 3.58
N LEU C 52 20.42 -12.12 2.29
CA LEU C 52 20.52 -13.14 1.25
C LEU C 52 21.93 -13.19 0.69
N GLY C 53 22.83 -12.37 1.24
CA GLY C 53 24.19 -12.32 0.77
C GLY C 53 24.40 -11.60 -0.55
N ASP C 54 23.41 -10.81 -0.98
CA ASP C 54 23.54 -9.95 -2.15
C ASP C 54 24.28 -8.68 -1.77
N VAL C 55 25.14 -8.19 -2.66
CA VAL C 55 25.94 -7.03 -2.30
C VAL C 55 25.72 -5.77 -3.12
N VAL C 56 25.81 -4.64 -2.45
CA VAL C 56 25.74 -3.35 -3.07
C VAL C 56 27.01 -2.57 -2.70
N VAL C 57 27.70 -2.08 -3.72
CA VAL C 57 28.86 -1.23 -3.54
C VAL C 57 28.54 0.14 -4.12
N THR C 58 28.53 1.17 -3.29
CA THR C 58 28.05 2.47 -3.77
C THR C 58 28.55 3.64 -2.95
N ASN C 59 28.58 4.80 -3.60
CA ASN C 59 28.80 6.10 -2.95
C ASN C 59 27.46 6.87 -2.86
N ASP C 60 26.38 6.22 -3.27
CA ASP C 60 25.09 6.87 -3.37
C ASP C 60 24.35 6.97 -2.03
N GLY C 61 24.15 8.20 -1.54
CA GLY C 61 23.60 8.41 -0.21
C GLY C 61 22.28 7.70 0.03
N VAL C 62 21.28 8.02 -0.80
CA VAL C 62 19.97 7.42 -0.61
C VAL C 62 20.00 5.90 -0.77
N THR C 63 20.76 5.38 -1.73
CA THR C 63 20.92 3.92 -1.89
C THR C 63 21.46 3.28 -0.61
N ILE C 64 22.49 3.88 -0.01
CA ILE C 64 23.03 3.37 1.24
C ILE C 64 21.94 3.30 2.32
N LEU C 65 21.16 4.37 2.47
CA LEU C 65 20.19 4.46 3.53
C LEU C 65 19.01 3.49 3.35
N ARG C 66 18.61 3.28 2.10
CA ARG C 66 17.58 2.30 1.81
C ARG C 66 18.05 0.86 2.02
N GLU C 67 19.32 0.60 1.70
CA GLU C 67 19.82 -0.78 1.72
C GLU C 67 20.12 -1.28 3.12
N MET C 68 20.48 -0.37 4.01
CA MET C 68 20.57 -0.71 5.42
C MET C 68 19.16 -1.00 5.92
N SER C 69 19.03 -1.82 6.95
CA SER C 69 17.69 -2.13 7.38
C SER C 69 17.24 -1.29 8.55
N VAL C 70 17.37 0.04 8.43
CA VAL C 70 17.11 0.89 9.57
C VAL C 70 15.68 0.71 10.09
N GLU C 71 15.56 0.48 11.40
CA GLU C 71 14.26 0.33 12.02
C GLU C 71 13.93 1.51 12.95
N HIS C 72 14.96 2.13 13.51
CA HIS C 72 14.73 3.24 14.42
C HIS C 72 13.79 4.30 13.82
N PRO C 73 12.71 4.62 14.52
CA PRO C 73 11.65 5.52 14.03
C PRO C 73 12.13 6.92 13.65
N ALA C 74 12.95 7.56 14.48
CA ALA C 74 13.45 8.86 14.14
C ALA C 74 14.38 8.76 12.94
N ALA C 75 15.20 7.72 12.90
CA ALA C 75 16.07 7.51 11.74
C ALA C 75 15.28 7.38 10.42
N LYS C 76 14.16 6.67 10.45
CA LYS C 76 13.30 6.55 9.27
C LYS C 76 12.80 7.92 8.82
N MET C 77 12.48 8.80 9.77
CA MET C 77 12.04 10.14 9.40
C MET C 77 13.12 10.81 8.55
N LEU C 78 14.38 10.64 8.92
CA LEU C 78 15.47 11.29 8.19
C LEU C 78 15.77 10.64 6.83
N ILE C 79 15.56 9.34 6.72
CA ILE C 79 15.72 8.68 5.44
C ILE C 79 14.71 9.22 4.40
N GLU C 80 13.56 9.70 4.86
CA GLU C 80 12.58 10.27 3.93
C GLU C 80 13.18 11.48 3.23
N VAL C 81 14.07 12.15 3.93
CA VAL C 81 14.73 13.31 3.40
C VAL C 81 15.56 12.92 2.16
N ALA C 82 16.28 11.81 2.25
CA ALA C 82 17.09 11.36 1.13
C ALA C 82 16.21 10.90 -0.04
N LYS C 83 15.10 10.25 0.28
CA LYS C 83 14.18 9.78 -0.77
C LYS C 83 13.55 10.90 -1.58
N THR C 84 13.19 11.98 -0.90
CA THR C 84 12.57 13.14 -1.59
C THR C 84 13.62 13.87 -2.41
N GLN C 85 14.82 13.95 -1.87
CA GLN C 85 15.92 14.55 -2.61
C GLN C 85 16.12 13.76 -3.92
N GLU C 86 16.15 12.44 -3.82
CA GLU C 86 16.28 11.61 -5.02
C GLU C 86 15.12 11.82 -6.01
N LYS C 87 13.89 11.78 -5.51
CA LYS C 87 12.73 12.00 -6.36
C LYS C 87 12.67 13.39 -7.04
N GLU C 88 12.93 14.45 -6.29
CA GLU C 88 12.75 15.80 -6.84
C GLU C 88 13.93 16.28 -7.65
N VAL C 89 15.12 15.76 -7.36
CA VAL C 89 16.33 16.33 -7.91
C VAL C 89 17.20 15.27 -8.55
N GLY C 90 17.41 14.17 -7.83
CA GLY C 90 18.21 13.07 -8.33
C GLY C 90 19.66 13.15 -7.86
N ASP C 91 19.99 14.21 -7.13
CA ASP C 91 21.36 14.39 -6.63
C ASP C 91 21.36 15.13 -5.30
N GLY C 92 22.45 15.05 -4.57
CA GLY C 92 22.52 15.70 -3.26
C GLY C 92 21.79 14.98 -2.13
N THR C 93 21.52 13.69 -2.29
CA THR C 93 20.84 12.95 -1.23
C THR C 93 21.66 12.90 0.08
N THR C 94 22.97 12.74 -0.02
CA THR C 94 23.83 12.77 1.17
C THR C 94 23.82 14.14 1.81
N THR C 95 23.96 15.16 0.97
CA THR C 95 23.92 16.55 1.43
C THR C 95 22.69 16.85 2.27
N ALA C 96 21.51 16.47 1.78
CA ALA C 96 20.25 16.75 2.50
C ALA C 96 20.22 16.09 3.90
N VAL C 97 20.56 14.80 3.96
CA VAL C 97 20.64 14.11 5.24
C VAL C 97 21.71 14.69 6.19
N VAL C 98 22.89 15.02 5.66
CA VAL C 98 23.94 15.59 6.50
C VAL C 98 23.53 16.96 7.08
N VAL C 99 22.89 17.80 6.28
CA VAL C 99 22.38 19.06 6.84
C VAL C 99 21.36 18.80 7.93
N ALA C 100 20.47 17.84 7.70
CA ALA C 100 19.42 17.57 8.69
C ALA C 100 20.05 17.10 10.00
N GLY C 101 20.98 16.15 9.87
CA GLY C 101 21.68 15.63 11.02
C GLY C 101 22.33 16.74 11.80
N GLU C 102 22.92 17.70 11.10
CA GLU C 102 23.62 18.81 11.74
C GLU C 102 22.64 19.81 12.36
N LEU C 103 21.45 19.94 11.77
CA LEU C 103 20.44 20.82 12.34
C LEU C 103 20.04 20.28 13.71
N LEU C 104 19.94 18.97 13.82
CA LEU C 104 19.59 18.33 15.08
C LEU C 104 20.72 18.51 16.08
N ARG C 105 21.97 18.33 15.65
CA ARG C 105 23.09 18.48 16.58
C ARG C 105 23.12 19.89 17.17
N LYS C 106 22.98 20.87 16.29
CA LYS C 106 22.96 22.27 16.68
C LYS C 106 21.78 22.56 17.60
N ALA C 107 20.68 21.82 17.42
CA ALA C 107 19.48 22.08 18.20
C ALA C 107 19.68 21.58 19.63
N GLU C 108 20.46 20.52 19.78
CA GLU C 108 20.72 19.94 21.08
C GLU C 108 21.31 20.98 22.04
N GLU C 109 22.38 21.63 21.58
CA GLU C 109 23.09 22.64 22.35
C GLU C 109 22.15 23.77 22.79
N LEU C 110 21.12 24.04 21.99
CA LEU C 110 20.14 25.03 22.37
C LEU C 110 19.20 24.47 23.41
N LEU C 111 18.76 23.24 23.20
CA LEU C 111 17.92 22.58 24.18
C LEU C 111 18.62 22.44 25.54
N ASP C 112 19.95 22.31 25.53
CA ASP C 112 20.76 22.15 26.74
C ASP C 112 21.11 23.50 27.38
N GLN C 113 20.41 24.56 26.99
CA GLN C 113 20.51 25.85 27.65
C GLN C 113 19.13 26.19 28.12
N ASN C 114 18.19 25.31 27.80
CA ASN C 114 16.80 25.50 28.13
C ASN C 114 16.17 26.55 27.21
N VAL C 115 16.35 26.36 25.91
CA VAL C 115 15.53 27.05 24.91
C VAL C 115 14.37 26.11 24.60
N HIS C 116 13.16 26.66 24.47
CA HIS C 116 11.98 25.83 24.24
C HIS C 116 11.90 25.34 22.79
N PRO C 117 11.64 24.04 22.61
CA PRO C 117 11.52 23.43 21.29
C PRO C 117 10.81 24.29 20.26
N THR C 118 9.69 24.91 20.62
CA THR C 118 8.94 25.72 19.67
C THR C 118 9.75 26.94 19.20
N ILE C 119 10.62 27.43 20.07
CA ILE C 119 11.49 28.56 19.72
C ILE C 119 12.58 28.11 18.74
N VAL C 120 13.17 26.94 18.97
CA VAL C 120 14.06 26.34 18.01
C VAL C 120 13.37 26.15 16.65
N VAL C 121 12.16 25.62 16.70
CA VAL C 121 11.39 25.36 15.51
C VAL C 121 11.09 26.66 14.77
N LYS C 122 10.72 27.68 15.52
CA LYS C 122 10.39 28.99 14.96
C LYS C 122 11.62 29.60 14.30
N GLY C 123 12.76 29.51 14.99
CA GLY C 123 14.00 30.01 14.43
C GLY C 123 14.40 29.25 13.18
N TYR C 124 14.27 27.93 13.23
CA TYR C 124 14.67 27.12 12.10
C TYR C 124 13.82 27.47 10.89
N GLN C 125 12.52 27.64 11.10
CA GLN C 125 11.64 27.93 9.98
C GLN C 125 11.96 29.29 9.35
N ALA C 126 12.21 30.27 10.21
CA ALA C 126 12.53 31.62 9.77
C ALA C 126 13.82 31.62 8.95
N ALA C 127 14.82 30.91 9.46
CA ALA C 127 16.10 30.84 8.73
C ALA C 127 15.91 30.11 7.40
N ALA C 128 15.08 29.07 7.40
CA ALA C 128 14.86 28.26 6.22
C ALA C 128 14.22 29.10 5.12
N GLN C 129 13.25 29.91 5.50
CA GLN C 129 12.56 30.76 4.55
C GLN C 129 13.50 31.85 4.00
N LYS C 130 14.31 32.44 4.89
CA LYS C 130 15.28 33.43 4.46
C LYS C 130 16.27 32.80 3.49
N ALA C 131 16.70 31.60 3.82
CA ALA C 131 17.67 30.90 2.98
C ALA C 131 17.10 30.71 1.58
N GLN C 132 15.83 30.32 1.49
CA GLN C 132 15.22 30.15 0.18
C GLN C 132 15.26 31.45 -0.62
N GLU C 133 15.03 32.57 0.05
CA GLU C 133 15.08 33.88 -0.61
C GLU C 133 16.53 34.22 -1.03
N LEU C 134 17.48 33.99 -0.14
CA LEU C 134 18.86 34.25 -0.49
C LEU C 134 19.31 33.39 -1.68
N LEU C 135 18.92 32.11 -1.68
CA LEU C 135 19.32 31.21 -2.77
C LEU C 135 18.93 31.74 -4.16
N LYS C 136 17.76 32.38 -4.25
CA LYS C 136 17.29 32.86 -5.56
C LYS C 136 18.19 33.95 -6.12
N THR C 137 18.76 34.77 -5.26
CA THR C 137 19.61 35.86 -5.68
C THR C 137 21.03 35.36 -5.92
N ILE C 138 21.45 34.38 -5.13
CA ILE C 138 22.77 33.76 -5.25
C ILE C 138 22.92 32.97 -6.55
N ALA C 139 21.83 32.39 -7.01
CA ALA C 139 21.86 31.53 -8.19
C ALA C 139 22.17 32.31 -9.47
N CYS C 140 22.81 31.65 -10.43
CA CYS C 140 23.10 32.23 -11.75
C CYS C 140 22.07 31.71 -12.74
N GLU C 141 21.67 32.55 -13.68
CA GLU C 141 20.75 32.12 -14.72
C GLU C 141 21.52 31.45 -15.86
N VAL C 142 20.93 30.40 -16.43
CA VAL C 142 21.53 29.74 -17.58
C VAL C 142 20.46 29.29 -18.55
N GLY C 143 20.81 29.16 -19.83
CA GLY C 143 19.85 28.73 -20.84
C GLY C 143 19.78 27.23 -21.00
N ALA C 144 18.58 26.72 -21.26
CA ALA C 144 18.35 25.30 -21.40
C ALA C 144 19.12 24.68 -22.56
N GLN C 145 19.71 25.53 -23.39
CA GLN C 145 20.40 25.07 -24.60
C GLN C 145 21.91 25.28 -24.50
N ASP C 146 22.35 25.76 -23.34
CA ASP C 146 23.77 25.98 -23.09
C ASP C 146 24.43 24.64 -22.76
N LYS C 147 24.83 23.94 -23.81
CA LYS C 147 25.45 22.63 -23.66
C LYS C 147 26.75 22.67 -22.87
N GLU C 148 27.49 23.77 -22.99
CA GLU C 148 28.73 23.89 -22.25
C GLU C 148 28.46 23.86 -20.74
N ILE C 149 27.43 24.58 -20.31
CA ILE C 149 27.08 24.63 -18.91
C ILE C 149 26.48 23.31 -18.47
N LEU C 150 25.56 22.77 -19.27
CA LEU C 150 24.95 21.49 -18.95
C LEU C 150 26.02 20.42 -18.78
N THR C 151 27.05 20.45 -19.61
CA THR C 151 28.15 19.48 -19.49
C THR C 151 28.92 19.63 -18.18
N LYS C 152 29.11 20.87 -17.74
CA LYS C 152 29.76 21.12 -16.46
C LYS C 152 28.91 20.61 -15.30
N ILE C 153 27.60 20.77 -15.44
CA ILE C 153 26.67 20.34 -14.41
C ILE C 153 26.77 18.83 -14.32
N ALA C 154 26.88 18.18 -15.47
CA ALA C 154 26.99 16.73 -15.52
C ALA C 154 28.33 16.23 -14.97
N MET C 155 29.41 16.87 -15.38
CA MET C 155 30.75 16.54 -14.89
C MET C 155 30.84 16.73 -13.37
N THR C 156 30.36 17.86 -12.88
CA THR C 156 30.38 18.09 -11.44
C THR C 156 29.63 16.97 -10.72
N SER C 157 28.42 16.65 -11.19
CA SER C 157 27.63 15.58 -10.56
C SER C 157 28.38 14.25 -10.47
N ILE C 158 28.92 13.81 -11.60
CA ILE C 158 29.62 12.54 -11.64
C ILE C 158 30.88 12.59 -10.75
N THR C 159 31.54 13.75 -10.72
CA THR C 159 32.72 13.90 -9.88
C THR C 159 32.39 13.69 -8.39
N GLY C 160 31.13 13.96 -8.02
CA GLY C 160 30.71 13.75 -6.64
C GLY C 160 30.92 12.31 -6.21
N LYS C 161 30.84 11.41 -7.19
CA LYS C 161 31.11 10.00 -6.96
C LYS C 161 32.55 9.61 -7.32
N GLY C 162 33.46 10.58 -7.38
CA GLY C 162 34.87 10.29 -7.63
C GLY C 162 35.38 10.77 -9.00
N ALA C 163 36.54 11.42 -8.99
CA ALA C 163 37.06 12.04 -10.21
C ALA C 163 37.29 11.03 -11.35
N GLU C 164 37.52 9.76 -11.00
CA GLU C 164 37.80 8.73 -11.99
C GLU C 164 36.56 8.38 -12.81
N LYS C 165 35.38 8.73 -12.31
CA LYS C 165 34.17 8.47 -13.06
C LYS C 165 33.87 9.59 -14.06
N ALA C 166 34.43 10.78 -13.79
CA ALA C 166 34.03 11.98 -14.51
C ALA C 166 34.80 12.16 -15.81
N LYS C 167 34.31 11.51 -16.85
CA LYS C 167 34.88 11.58 -18.18
C LYS C 167 34.04 12.51 -19.06
N GLU C 168 34.70 13.47 -19.69
CA GLU C 168 34.04 14.38 -20.61
C GLU C 168 33.14 13.67 -21.62
N LYS C 169 33.60 12.58 -22.19
CA LYS C 169 32.82 11.93 -23.23
C LYS C 169 31.49 11.51 -22.63
N LEU C 170 31.56 10.90 -21.45
CA LEU C 170 30.37 10.42 -20.77
C LEU C 170 29.42 11.58 -20.42
N ALA C 171 29.97 12.66 -19.87
CA ALA C 171 29.18 13.84 -19.55
C ALA C 171 28.45 14.35 -20.80
N GLU C 172 29.16 14.41 -21.93
CA GLU C 172 28.57 14.90 -23.19
C GLU C 172 27.42 14.01 -23.69
N ILE C 173 27.64 12.70 -23.66
CA ILE C 173 26.60 11.73 -23.96
C ILE C 173 25.35 12.00 -23.12
N ILE C 174 25.54 12.20 -21.82
CA ILE C 174 24.44 12.40 -20.89
C ILE C 174 23.67 13.67 -21.24
N VAL C 175 24.43 14.75 -21.49
CA VAL C 175 23.81 15.99 -21.94
C VAL C 175 23.01 15.76 -23.23
N GLU C 176 23.57 15.00 -24.18
CA GLU C 176 22.84 14.70 -25.41
C GLU C 176 21.57 13.91 -25.13
N ALA C 177 21.66 12.97 -24.19
CA ALA C 177 20.51 12.12 -23.87
C ALA C 177 19.36 12.94 -23.28
N VAL C 178 19.67 13.79 -22.32
CA VAL C 178 18.63 14.57 -21.65
C VAL C 178 18.05 15.60 -22.63
N SER C 179 18.93 16.28 -23.37
CA SER C 179 18.50 17.21 -24.42
C SER C 179 17.52 16.58 -25.38
N ALA C 180 17.74 15.32 -25.74
CA ALA C 180 16.86 14.65 -26.70
C ALA C 180 15.44 14.41 -26.20
N VAL C 181 15.24 14.32 -24.89
CA VAL C 181 13.90 13.96 -24.40
C VAL C 181 13.09 15.14 -23.81
N VAL C 182 13.69 16.33 -23.76
CA VAL C 182 12.97 17.51 -23.31
C VAL C 182 11.67 17.59 -24.11
N ASP C 183 10.54 17.76 -23.41
CA ASP C 183 9.25 17.72 -24.08
C ASP C 183 8.81 19.10 -24.58
N ASP C 184 7.63 19.18 -25.19
CA ASP C 184 7.21 20.43 -25.84
C ASP C 184 6.78 21.51 -24.83
N GLU C 185 7.00 21.27 -23.54
CA GLU C 185 6.83 22.32 -22.52
C GLU C 185 8.15 22.58 -21.77
N GLY C 186 9.24 22.03 -22.29
CA GLY C 186 10.54 22.24 -21.67
C GLY C 186 10.78 21.41 -20.43
N LYS C 187 9.95 20.39 -20.21
CA LYS C 187 10.10 19.46 -19.07
C LYS C 187 10.94 18.22 -19.39
N VAL C 188 11.65 17.71 -18.39
CA VAL C 188 12.42 16.47 -18.53
C VAL C 188 11.84 15.33 -17.70
N ASP C 189 11.40 14.27 -18.37
CA ASP C 189 10.97 13.07 -17.67
C ASP C 189 12.11 12.06 -17.72
N LYS C 190 12.83 11.89 -16.61
CA LYS C 190 13.98 10.97 -16.59
C LYS C 190 13.63 9.56 -17.07
N ASP C 191 12.39 9.13 -16.89
CA ASP C 191 11.92 7.81 -17.37
C ASP C 191 12.08 7.60 -18.88
N LEU C 192 12.23 8.69 -19.63
CA LEU C 192 12.34 8.57 -21.08
C LEU C 192 13.75 8.24 -21.52
N ILE C 193 14.68 8.26 -20.57
CA ILE C 193 16.02 7.77 -20.85
C ILE C 193 16.15 6.36 -20.32
N LYS C 194 15.97 5.42 -21.24
CA LYS C 194 16.06 4.00 -20.94
C LYS C 194 17.48 3.69 -20.50
N ILE C 195 17.62 3.04 -19.35
CA ILE C 195 18.94 2.59 -18.92
C ILE C 195 19.12 1.10 -19.17
N GLU C 196 20.14 0.77 -19.94
CA GLU C 196 20.46 -0.63 -20.19
C GLU C 196 21.88 -0.90 -19.71
N LYS C 197 22.08 -2.03 -19.06
CA LYS C 197 23.36 -2.35 -18.43
C LYS C 197 23.91 -3.66 -18.93
N LYS C 198 25.06 -3.58 -19.59
CA LYS C 198 25.62 -4.73 -20.28
C LYS C 198 27.13 -4.80 -20.13
N SER C 199 27.64 -5.94 -19.65
CA SER C 199 29.08 -6.07 -19.47
C SER C 199 29.82 -5.95 -20.80
N GLY C 200 31.08 -5.56 -20.75
CA GLY C 200 31.81 -5.28 -21.97
C GLY C 200 33.29 -5.13 -21.68
N ALA C 201 34.00 -4.53 -22.63
CA ALA C 201 35.45 -4.41 -22.57
C ALA C 201 35.87 -3.32 -21.62
N SER C 202 35.00 -2.32 -21.44
CA SER C 202 35.37 -1.12 -20.69
C SER C 202 34.20 -0.19 -20.41
N ILE C 203 34.26 0.49 -19.27
CA ILE C 203 33.32 1.55 -18.93
C ILE C 203 33.25 2.61 -20.03
N ASP C 204 34.37 2.82 -20.71
CA ASP C 204 34.43 3.79 -21.81
C ASP C 204 33.54 3.41 -22.99
N ASP C 205 33.12 2.14 -23.08
CA ASP C 205 32.26 1.73 -24.20
C ASP C 205 30.81 2.19 -24.04
N THR C 206 30.50 2.81 -22.90
CA THR C 206 29.18 3.38 -22.69
C THR C 206 28.81 4.30 -23.85
N GLU C 207 27.56 4.22 -24.30
CA GLU C 207 27.10 4.98 -25.47
C GLU C 207 25.63 5.34 -25.39
N LEU C 208 25.27 6.39 -26.13
CA LEU C 208 23.89 6.85 -26.23
C LEU C 208 23.32 6.31 -27.52
N ILE C 209 22.21 5.61 -27.41
CA ILE C 209 21.48 5.12 -28.58
C ILE C 209 20.25 6.00 -28.83
N LYS C 210 20.21 6.63 -30.01
CA LYS C 210 19.05 7.42 -30.44
C LYS C 210 17.95 6.44 -30.86
N GLY C 211 17.28 5.85 -29.88
CA GLY C 211 16.36 4.75 -30.16
C GLY C 211 16.23 3.86 -28.94
N VAL C 212 15.83 2.60 -29.14
CA VAL C 212 15.65 1.69 -28.01
C VAL C 212 16.22 0.31 -28.28
N LEU C 213 16.48 -0.42 -27.19
CA LEU C 213 16.86 -1.82 -27.24
C LEU C 213 15.68 -2.70 -26.86
N VAL C 214 15.43 -3.73 -27.65
CA VAL C 214 14.34 -4.63 -27.33
C VAL C 214 14.90 -6.02 -27.06
N ASP C 215 14.69 -6.53 -25.85
CA ASP C 215 15.11 -7.88 -25.50
C ASP C 215 14.19 -8.89 -26.19
N LYS C 216 14.37 -9.01 -27.50
CA LYS C 216 13.59 -9.90 -28.35
C LYS C 216 14.44 -10.35 -29.54
N GLU C 217 14.02 -11.44 -30.16
CA GLU C 217 14.59 -11.90 -31.41
C GLU C 217 13.46 -11.88 -32.40
N ARG C 218 13.76 -11.71 -33.68
CA ARG C 218 12.69 -11.78 -34.66
C ARG C 218 12.09 -13.16 -34.62
N VAL C 219 10.81 -13.23 -34.96
CA VAL C 219 10.04 -14.43 -34.76
C VAL C 219 10.48 -15.55 -35.70
N SER C 220 11.00 -15.20 -36.88
CA SER C 220 11.46 -16.22 -37.81
C SER C 220 12.82 -15.91 -38.39
N ALA C 221 13.68 -16.92 -38.48
CA ALA C 221 15.04 -16.73 -38.99
C ALA C 221 15.05 -16.35 -40.46
N GLN C 222 13.92 -16.58 -41.14
CA GLN C 222 13.80 -16.22 -42.55
C GLN C 222 13.77 -14.70 -42.76
N MET C 223 13.29 -13.96 -41.76
CA MET C 223 13.29 -12.50 -41.81
C MET C 223 14.71 -11.93 -41.83
N PRO C 224 14.89 -10.76 -42.45
CA PRO C 224 16.18 -10.07 -42.43
C PRO C 224 16.66 -9.86 -41.01
N LYS C 225 17.98 -9.78 -40.83
CA LYS C 225 18.53 -9.57 -39.51
C LYS C 225 18.78 -8.08 -39.32
N LYS C 226 18.79 -7.37 -40.44
CA LYS C 226 19.20 -5.98 -40.47
C LYS C 226 18.41 -5.23 -41.54
N VAL C 227 17.77 -4.14 -41.16
CA VAL C 227 17.15 -3.27 -42.15
C VAL C 227 17.42 -1.79 -41.91
N THR C 228 17.85 -1.09 -42.95
CA THR C 228 18.14 0.33 -42.89
C THR C 228 16.96 1.18 -43.34
N ASP C 229 16.85 2.38 -42.79
CA ASP C 229 15.71 3.24 -43.09
C ASP C 229 14.42 2.43 -43.01
N ALA C 230 14.18 1.86 -41.84
CA ALA C 230 13.05 0.96 -41.60
C ALA C 230 11.74 1.73 -41.42
N LYS C 231 10.66 1.09 -41.83
CA LYS C 231 9.31 1.64 -41.66
C LYS C 231 8.58 0.76 -40.66
N ILE C 232 8.40 1.26 -39.45
CA ILE C 232 8.03 0.42 -38.31
C ILE C 232 6.55 0.49 -37.96
N ALA C 233 5.92 -0.68 -37.92
CA ALA C 233 4.54 -0.82 -37.48
C ALA C 233 4.51 -1.30 -36.03
N LEU C 234 3.55 -0.80 -35.25
CA LEU C 234 3.37 -1.15 -33.84
C LEU C 234 1.94 -1.60 -33.56
N LEU C 235 1.72 -2.89 -33.32
CA LEU C 235 0.38 -3.40 -33.09
C LEU C 235 0.21 -3.95 -31.69
N ASN C 236 -0.87 -3.56 -31.01
CA ASN C 236 -1.17 -4.11 -29.70
C ASN C 236 -2.25 -5.19 -29.76
N CYS C 237 -2.71 -5.49 -30.98
CA CYS C 237 -3.64 -6.57 -31.20
C CYS C 237 -2.89 -7.78 -31.74
N ALA C 238 -3.39 -8.96 -31.44
CA ALA C 238 -2.74 -10.20 -31.84
C ALA C 238 -2.97 -10.50 -33.32
N ILE C 239 -1.88 -10.79 -34.03
CA ILE C 239 -2.00 -11.23 -35.41
C ILE C 239 -2.38 -12.69 -35.37
N GLU C 240 -3.59 -12.95 -34.90
CA GLU C 240 -4.15 -14.29 -34.83
C GLU C 240 -5.56 -14.23 -35.38
N ILE C 241 -6.18 -15.39 -35.53
CA ILE C 241 -7.56 -15.44 -36.01
C ILE C 241 -8.46 -14.66 -35.06
N LYS C 242 -9.29 -13.79 -35.61
CA LYS C 242 -10.19 -13.02 -34.76
C LYS C 242 -11.41 -13.88 -34.40
N GLU C 243 -11.82 -13.82 -33.15
CA GLU C 243 -13.01 -14.54 -32.68
C GLU C 243 -13.99 -13.57 -32.04
N THR C 244 -15.26 -13.76 -32.34
CA THR C 244 -16.30 -12.87 -31.83
C THR C 244 -16.36 -12.91 -30.29
N GLU C 245 -16.85 -11.82 -29.71
CA GLU C 245 -16.98 -11.70 -28.26
C GLU C 245 -18.21 -12.46 -27.74
N THR C 246 -19.26 -12.52 -28.56
CA THR C 246 -20.41 -13.37 -28.29
C THR C 246 -20.00 -14.83 -28.55
N ASP C 247 -20.40 -15.75 -27.66
CA ASP C 247 -20.11 -17.18 -27.85
C ASP C 247 -20.62 -17.70 -29.20
N ALA C 248 -19.70 -18.05 -30.09
CA ALA C 248 -20.08 -18.55 -31.40
C ALA C 248 -19.46 -19.92 -31.66
N GLU C 249 -20.21 -20.78 -32.33
CA GLU C 249 -19.75 -22.14 -32.64
C GLU C 249 -20.06 -22.52 -34.08
N ILE C 250 -19.08 -23.05 -34.78
CA ILE C 250 -19.32 -23.54 -36.12
C ILE C 250 -20.01 -24.90 -36.03
N ARG C 251 -20.96 -25.14 -36.92
CA ARG C 251 -21.55 -26.46 -37.09
C ARG C 251 -21.32 -26.92 -38.52
N ILE C 252 -20.65 -28.07 -38.66
CA ILE C 252 -20.36 -28.67 -39.96
C ILE C 252 -21.16 -29.95 -40.16
N THR C 253 -21.92 -30.01 -41.26
CA THR C 253 -22.72 -31.19 -41.58
C THR C 253 -22.26 -31.83 -42.87
N ASP C 254 -21.60 -31.03 -43.70
CA ASP C 254 -21.07 -31.48 -44.97
C ASP C 254 -19.55 -31.60 -44.90
N PRO C 255 -19.02 -32.81 -45.14
CA PRO C 255 -17.57 -33.04 -45.15
C PRO C 255 -16.78 -31.99 -45.95
N ALA C 256 -17.35 -31.51 -47.05
CA ALA C 256 -16.67 -30.55 -47.91
C ALA C 256 -16.34 -29.24 -47.18
N LYS C 257 -17.18 -28.89 -46.20
CA LYS C 257 -17.02 -27.64 -45.47
C LYS C 257 -15.87 -27.63 -44.47
N LEU C 258 -15.40 -28.81 -44.05
CA LEU C 258 -14.23 -28.86 -43.14
C LEU C 258 -13.10 -27.98 -43.65
N MET C 259 -12.63 -28.28 -44.86
CA MET C 259 -11.56 -27.52 -45.47
C MET C 259 -11.99 -26.09 -45.78
N GLU C 260 -13.28 -25.86 -45.90
CA GLU C 260 -13.77 -24.55 -46.27
C GLU C 260 -13.54 -23.54 -45.13
N PHE C 261 -13.68 -24.02 -43.90
CA PHE C 261 -13.48 -23.17 -42.72
C PHE C 261 -12.00 -23.02 -42.43
N ILE C 262 -11.24 -24.10 -42.62
CA ILE C 262 -9.80 -24.02 -42.47
C ILE C 262 -9.20 -23.03 -43.48
N GLU C 263 -9.62 -23.15 -44.74
CA GLU C 263 -9.10 -22.28 -45.78
C GLU C 263 -9.51 -20.84 -45.53
N GLN C 264 -10.65 -20.65 -44.88
CA GLN C 264 -11.13 -19.31 -44.58
C GLN C 264 -10.23 -18.66 -43.56
N GLU C 265 -9.90 -19.40 -42.50
CA GLU C 265 -9.08 -18.85 -41.45
C GLU C 265 -7.73 -18.39 -41.98
N GLU C 266 -7.03 -19.27 -42.69
CA GLU C 266 -5.71 -18.90 -43.18
C GLU C 266 -5.76 -17.74 -44.17
N LYS C 267 -6.88 -17.62 -44.90
CA LYS C 267 -7.03 -16.53 -45.86
C LYS C 267 -7.11 -15.18 -45.17
N MET C 268 -7.66 -15.15 -43.97
CA MET C 268 -7.76 -13.90 -43.25
C MET C 268 -6.44 -13.62 -42.53
N LEU C 269 -5.73 -14.68 -42.16
CA LEU C 269 -4.38 -14.51 -41.67
C LEU C 269 -3.57 -13.87 -42.79
N LYS C 270 -3.68 -14.46 -43.97
CA LYS C 270 -2.93 -13.97 -45.12
C LYS C 270 -3.32 -12.54 -45.46
N ASP C 271 -4.52 -12.14 -45.05
CA ASP C 271 -5.02 -10.81 -45.38
C ASP C 271 -4.59 -9.76 -44.37
N MET C 272 -4.42 -10.18 -43.13
CA MET C 272 -3.85 -9.31 -42.10
C MET C 272 -2.45 -8.93 -42.54
N VAL C 273 -1.71 -9.93 -43.00
CA VAL C 273 -0.33 -9.71 -43.43
C VAL C 273 -0.25 -8.82 -44.68
N ALA C 274 -1.20 -8.99 -45.60
CA ALA C 274 -1.27 -8.11 -46.75
C ALA C 274 -1.70 -6.70 -46.34
N GLU C 275 -2.48 -6.61 -45.27
CA GLU C 275 -2.85 -5.28 -44.79
C GLU C 275 -1.63 -4.58 -44.21
N ILE C 276 -0.79 -5.36 -43.52
CA ILE C 276 0.41 -4.83 -42.89
C ILE C 276 1.45 -4.41 -43.94
N LYS C 277 1.68 -5.27 -44.92
CA LYS C 277 2.58 -4.98 -46.03
C LYS C 277 2.12 -3.73 -46.76
N ALA C 278 0.82 -3.62 -46.96
CA ALA C 278 0.25 -2.54 -47.73
C ALA C 278 0.55 -1.17 -47.14
N SER C 279 0.70 -1.12 -45.82
CA SER C 279 0.96 0.16 -45.14
C SER C 279 2.34 0.69 -45.49
N GLY C 280 3.21 -0.22 -45.93
CA GLY C 280 4.58 0.14 -46.22
C GLY C 280 5.55 -0.30 -45.14
N ALA C 281 5.04 -0.92 -44.09
CA ALA C 281 5.90 -1.40 -43.00
C ALA C 281 6.79 -2.52 -43.49
N ASN C 282 8.03 -2.51 -43.03
CA ASN C 282 8.93 -3.63 -43.25
C ASN C 282 9.50 -4.13 -41.92
N VAL C 283 9.15 -3.44 -40.83
CA VAL C 283 9.47 -3.89 -39.48
C VAL C 283 8.21 -3.82 -38.62
N LEU C 284 7.99 -4.85 -37.81
CA LEU C 284 6.79 -4.91 -36.98
C LEU C 284 7.05 -5.41 -35.55
N PHE C 285 6.51 -4.69 -34.56
CA PHE C 285 6.55 -5.12 -33.15
C PHE C 285 5.11 -5.32 -32.64
N CYS C 286 4.76 -6.56 -32.31
CA CYS C 286 3.43 -6.91 -31.81
C CYS C 286 3.43 -7.21 -30.29
N GLN C 287 2.50 -6.59 -29.58
CA GLN C 287 2.38 -6.76 -28.14
C GLN C 287 1.85 -8.15 -27.80
N LYS C 288 1.06 -8.71 -28.71
CA LYS C 288 0.45 -10.00 -28.48
C LYS C 288 1.07 -11.04 -29.38
N GLY C 289 0.44 -12.20 -29.48
CA GLY C 289 1.00 -13.28 -30.27
C GLY C 289 0.87 -13.05 -31.77
N ILE C 290 1.70 -13.74 -32.53
CA ILE C 290 1.58 -13.77 -33.97
C ILE C 290 1.48 -15.22 -34.38
N ASP C 291 0.31 -15.61 -34.89
CA ASP C 291 0.10 -16.96 -35.37
C ASP C 291 1.32 -17.43 -36.16
N ASP C 292 1.78 -18.64 -35.88
CA ASP C 292 2.93 -19.22 -36.60
C ASP C 292 2.78 -19.04 -38.10
N LEU C 293 1.56 -19.18 -38.60
CA LEU C 293 1.30 -19.09 -40.03
C LEU C 293 1.52 -17.65 -40.55
N ALA C 294 1.08 -16.67 -39.77
CA ALA C 294 1.30 -15.28 -40.14
C ALA C 294 2.79 -14.97 -40.09
N GLN C 295 3.47 -15.56 -39.10
CA GLN C 295 4.92 -15.44 -39.00
C GLN C 295 5.53 -15.82 -40.35
N HIS C 296 5.11 -16.95 -40.89
CA HIS C 296 5.60 -17.38 -42.20
C HIS C 296 5.33 -16.31 -43.25
N TYR C 297 4.10 -15.83 -43.31
CA TYR C 297 3.70 -14.85 -44.32
C TYR C 297 4.52 -13.57 -44.21
N LEU C 298 4.66 -13.04 -43.00
CA LEU C 298 5.52 -11.89 -42.80
C LEU C 298 6.92 -12.18 -43.34
N ALA C 299 7.45 -13.35 -42.99
CA ALA C 299 8.74 -13.81 -43.50
C ALA C 299 8.80 -13.78 -45.03
N LYS C 300 7.78 -14.31 -45.69
CA LYS C 300 7.76 -14.28 -47.15
C LYS C 300 7.80 -12.87 -47.71
N GLU C 301 7.04 -11.95 -47.12
CA GLU C 301 6.98 -10.59 -47.60
C GLU C 301 8.22 -9.80 -47.19
N GLY C 302 9.16 -10.47 -46.54
CA GLY C 302 10.39 -9.82 -46.11
C GLY C 302 10.18 -8.77 -45.02
N ILE C 303 9.27 -9.04 -44.10
CA ILE C 303 8.99 -8.12 -43.01
C ILE C 303 9.53 -8.65 -41.68
N VAL C 304 10.37 -7.87 -41.03
CA VAL C 304 10.89 -8.25 -39.73
C VAL C 304 9.80 -8.06 -38.69
N ALA C 305 9.52 -9.09 -37.90
CA ALA C 305 8.56 -8.95 -36.81
C ALA C 305 9.01 -9.61 -35.52
N ALA C 306 8.66 -9.00 -34.40
CA ALA C 306 8.84 -9.60 -33.07
C ALA C 306 7.47 -9.66 -32.41
N ARG C 307 7.26 -10.66 -31.56
CA ARG C 307 5.96 -10.94 -30.95
C ARG C 307 6.01 -10.83 -29.43
N ARG C 308 4.83 -10.73 -28.83
CA ARG C 308 4.69 -10.64 -27.38
C ARG C 308 5.62 -9.62 -26.76
N VAL C 309 5.77 -8.47 -27.41
CA VAL C 309 6.60 -7.40 -26.87
C VAL C 309 5.87 -6.76 -25.70
N LYS C 310 6.58 -6.53 -24.60
CA LYS C 310 5.94 -5.98 -23.41
C LYS C 310 5.52 -4.54 -23.62
N LYS C 311 4.34 -4.19 -23.10
CA LYS C 311 3.77 -2.86 -23.24
C LYS C 311 4.83 -1.78 -23.15
N SER C 312 5.66 -1.90 -22.11
CA SER C 312 6.69 -0.93 -21.81
C SER C 312 7.56 -0.61 -23.03
N ASP C 313 7.99 -1.65 -23.75
CA ASP C 313 8.84 -1.44 -24.91
C ASP C 313 8.03 -0.85 -26.07
N MET C 314 6.81 -1.35 -26.25
CA MET C 314 5.88 -0.79 -27.22
C MET C 314 5.79 0.72 -27.04
N GLU C 315 5.65 1.14 -25.79
CA GLU C 315 5.52 2.56 -25.47
C GLU C 315 6.80 3.34 -25.73
N LYS C 316 7.95 2.74 -25.41
CA LYS C 316 9.23 3.34 -25.74
C LYS C 316 9.46 3.36 -27.26
N LEU C 317 9.02 2.32 -27.95
CA LEU C 317 9.18 2.28 -29.40
C LEU C 317 8.38 3.43 -30.03
N ALA C 318 7.16 3.63 -29.55
CA ALA C 318 6.30 4.71 -30.05
C ALA C 318 6.99 6.05 -29.87
N LYS C 319 7.50 6.28 -28.65
CA LYS C 319 8.16 7.54 -28.32
C LYS C 319 9.36 7.76 -29.23
N ALA C 320 10.11 6.68 -29.43
CA ALA C 320 11.37 6.70 -30.16
C ALA C 320 11.23 6.96 -31.67
N THR C 321 10.35 6.20 -32.31
CA THR C 321 10.21 6.21 -33.77
C THR C 321 9.00 7.00 -34.25
N GLY C 322 8.15 7.41 -33.31
CA GLY C 322 6.96 8.18 -33.65
C GLY C 322 5.87 7.39 -34.35
N ALA C 323 5.86 6.08 -34.16
CA ALA C 323 4.76 5.24 -34.64
C ALA C 323 3.56 5.31 -33.69
N ASN C 324 2.37 5.10 -34.22
CA ASN C 324 1.19 4.91 -33.39
C ASN C 324 0.97 3.44 -33.07
N VAL C 325 0.98 3.09 -31.80
CA VAL C 325 0.58 1.75 -31.43
C VAL C 325 -0.87 1.58 -31.85
N ILE C 326 -1.13 0.65 -32.76
CA ILE C 326 -2.45 0.48 -33.35
C ILE C 326 -3.15 -0.79 -32.85
N ALA C 327 -4.47 -0.71 -32.66
CA ALA C 327 -5.23 -1.84 -32.11
C ALA C 327 -6.09 -2.57 -33.13
N ALA C 328 -6.18 -2.02 -34.33
CA ALA C 328 -6.97 -2.64 -35.39
C ALA C 328 -6.13 -2.81 -36.64
N ILE C 329 -5.88 -4.05 -37.04
CA ILE C 329 -5.04 -4.29 -38.19
C ILE C 329 -5.59 -3.55 -39.41
N ALA C 330 -6.90 -3.63 -39.61
CA ALA C 330 -7.55 -2.95 -40.72
C ALA C 330 -7.19 -1.46 -40.75
N ALA C 331 -7.03 -0.88 -39.56
CA ALA C 331 -6.82 0.57 -39.41
C ALA C 331 -5.38 1.02 -39.63
N LEU C 332 -4.48 0.06 -39.82
CA LEU C 332 -3.09 0.37 -40.04
C LEU C 332 -2.90 1.14 -41.35
N SER C 333 -2.49 2.40 -41.24
CA SER C 333 -2.16 3.19 -42.40
C SER C 333 -0.69 3.58 -42.36
N ALA C 334 -0.19 4.11 -43.47
CA ALA C 334 1.23 4.43 -43.58
C ALA C 334 1.65 5.58 -42.67
N GLN C 335 0.67 6.34 -42.18
CA GLN C 335 0.98 7.46 -41.28
C GLN C 335 1.03 7.01 -39.82
N ASP C 336 0.97 5.71 -39.60
CA ASP C 336 1.10 5.17 -38.26
C ASP C 336 2.51 4.62 -38.06
N LEU C 337 3.23 4.50 -39.16
CA LEU C 337 4.54 3.87 -39.18
C LEU C 337 5.63 4.80 -38.65
N GLY C 338 6.50 4.28 -37.80
CA GLY C 338 7.64 5.04 -37.29
C GLY C 338 8.82 4.88 -38.21
N ASP C 339 9.89 5.63 -37.95
CA ASP C 339 11.12 5.49 -38.72
C ASP C 339 12.32 5.25 -37.81
N ALA C 340 13.35 4.63 -38.36
CA ALA C 340 14.66 4.47 -37.71
C ALA C 340 15.71 4.24 -38.78
N GLY C 341 16.91 4.80 -38.57
CA GLY C 341 17.99 4.60 -39.51
C GLY C 341 18.43 3.15 -39.61
N LEU C 342 18.38 2.46 -38.48
CA LEU C 342 18.80 1.07 -38.43
C LEU C 342 18.00 0.26 -37.42
N VAL C 343 17.35 -0.78 -37.91
CA VAL C 343 16.84 -1.83 -37.03
C VAL C 343 17.66 -3.07 -37.28
N GLU C 344 18.27 -3.60 -36.22
CA GLU C 344 19.16 -4.74 -36.33
C GLU C 344 19.02 -5.74 -35.17
N GLU C 345 18.88 -7.02 -35.49
CA GLU C 345 18.99 -8.04 -34.47
C GLU C 345 20.45 -8.44 -34.35
N ARG C 346 20.98 -8.33 -33.14
CA ARG C 346 22.40 -8.36 -32.88
C ARG C 346 22.61 -8.92 -31.47
N LYS C 347 23.68 -9.66 -31.27
CA LYS C 347 24.03 -10.12 -29.93
C LYS C 347 24.86 -9.06 -29.18
N ILE C 348 24.58 -8.90 -27.90
CA ILE C 348 25.39 -8.05 -27.05
C ILE C 348 25.68 -8.77 -25.73
N SER C 349 26.96 -9.00 -25.46
CA SER C 349 27.35 -9.78 -24.29
C SER C 349 26.63 -11.12 -24.31
N GLY C 350 26.60 -11.75 -25.48
CA GLY C 350 25.96 -13.05 -25.62
C GLY C 350 24.44 -13.05 -25.65
N ASP C 351 23.83 -11.87 -25.54
CA ASP C 351 22.38 -11.79 -25.55
C ASP C 351 21.85 -11.23 -26.89
N SER C 352 20.94 -11.98 -27.51
CA SER C 352 20.29 -11.52 -28.75
C SER C 352 19.26 -10.44 -28.47
N MET C 353 19.42 -9.29 -29.14
CA MET C 353 18.49 -8.18 -28.96
C MET C 353 18.23 -7.43 -30.27
N ILE C 354 17.07 -6.79 -30.35
CA ILE C 354 16.72 -5.93 -31.46
C ILE C 354 17.06 -4.46 -31.16
N PHE C 355 18.08 -3.95 -31.84
CA PHE C 355 18.47 -2.54 -31.74
C PHE C 355 17.67 -1.73 -32.73
N VAL C 356 16.96 -0.72 -32.22
CA VAL C 356 16.27 0.22 -33.09
C VAL C 356 16.98 1.55 -32.89
N GLU C 357 17.81 1.94 -33.86
CA GLU C 357 18.68 3.12 -33.65
C GLU C 357 18.70 4.17 -34.76
N GLU C 358 19.38 5.27 -34.48
CA GLU C 358 19.51 6.35 -35.43
C GLU C 358 18.14 6.86 -35.84
N CYS C 359 17.24 6.98 -34.88
CA CYS C 359 16.00 7.71 -35.12
C CYS C 359 16.31 9.21 -35.14
N LYS C 360 15.52 9.98 -35.88
CA LYS C 360 15.87 11.37 -36.13
C LYS C 360 15.52 12.33 -34.99
N HIS C 361 14.28 12.29 -34.54
CA HIS C 361 13.93 13.07 -33.34
C HIS C 361 13.26 12.19 -32.28
N PRO C 362 14.05 11.29 -31.66
CA PRO C 362 13.45 10.38 -30.68
C PRO C 362 12.94 11.12 -29.44
N LYS C 363 11.74 10.75 -28.98
CA LYS C 363 11.17 11.29 -27.75
C LYS C 363 11.61 10.42 -26.56
N ALA C 364 12.20 9.27 -26.85
CA ALA C 364 12.89 8.50 -25.83
C ALA C 364 14.18 7.94 -26.43
N VAL C 365 15.21 7.84 -25.60
CA VAL C 365 16.50 7.33 -26.01
C VAL C 365 17.01 6.34 -24.99
N THR C 366 18.14 5.71 -25.30
CA THR C 366 18.70 4.64 -24.44
C THR C 366 20.15 4.91 -24.11
N MET C 367 20.46 4.97 -22.82
CA MET C 367 21.84 4.99 -22.38
C MET C 367 22.26 3.53 -22.22
N LEU C 368 23.19 3.11 -23.07
CA LEU C 368 23.71 1.75 -22.99
C LEU C 368 25.00 1.79 -22.19
N ILE C 369 24.91 1.42 -20.93
CA ILE C 369 26.04 1.51 -20.01
C ILE C 369 26.89 0.23 -20.02
N ARG C 370 28.18 0.40 -20.20
CA ARG C 370 29.10 -0.74 -20.33
C ARG C 370 30.11 -0.72 -19.21
N GLY C 371 30.74 -1.86 -18.98
CA GLY C 371 31.74 -2.00 -17.93
C GLY C 371 32.16 -3.45 -17.79
N THR C 372 33.24 -3.70 -17.06
CA THR C 372 33.82 -5.04 -17.09
C THR C 372 33.05 -5.99 -16.21
N THR C 373 32.50 -5.51 -15.11
CA THR C 373 31.73 -6.39 -14.24
C THR C 373 30.39 -5.79 -13.87
N GLU C 374 29.48 -6.65 -13.47
CA GLU C 374 28.14 -6.25 -13.07
C GLU C 374 28.18 -5.16 -11.99
N HIS C 375 28.99 -5.35 -10.96
CA HIS C 375 29.03 -4.37 -9.87
C HIS C 375 29.72 -3.06 -10.26
N VAL C 376 30.73 -3.13 -11.12
CA VAL C 376 31.33 -1.89 -11.63
C VAL C 376 30.26 -1.10 -12.43
N ILE C 377 29.50 -1.81 -13.26
CA ILE C 377 28.43 -1.21 -14.05
C ILE C 377 27.34 -0.58 -13.20
N GLU C 378 26.89 -1.28 -12.16
CA GLU C 378 25.86 -0.77 -11.27
C GLU C 378 26.17 0.66 -10.75
N GLU C 379 27.42 0.90 -10.33
CA GLU C 379 27.77 2.20 -9.77
C GLU C 379 27.89 3.29 -10.84
N VAL C 380 28.39 2.94 -12.02
CA VAL C 380 28.39 3.85 -13.15
C VAL C 380 26.96 4.26 -13.50
N ALA C 381 26.04 3.29 -13.54
CA ALA C 381 24.63 3.62 -13.74
C ALA C 381 24.13 4.59 -12.66
N ARG C 382 24.51 4.36 -11.41
CA ARG C 382 24.07 5.28 -10.36
C ARG C 382 24.59 6.72 -10.60
N ALA C 383 25.82 6.84 -11.07
CA ALA C 383 26.39 8.14 -11.39
C ALA C 383 25.70 8.75 -12.61
N VAL C 384 25.40 7.93 -13.62
CA VAL C 384 24.64 8.42 -14.75
C VAL C 384 23.28 8.96 -14.27
N ASP C 385 22.64 8.25 -13.35
CA ASP C 385 21.35 8.73 -12.85
C ASP C 385 21.43 10.10 -12.14
N ASP C 386 22.51 10.32 -11.36
CA ASP C 386 22.75 11.60 -10.69
C ASP C 386 22.78 12.71 -11.75
N ALA C 387 23.55 12.47 -12.81
CA ALA C 387 23.82 13.47 -13.83
C ALA C 387 22.58 13.78 -14.66
N VAL C 388 21.89 12.73 -15.09
CA VAL C 388 20.62 12.90 -15.76
C VAL C 388 19.72 13.79 -14.91
N GLY C 389 19.60 13.45 -13.63
CA GLY C 389 18.81 14.23 -12.71
C GLY C 389 19.14 15.72 -12.74
N VAL C 390 20.40 16.08 -12.51
CA VAL C 390 20.77 17.50 -12.44
C VAL C 390 20.79 18.20 -13.81
N VAL C 391 21.17 17.50 -14.87
CA VAL C 391 21.07 18.11 -16.19
C VAL C 391 19.59 18.49 -16.40
N GLY C 392 18.71 17.55 -16.09
CA GLY C 392 17.28 17.76 -16.18
C GLY C 392 16.75 18.92 -15.37
N CYS C 393 17.23 19.07 -14.14
CA CYS C 393 16.85 20.20 -13.27
C CYS C 393 17.32 21.54 -13.85
N THR C 394 18.51 21.53 -14.42
CA THR C 394 19.10 22.75 -14.95
C THR C 394 18.32 23.19 -16.18
N ILE C 395 17.96 22.22 -17.02
CA ILE C 395 17.13 22.50 -18.17
C ILE C 395 15.77 23.06 -17.78
N GLU C 396 15.17 22.52 -16.73
CA GLU C 396 13.86 22.97 -16.29
C GLU C 396 13.90 24.32 -15.56
N ASP C 397 14.96 24.56 -14.81
CA ASP C 397 15.00 25.69 -13.90
C ASP C 397 15.79 26.87 -14.46
N GLY C 398 16.82 26.57 -15.24
CA GLY C 398 17.68 27.61 -15.76
C GLY C 398 18.41 28.34 -14.65
N ARG C 399 18.56 27.68 -13.49
CA ARG C 399 19.29 28.26 -12.36
C ARG C 399 20.33 27.29 -11.83
N ILE C 400 21.57 27.77 -11.66
CA ILE C 400 22.62 26.99 -11.02
C ILE C 400 23.34 27.78 -9.92
N VAL C 401 24.11 27.08 -9.07
CA VAL C 401 24.96 27.74 -8.08
C VAL C 401 26.35 27.12 -8.15
N SER C 402 27.34 27.80 -7.58
CA SER C 402 28.68 27.22 -7.52
C SER C 402 28.73 26.13 -6.43
N GLY C 403 29.57 25.12 -6.61
CA GLY C 403 29.64 24.00 -5.69
C GLY C 403 30.84 24.05 -4.77
N GLY C 404 31.26 22.89 -4.28
CA GLY C 404 32.36 22.84 -3.34
C GLY C 404 32.06 23.43 -1.97
N GLY C 405 30.79 23.61 -1.64
CA GLY C 405 30.42 24.22 -0.37
C GLY C 405 30.43 25.75 -0.37
N SER C 406 30.80 26.34 -1.51
CA SER C 406 30.86 27.79 -1.64
C SER C 406 29.49 28.41 -1.33
N THR C 407 28.43 27.79 -1.84
CA THR C 407 27.09 28.34 -1.69
C THR C 407 26.63 28.24 -0.24
N GLU C 408 26.94 27.12 0.40
CA GLU C 408 26.62 26.99 1.83
C GLU C 408 27.34 28.07 2.65
N VAL C 409 28.59 28.35 2.31
CA VAL C 409 29.32 29.37 3.06
C VAL C 409 28.70 30.75 2.87
N GLU C 410 28.34 31.06 1.62
CA GLU C 410 27.73 32.34 1.33
C GLU C 410 26.42 32.43 2.09
N LEU C 411 25.65 31.35 2.01
CA LEU C 411 24.35 31.30 2.66
C LEU C 411 24.49 31.51 4.18
N SER C 412 25.43 30.80 4.76
CA SER C 412 25.66 30.82 6.19
C SER C 412 26.06 32.23 6.65
N MET C 413 26.89 32.88 5.86
CA MET C 413 27.35 34.23 6.15
C MET C 413 26.16 35.21 6.12
N LYS C 414 25.31 35.10 5.10
CA LYS C 414 24.16 36.02 4.99
C LYS C 414 23.16 35.75 6.11
N LEU C 415 22.98 34.49 6.48
CA LEU C 415 22.04 34.17 7.54
C LEU C 415 22.46 34.71 8.91
N ARG C 416 23.76 34.71 9.21
CA ARG C 416 24.24 35.34 10.44
C ARG C 416 23.91 36.83 10.44
N GLU C 417 24.09 37.48 9.30
CA GLU C 417 23.70 38.88 9.16
C GLU C 417 22.22 39.02 9.49
N TYR C 418 21.41 38.15 8.90
CA TYR C 418 19.98 38.16 9.15
C TYR C 418 19.66 37.97 10.64
N ALA C 419 20.36 37.03 11.29
CA ALA C 419 20.13 36.72 12.70
C ALA C 419 20.32 37.96 13.58
N GLU C 420 21.21 38.86 13.15
CA GLU C 420 21.46 40.11 13.87
C GLU C 420 20.18 40.85 14.20
N GLY C 421 19.28 40.90 13.23
CA GLY C 421 18.05 41.64 13.36
C GLY C 421 16.89 40.87 13.97
N ILE C 422 17.18 39.68 14.51
CA ILE C 422 16.15 38.89 15.19
C ILE C 422 16.21 39.14 16.71
N SER C 423 15.09 39.54 17.28
CA SER C 423 15.07 39.81 18.73
C SER C 423 14.93 38.56 19.60
N GLY C 424 15.71 38.53 20.68
CA GLY C 424 15.52 37.51 21.70
C GLY C 424 16.08 36.13 21.40
N ARG C 425 15.37 35.12 21.87
CA ARG C 425 15.89 33.76 21.90
C ARG C 425 15.92 33.11 20.51
N GLU C 426 14.96 33.46 19.67
CA GLU C 426 14.86 32.93 18.32
C GLU C 426 16.18 33.18 17.58
N GLN C 427 16.81 34.30 17.89
CA GLN C 427 18.13 34.63 17.35
C GLN C 427 19.13 33.48 17.48
N LEU C 428 19.15 32.82 18.63
CA LEU C 428 20.03 31.69 18.84
C LEU C 428 19.79 30.59 17.79
N ALA C 429 18.53 30.37 17.44
CA ALA C 429 18.14 29.29 16.56
C ALA C 429 18.50 29.61 15.11
N VAL C 430 18.21 30.85 14.72
CA VAL C 430 18.59 31.31 13.38
C VAL C 430 20.10 31.20 13.19
N ARG C 431 20.89 31.61 14.19
CA ARG C 431 22.34 31.48 14.12
C ARG C 431 22.74 30.00 14.04
N ALA C 432 22.05 29.17 14.81
CA ALA C 432 22.38 27.77 14.84
C ALA C 432 22.16 27.18 13.45
N PHE C 433 21.13 27.65 12.77
CA PHE C 433 20.76 27.11 11.46
C PHE C 433 21.86 27.52 10.49
N ALA C 434 22.25 28.79 10.54
CA ALA C 434 23.32 29.31 9.69
C ALA C 434 24.59 28.48 9.86
N ASP C 435 24.97 28.28 11.12
CA ASP C 435 26.18 27.54 11.40
C ASP C 435 26.03 26.10 10.91
N ALA C 436 24.81 25.58 10.94
CA ALA C 436 24.61 24.20 10.52
C ALA C 436 25.03 23.96 9.06
N LEU C 437 24.76 24.92 8.18
CA LEU C 437 25.03 24.75 6.76
C LEU C 437 26.51 24.52 6.44
N GLU C 438 27.38 24.95 7.34
CA GLU C 438 28.80 24.80 7.14
C GLU C 438 29.26 23.37 7.31
N VAL C 439 28.36 22.49 7.75
CA VAL C 439 28.74 21.08 7.84
C VAL C 439 29.15 20.58 6.44
N ILE C 440 28.66 21.24 5.38
CA ILE C 440 28.97 20.79 4.02
C ILE C 440 30.44 21.08 3.64
N PRO C 441 30.85 22.37 3.66
CA PRO C 441 32.25 22.67 3.38
C PRO C 441 33.19 21.97 4.36
N ARG C 442 32.79 21.90 5.62
CA ARG C 442 33.58 21.24 6.66
C ARG C 442 33.81 19.77 6.32
N THR C 443 32.75 19.07 5.94
CA THR C 443 32.85 17.65 5.58
C THR C 443 33.61 17.40 4.26
N LEU C 444 33.41 18.27 3.27
CA LEU C 444 34.22 18.19 2.07
C LEU C 444 35.72 18.19 2.44
N ALA C 445 36.12 19.18 3.23
CA ALA C 445 37.50 19.29 3.66
C ALA C 445 37.96 18.07 4.46
N GLU C 446 37.19 17.68 5.47
CA GLU C 446 37.49 16.48 6.27
C GLU C 446 37.87 15.31 5.37
N ASN C 447 36.98 14.99 4.43
CA ASN C 447 37.14 13.80 3.60
C ASN C 447 38.32 13.94 2.66
N ALA C 448 38.65 15.18 2.32
CA ALA C 448 39.84 15.48 1.55
C ALA C 448 41.11 15.40 2.41
N GLY C 449 40.97 15.08 3.68
CA GLY C 449 42.11 14.98 4.58
C GLY C 449 42.71 16.34 4.96
N LEU C 450 41.92 17.40 4.80
CA LEU C 450 42.37 18.75 5.09
C LEU C 450 41.88 19.23 6.45
N ASP C 451 42.50 20.27 6.98
CA ASP C 451 42.06 20.80 8.25
C ASP C 451 40.84 21.70 8.09
N ALA C 452 39.70 21.23 8.58
CA ALA C 452 38.42 21.85 8.27
C ALA C 452 38.31 23.26 8.87
N ILE C 453 38.80 23.40 10.10
CA ILE C 453 38.75 24.68 10.78
C ILE C 453 39.47 25.79 9.98
N GLU C 454 40.70 25.53 9.56
CA GLU C 454 41.41 26.59 8.81
C GLU C 454 40.86 26.80 7.43
N ILE C 455 40.54 25.71 6.73
CA ILE C 455 39.90 25.79 5.42
C ILE C 455 38.72 26.74 5.49
N LEU C 456 37.90 26.54 6.50
CA LEU C 456 36.69 27.31 6.67
C LEU C 456 36.97 28.79 6.94
N VAL C 457 37.98 29.06 7.78
CA VAL C 457 38.41 30.43 8.02
C VAL C 457 38.76 31.13 6.70
N LYS C 458 39.52 30.44 5.86
CA LYS C 458 39.92 30.97 4.57
C LYS C 458 38.73 31.23 3.65
N VAL C 459 37.83 30.24 3.52
CA VAL C 459 36.73 30.38 2.59
C VAL C 459 35.81 31.52 2.99
N ARG C 460 35.54 31.62 4.29
CA ARG C 460 34.73 32.70 4.81
C ARG C 460 35.35 34.07 4.50
N ALA C 461 36.66 34.18 4.62
CA ALA C 461 37.34 35.46 4.39
C ALA C 461 37.22 35.84 2.92
N ALA C 462 37.21 34.82 2.06
CA ALA C 462 37.04 35.03 0.64
C ALA C 462 35.61 35.50 0.32
N HIS C 463 34.71 35.25 1.25
CA HIS C 463 33.30 35.64 1.08
C HIS C 463 33.01 36.97 1.77
N ALA C 464 33.88 37.36 2.69
CA ALA C 464 33.67 38.55 3.51
C ALA C 464 33.78 39.87 2.76
N SER C 465 33.00 40.86 3.20
CA SER C 465 32.88 42.19 2.60
C SER C 465 32.99 42.24 1.07
N ASN C 466 31.86 42.07 0.39
CA ASN C 466 31.86 42.05 -1.07
C ASN C 466 32.93 41.11 -1.60
N GLY C 467 32.91 39.87 -1.15
CA GLY C 467 33.86 38.88 -1.61
C GLY C 467 33.31 38.10 -2.79
N ASN C 468 33.86 36.91 -3.01
CA ASN C 468 33.36 36.05 -4.06
C ASN C 468 32.39 35.02 -3.50
N LYS C 469 31.12 35.13 -3.85
CA LYS C 469 30.09 34.17 -3.43
C LYS C 469 30.40 32.77 -3.95
N CYS C 470 31.26 32.68 -4.95
CA CYS C 470 31.62 31.40 -5.58
C CYS C 470 32.92 30.81 -5.02
N ALA C 471 33.46 31.46 -4.01
CA ALA C 471 34.69 30.99 -3.42
C ALA C 471 34.47 29.69 -2.65
N GLY C 472 35.24 28.67 -2.99
CA GLY C 472 35.15 27.42 -2.27
C GLY C 472 36.49 26.72 -2.24
N LEU C 473 36.61 25.71 -1.39
CA LEU C 473 37.83 24.91 -1.42
C LEU C 473 37.77 23.91 -2.56
N ASN C 474 38.81 23.89 -3.37
CA ASN C 474 38.93 22.87 -4.39
C ASN C 474 39.71 21.70 -3.80
N VAL C 475 39.03 20.57 -3.60
CA VAL C 475 39.65 19.40 -2.95
C VAL C 475 40.81 18.83 -3.77
N PHE C 476 40.89 19.22 -5.04
CA PHE C 476 41.93 18.70 -5.93
C PHE C 476 43.20 19.54 -5.93
N THR C 477 43.13 20.75 -5.41
CA THR C 477 44.31 21.61 -5.36
C THR C 477 44.62 22.03 -3.93
N GLY C 478 43.61 22.02 -3.07
CA GLY C 478 43.81 22.39 -1.68
C GLY C 478 43.68 23.88 -1.46
N ALA C 479 43.47 24.61 -2.55
CA ALA C 479 43.33 26.05 -2.47
C ALA C 479 41.87 26.50 -2.49
N VAL C 480 41.63 27.72 -2.06
CA VAL C 480 40.33 28.35 -2.18
C VAL C 480 40.28 29.04 -3.54
N GLU C 481 39.35 28.61 -4.38
CA GLU C 481 39.29 29.09 -5.76
C GLU C 481 37.86 29.45 -6.14
N ASP C 482 37.70 30.08 -7.29
CA ASP C 482 36.39 30.45 -7.78
C ASP C 482 35.79 29.19 -8.41
N MET C 483 34.79 28.62 -7.73
CA MET C 483 34.21 27.34 -8.13
C MET C 483 33.51 27.44 -9.48
N CYS C 484 32.84 28.57 -9.73
CA CYS C 484 32.21 28.80 -11.03
C CYS C 484 33.23 28.81 -12.18
N GLU C 485 34.35 29.49 -11.97
CA GLU C 485 35.35 29.60 -13.02
C GLU C 485 36.07 28.29 -13.22
N ASN C 486 36.09 27.46 -12.18
CA ASN C 486 36.62 26.10 -12.30
C ASN C 486 35.61 25.11 -12.88
N GLY C 487 34.36 25.55 -13.03
CA GLY C 487 33.29 24.73 -13.58
C GLY C 487 32.70 23.71 -12.61
N VAL C 488 32.86 23.97 -11.32
CA VAL C 488 32.26 23.12 -10.29
C VAL C 488 30.92 23.76 -9.92
N VAL C 489 29.86 23.28 -10.56
CA VAL C 489 28.56 23.91 -10.47
C VAL C 489 27.44 22.89 -10.32
N GLU C 490 26.34 23.31 -9.71
CA GLU C 490 25.26 22.38 -9.46
C GLU C 490 23.93 23.12 -9.53
N PRO C 491 22.85 22.41 -9.88
CA PRO C 491 21.55 23.09 -10.02
C PRO C 491 21.17 23.75 -8.70
N LEU C 492 20.49 24.88 -8.78
CA LEU C 492 19.93 25.55 -7.62
C LEU C 492 19.04 24.60 -6.84
N ARG C 493 18.30 23.77 -7.57
CA ARG C 493 17.35 22.85 -6.94
C ARG C 493 17.97 21.86 -5.94
N VAL C 494 19.23 21.45 -6.18
CA VAL C 494 19.93 20.61 -5.21
C VAL C 494 19.91 21.25 -3.83
N LYS C 495 20.24 22.54 -3.77
CA LYS C 495 20.31 23.28 -2.52
C LYS C 495 18.93 23.62 -1.95
N THR C 496 17.99 24.03 -2.80
CA THR C 496 16.68 24.43 -2.31
C THR C 496 15.94 23.23 -1.72
N GLN C 497 15.97 22.11 -2.42
CA GLN C 497 15.33 20.90 -1.89
C GLN C 497 16.04 20.40 -0.62
N ALA C 498 17.36 20.42 -0.62
CA ALA C 498 18.13 19.86 0.50
C ALA C 498 17.83 20.61 1.78
N ILE C 499 17.86 21.93 1.68
CA ILE C 499 17.66 22.76 2.84
C ILE C 499 16.20 22.73 3.30
N GLN C 500 15.25 22.80 2.38
CA GLN C 500 13.83 22.75 2.74
C GLN C 500 13.47 21.43 3.45
N SER C 501 13.91 20.31 2.87
CA SER C 501 13.71 18.99 3.45
C SER C 501 14.33 18.83 4.83
N ALA C 502 15.59 19.25 4.94
CA ALA C 502 16.28 19.23 6.23
C ALA C 502 15.55 20.08 7.27
N ALA C 503 15.12 21.28 6.89
CA ALA C 503 14.41 22.14 7.82
C ALA C 503 13.05 21.52 8.23
N GLU C 504 12.27 21.08 7.26
CA GLU C 504 10.92 20.60 7.59
C GLU C 504 10.93 19.33 8.41
N SER C 505 11.83 18.42 8.09
CA SER C 505 11.86 17.16 8.80
C SER C 505 12.40 17.32 10.21
N THR C 506 13.37 18.22 10.39
CA THR C 506 13.92 18.40 11.73
C THR C 506 13.00 19.22 12.62
N GLU C 507 12.33 20.21 12.05
CA GLU C 507 11.27 20.92 12.79
C GLU C 507 10.22 19.93 13.29
N MET C 508 9.85 18.98 12.44
CA MET C 508 8.92 17.94 12.86
C MET C 508 9.47 17.11 14.03
N LEU C 509 10.70 16.63 13.90
CA LEU C 509 11.31 15.83 14.99
C LEU C 509 11.50 16.63 16.26
N LEU C 510 11.76 17.93 16.14
CA LEU C 510 12.09 18.72 17.32
C LEU C 510 10.84 19.04 18.13
N ARG C 511 9.67 18.85 17.52
CA ARG C 511 8.39 19.05 18.24
C ARG C 511 8.03 17.86 19.15
N ILE C 512 8.75 16.75 19.03
CA ILE C 512 8.38 15.53 19.75
C ILE C 512 8.91 15.54 21.18
N ASP C 513 8.05 15.26 22.15
CA ASP C 513 8.50 15.17 23.53
C ASP C 513 8.13 13.85 24.16
N ASP C 514 7.69 12.90 23.34
CA ASP C 514 7.14 11.67 23.87
C ASP C 514 7.15 10.59 22.81
N VAL C 515 7.89 9.53 23.08
CA VAL C 515 7.94 8.41 22.16
C VAL C 515 7.27 7.23 22.82
N ILE C 516 6.27 6.70 22.13
CA ILE C 516 5.50 5.58 22.62
C ILE C 516 5.61 4.45 21.62
N ALA C 517 6.42 3.44 21.95
CA ALA C 517 6.69 2.36 21.00
C ALA C 517 6.15 1.02 21.48
N ALA C 518 5.36 0.37 20.64
CA ALA C 518 4.74 -0.90 20.96
C ALA C 518 5.71 -2.07 20.74
N GLU C 519 5.34 -3.24 21.27
CA GLU C 519 6.09 -4.49 21.06
C GLU C 519 7.49 -4.43 21.67
N GLN D 4 18.22 5.74 22.36
CA GLN D 4 18.19 4.65 23.35
C GLN D 4 18.03 3.27 22.70
N PRO D 5 17.07 3.14 21.76
CA PRO D 5 16.81 1.83 21.14
C PRO D 5 17.88 1.34 20.16
N GLY D 6 18.68 2.25 19.61
CA GLY D 6 19.74 1.86 18.69
C GLY D 6 19.40 2.03 17.21
N VAL D 7 20.12 2.94 16.56
CA VAL D 7 19.84 3.35 15.19
C VAL D 7 20.04 2.26 14.15
N LEU D 8 21.27 1.78 14.02
CA LEU D 8 21.58 0.69 13.09
C LEU D 8 21.04 -0.62 13.64
N PRO D 9 20.63 -1.55 12.75
CA PRO D 9 20.09 -2.86 13.16
C PRO D 9 21.07 -3.61 14.05
N GLU D 10 20.56 -4.46 14.93
CA GLU D 10 21.42 -5.14 15.92
C GLU D 10 22.00 -6.46 15.42
N ASN D 11 21.55 -6.90 14.24
CA ASN D 11 22.04 -8.14 13.65
C ASN D 11 23.21 -7.94 12.68
N MET D 12 23.79 -6.75 12.69
CA MET D 12 24.79 -6.39 11.69
C MET D 12 26.22 -6.51 12.18
N LYS D 13 27.09 -6.91 11.26
CA LYS D 13 28.53 -6.88 11.46
C LYS D 13 29.04 -5.67 10.67
N ARG D 14 29.98 -4.94 11.25
CA ARG D 14 30.50 -3.74 10.60
C ARG D 14 32.02 -3.67 10.68
N TYR D 15 32.64 -3.38 9.54
CA TYR D 15 34.08 -3.30 9.45
C TYR D 15 34.42 -1.95 8.83
N MET D 16 35.20 -1.15 9.55
CA MET D 16 35.47 0.23 9.11
C MET D 16 36.93 0.53 8.91
N GLY D 17 37.20 1.44 7.98
CA GLY D 17 38.56 1.83 7.65
C GLY D 17 39.49 0.66 7.36
N ARG D 18 40.60 0.62 8.09
CA ARG D 18 41.62 -0.43 7.95
C ARG D 18 40.99 -1.81 7.89
N ASP D 19 40.03 -2.04 8.78
CA ASP D 19 39.34 -3.33 8.83
C ASP D 19 38.58 -3.63 7.54
N ALA D 20 37.96 -2.61 6.95
CA ALA D 20 37.22 -2.82 5.71
C ALA D 20 38.21 -3.10 4.59
N GLN D 21 39.18 -2.21 4.45
CA GLN D 21 40.23 -2.36 3.47
C GLN D 21 40.91 -3.73 3.57
N ARG D 22 41.26 -4.14 4.78
CA ARG D 22 41.94 -5.40 4.98
C ARG D 22 41.03 -6.58 4.61
N MET D 23 39.79 -6.52 5.07
CA MET D 23 38.84 -7.57 4.76
C MET D 23 38.70 -7.75 3.24
N ASN D 24 38.60 -6.65 2.52
CA ASN D 24 38.42 -6.71 1.09
C ASN D 24 39.68 -7.16 0.39
N ILE D 25 40.80 -6.57 0.79
CA ILE D 25 42.06 -6.94 0.16
C ILE D 25 42.37 -8.43 0.37
N LEU D 26 42.29 -8.88 1.62
CA LEU D 26 42.52 -10.29 1.96
C LEU D 26 41.60 -11.23 1.18
N ALA D 27 40.31 -10.92 1.15
CA ALA D 27 39.36 -11.81 0.49
C ALA D 27 39.73 -11.93 -0.98
N GLY D 28 40.14 -10.81 -1.56
CA GLY D 28 40.53 -10.81 -2.95
C GLY D 28 41.74 -11.67 -3.17
N ARG D 29 42.73 -11.51 -2.30
CA ARG D 29 43.97 -12.27 -2.42
C ARG D 29 43.77 -13.76 -2.23
N ILE D 30 42.90 -14.14 -1.31
CA ILE D 30 42.67 -15.54 -1.04
C ILE D 30 42.03 -16.20 -2.26
N ILE D 31 41.05 -15.52 -2.85
CA ILE D 31 40.43 -15.96 -4.10
C ILE D 31 41.47 -16.14 -5.20
N ALA D 32 42.35 -15.16 -5.39
CA ALA D 32 43.42 -15.27 -6.37
C ALA D 32 44.34 -16.46 -6.09
N GLU D 33 44.63 -16.68 -4.82
CA GLU D 33 45.54 -17.78 -4.46
C GLU D 33 44.93 -19.16 -4.73
N THR D 34 43.60 -19.27 -4.64
CA THR D 34 42.96 -20.53 -4.89
C THR D 34 43.12 -20.99 -6.35
N VAL D 35 43.21 -20.07 -7.30
CA VAL D 35 43.37 -20.48 -8.70
C VAL D 35 44.83 -20.36 -9.21
N ARG D 36 45.65 -19.60 -8.50
CA ARG D 36 47.03 -19.36 -8.87
C ARG D 36 47.76 -20.63 -9.34
N SER D 37 47.57 -21.70 -8.58
CA SER D 37 48.32 -22.92 -8.81
C SER D 37 47.86 -23.64 -10.07
N THR D 38 46.73 -23.20 -10.65
CA THR D 38 46.26 -23.78 -11.90
C THR D 38 46.93 -23.16 -13.11
N LEU D 39 47.60 -22.02 -12.92
CA LEU D 39 48.02 -21.18 -14.05
C LEU D 39 49.14 -21.75 -14.93
N GLY D 40 48.94 -21.69 -16.25
CA GLY D 40 49.97 -22.09 -17.20
C GLY D 40 49.98 -23.58 -17.49
N PRO D 41 50.86 -24.02 -18.41
CA PRO D 41 50.87 -25.43 -18.82
C PRO D 41 51.28 -26.41 -17.69
N LYS D 42 52.00 -25.93 -16.69
CA LYS D 42 52.44 -26.79 -15.60
C LYS D 42 51.54 -26.61 -14.39
N GLY D 43 50.43 -25.88 -14.55
CA GLY D 43 49.48 -25.69 -13.47
C GLY D 43 48.82 -27.00 -13.08
N MET D 44 48.29 -27.05 -11.85
CA MET D 44 47.58 -28.25 -11.40
C MET D 44 46.06 -28.05 -11.36
N ASP D 45 45.32 -29.09 -11.01
CA ASP D 45 43.85 -29.10 -11.11
C ASP D 45 43.20 -29.25 -9.76
N LYS D 46 41.95 -28.78 -9.67
CA LYS D 46 41.15 -28.96 -8.48
C LYS D 46 40.10 -30.04 -8.68
N MET D 47 39.73 -30.68 -7.58
CA MET D 47 38.54 -31.50 -7.57
C MET D 47 37.60 -30.84 -6.58
N LEU D 48 36.41 -30.52 -7.06
CA LEU D 48 35.39 -29.85 -6.27
C LEU D 48 34.19 -30.77 -6.13
N VAL D 49 33.72 -30.93 -4.90
CA VAL D 49 32.62 -31.82 -4.59
C VAL D 49 31.56 -30.95 -3.95
N ASP D 50 30.35 -30.99 -4.50
CA ASP D 50 29.28 -30.18 -3.92
C ASP D 50 28.48 -30.97 -2.87
N ASP D 51 27.50 -30.30 -2.27
CA ASP D 51 26.68 -30.90 -1.21
C ASP D 51 25.83 -32.08 -1.70
N LEU D 52 25.71 -32.23 -3.02
CA LEU D 52 25.02 -33.39 -3.58
C LEU D 52 25.95 -34.59 -3.84
N GLY D 53 27.26 -34.38 -3.71
CA GLY D 53 28.22 -35.43 -3.99
C GLY D 53 28.68 -35.43 -5.44
N ASP D 54 28.26 -34.44 -6.23
CA ASP D 54 28.74 -34.35 -7.60
C ASP D 54 30.15 -33.79 -7.67
N VAL D 55 30.89 -34.21 -8.68
CA VAL D 55 32.32 -33.96 -8.75
C VAL D 55 32.65 -33.14 -9.98
N VAL D 56 33.46 -32.10 -9.78
CA VAL D 56 34.05 -31.37 -10.88
C VAL D 56 35.57 -31.49 -10.79
N VAL D 57 36.19 -31.94 -11.88
CA VAL D 57 37.64 -31.92 -11.99
C VAL D 57 38.05 -31.00 -13.13
N THR D 58 38.80 -29.95 -12.82
CA THR D 58 39.13 -28.98 -13.86
C THR D 58 40.35 -28.11 -13.56
N ASN D 59 40.93 -27.58 -14.64
CA ASN D 59 41.97 -26.54 -14.58
C ASN D 59 41.38 -25.16 -14.84
N ASP D 60 40.08 -25.12 -15.09
CA ASP D 60 39.43 -23.94 -15.62
C ASP D 60 39.09 -22.91 -14.53
N GLY D 61 39.70 -21.74 -14.58
CA GLY D 61 39.58 -20.76 -13.52
C GLY D 61 38.16 -20.38 -13.13
N VAL D 62 37.40 -19.86 -14.08
CA VAL D 62 36.04 -19.42 -13.77
C VAL D 62 35.16 -20.55 -13.23
N THR D 63 35.31 -21.74 -13.81
CA THR D 63 34.54 -22.91 -13.37
C THR D 63 34.84 -23.23 -11.91
N ILE D 64 36.11 -23.20 -11.55
CA ILE D 64 36.51 -23.37 -10.17
C ILE D 64 35.84 -22.33 -9.26
N LEU D 65 35.89 -21.07 -9.67
CA LEU D 65 35.37 -20.03 -8.80
C LEU D 65 33.86 -20.11 -8.65
N ARG D 66 33.18 -20.51 -9.73
CA ARG D 66 31.73 -20.68 -9.70
C ARG D 66 31.33 -21.85 -8.80
N GLU D 67 32.02 -22.97 -8.97
CA GLU D 67 31.63 -24.22 -8.32
C GLU D 67 31.88 -24.24 -6.81
N MET D 68 32.94 -23.56 -6.37
CA MET D 68 33.21 -23.51 -4.95
C MET D 68 32.48 -22.33 -4.37
N SER D 69 31.22 -22.55 -4.03
CA SER D 69 30.28 -21.47 -3.76
C SER D 69 30.77 -20.49 -2.69
N VAL D 70 31.50 -19.48 -3.12
CA VAL D 70 32.06 -18.49 -2.23
C VAL D 70 30.96 -17.59 -1.69
N GLU D 71 31.00 -17.29 -0.39
CA GLU D 71 30.00 -16.43 0.20
C GLU D 71 30.52 -15.02 0.44
N HIS D 72 31.80 -14.90 0.79
CA HIS D 72 32.36 -13.59 1.09
C HIS D 72 32.11 -12.53 0.00
N PRO D 73 31.62 -11.33 0.39
CA PRO D 73 31.23 -10.25 -0.53
C PRO D 73 32.35 -9.71 -1.43
N ALA D 74 33.49 -9.36 -0.84
CA ALA D 74 34.62 -8.89 -1.63
C ALA D 74 35.03 -9.97 -2.61
N ALA D 75 34.94 -11.22 -2.17
CA ALA D 75 35.39 -12.31 -3.00
C ALA D 75 34.48 -12.44 -4.23
N LYS D 76 33.18 -12.22 -4.04
CA LYS D 76 32.22 -12.26 -5.14
C LYS D 76 32.52 -11.20 -6.19
N MET D 77 32.93 -10.01 -5.74
CA MET D 77 33.27 -8.96 -6.69
C MET D 77 34.42 -9.44 -7.58
N LEU D 78 35.30 -10.25 -7.03
CA LEU D 78 36.43 -10.71 -7.83
C LEU D 78 36.02 -11.86 -8.78
N ILE D 79 35.09 -12.71 -8.34
CA ILE D 79 34.59 -13.75 -9.22
C ILE D 79 34.00 -13.15 -10.51
N GLU D 80 33.40 -11.96 -10.41
CA GLU D 80 32.79 -11.33 -11.60
C GLU D 80 33.82 -11.10 -12.70
N VAL D 81 35.06 -10.85 -12.28
CA VAL D 81 36.17 -10.63 -13.19
C VAL D 81 36.40 -11.85 -14.08
N ALA D 82 36.34 -13.04 -13.46
CA ALA D 82 36.49 -14.30 -14.18
C ALA D 82 35.30 -14.53 -15.10
N LYS D 83 34.11 -14.22 -14.62
CA LYS D 83 32.90 -14.41 -15.44
C LYS D 83 32.88 -13.54 -16.70
N THR D 84 33.38 -12.32 -16.59
CA THR D 84 33.34 -11.43 -17.75
C THR D 84 34.45 -11.78 -18.75
N GLN D 85 35.58 -12.25 -18.24
CA GLN D 85 36.66 -12.73 -19.08
C GLN D 85 36.12 -13.89 -19.90
N GLU D 86 35.39 -14.79 -19.25
CA GLU D 86 34.88 -15.98 -19.95
C GLU D 86 33.91 -15.55 -21.06
N LYS D 87 33.00 -14.64 -20.71
CA LYS D 87 31.97 -14.10 -21.58
C LYS D 87 32.55 -13.36 -22.80
N GLU D 88 33.46 -12.41 -22.55
CA GLU D 88 34.00 -11.58 -23.64
C GLU D 88 35.14 -12.23 -24.43
N VAL D 89 35.87 -13.16 -23.82
CA VAL D 89 37.04 -13.72 -24.47
C VAL D 89 36.98 -15.25 -24.55
N GLY D 90 36.69 -15.90 -23.42
CA GLY D 90 36.60 -17.35 -23.37
C GLY D 90 37.87 -17.99 -22.83
N ASP D 91 38.89 -17.18 -22.59
CA ASP D 91 40.15 -17.70 -22.06
C ASP D 91 40.83 -16.64 -21.20
N GLY D 92 41.77 -17.05 -20.36
CA GLY D 92 42.43 -16.11 -19.49
C GLY D 92 41.66 -15.81 -18.20
N THR D 93 40.74 -16.68 -17.79
CA THR D 93 39.94 -16.35 -16.61
C THR D 93 40.78 -16.33 -15.35
N THR D 94 41.72 -17.26 -15.25
CA THR D 94 42.63 -17.29 -14.10
C THR D 94 43.51 -16.06 -14.10
N THR D 95 44.05 -15.74 -15.27
CA THR D 95 44.94 -14.60 -15.43
C THR D 95 44.30 -13.31 -14.94
N ALA D 96 43.03 -13.11 -15.30
CA ALA D 96 42.32 -11.88 -14.93
C ALA D 96 42.19 -11.77 -13.39
N VAL D 97 41.77 -12.86 -12.76
CA VAL D 97 41.63 -12.92 -11.31
C VAL D 97 42.99 -12.79 -10.59
N VAL D 98 44.04 -13.43 -11.10
CA VAL D 98 45.35 -13.34 -10.46
C VAL D 98 45.93 -11.92 -10.51
N VAL D 99 45.79 -11.26 -11.65
CA VAL D 99 46.18 -9.86 -11.74
C VAL D 99 45.37 -9.01 -10.74
N ALA D 100 44.07 -9.24 -10.65
CA ALA D 100 43.24 -8.46 -9.73
C ALA D 100 43.70 -8.65 -8.28
N GLY D 101 43.95 -9.89 -7.89
CA GLY D 101 44.46 -10.19 -6.57
C GLY D 101 45.80 -9.49 -6.29
N GLU D 102 46.66 -9.46 -7.29
CA GLU D 102 47.97 -8.84 -7.14
C GLU D 102 47.83 -7.32 -7.04
N LEU D 103 46.91 -6.73 -7.79
CA LEU D 103 46.66 -5.29 -7.65
C LEU D 103 46.22 -4.95 -6.21
N LEU D 104 45.38 -5.79 -5.63
CA LEU D 104 44.96 -5.59 -4.24
C LEU D 104 46.16 -5.69 -3.31
N ARG D 105 47.03 -6.67 -3.56
CA ARG D 105 48.19 -6.87 -2.69
C ARG D 105 49.14 -5.67 -2.76
N LYS D 106 49.45 -5.21 -3.97
CA LYS D 106 50.34 -4.06 -4.14
C LYS D 106 49.70 -2.83 -3.53
N ALA D 107 48.37 -2.73 -3.61
CA ALA D 107 47.65 -1.60 -3.00
C ALA D 107 47.83 -1.57 -1.48
N GLU D 108 47.81 -2.73 -0.86
CA GLU D 108 47.92 -2.76 0.59
C GLU D 108 49.26 -2.13 1.00
N GLU D 109 50.33 -2.50 0.34
CA GLU D 109 51.63 -1.91 0.63
C GLU D 109 51.62 -0.37 0.57
N LEU D 110 50.84 0.19 -0.34
CA LEU D 110 50.73 1.65 -0.46
C LEU D 110 49.86 2.21 0.65
N LEU D 111 48.74 1.54 0.90
CA LEU D 111 47.88 1.87 2.02
C LEU D 111 48.62 1.87 3.37
N ASP D 112 49.56 0.93 3.54
CA ASP D 112 50.32 0.80 4.79
C ASP D 112 51.43 1.85 4.90
N GLN D 113 51.48 2.77 3.94
CA GLN D 113 52.41 3.89 3.97
C GLN D 113 51.60 5.15 4.01
N ASN D 114 50.29 4.99 4.14
CA ASN D 114 49.40 6.13 4.24
C ASN D 114 49.20 6.90 2.93
N VAL D 115 49.32 6.20 1.80
CA VAL D 115 48.84 6.75 0.53
C VAL D 115 47.32 6.62 0.52
N HIS D 116 46.63 7.73 0.27
CA HIS D 116 45.17 7.73 0.31
C HIS D 116 44.58 6.89 -0.82
N PRO D 117 43.52 6.11 -0.50
CA PRO D 117 42.81 5.25 -1.45
C PRO D 117 42.51 5.92 -2.80
N THR D 118 42.04 7.15 -2.81
CA THR D 118 41.68 7.80 -4.07
C THR D 118 42.89 8.02 -4.97
N ILE D 119 44.07 8.14 -4.36
CA ILE D 119 45.30 8.30 -5.13
C ILE D 119 45.70 6.97 -5.76
N VAL D 120 45.60 5.91 -4.98
CA VAL D 120 45.83 4.58 -5.51
C VAL D 120 44.89 4.36 -6.69
N VAL D 121 43.61 4.67 -6.49
CA VAL D 121 42.62 4.53 -7.54
C VAL D 121 42.98 5.34 -8.78
N LYS D 122 43.45 6.56 -8.56
CA LYS D 122 43.83 7.46 -9.65
C LYS D 122 45.03 6.88 -10.38
N GLY D 123 46.01 6.42 -9.61
CA GLY D 123 47.18 5.78 -10.18
C GLY D 123 46.82 4.56 -11.00
N TYR D 124 45.98 3.70 -10.42
CA TYR D 124 45.61 2.48 -11.14
C TYR D 124 44.90 2.81 -12.45
N GLN D 125 43.99 3.78 -12.42
CA GLN D 125 43.23 4.09 -13.61
C GLN D 125 44.14 4.55 -14.74
N ALA D 126 45.07 5.44 -14.39
CA ALA D 126 46.03 5.96 -15.34
C ALA D 126 46.92 4.86 -15.92
N ALA D 127 47.40 3.98 -15.05
CA ALA D 127 48.25 2.89 -15.51
C ALA D 127 47.46 1.99 -16.46
N ALA D 128 46.23 1.68 -16.08
CA ALA D 128 45.41 0.78 -16.89
C ALA D 128 45.21 1.38 -18.29
N GLN D 129 44.92 2.68 -18.33
CA GLN D 129 44.69 3.38 -19.60
C GLN D 129 45.95 3.39 -20.47
N LYS D 130 47.08 3.75 -19.88
CA LYS D 130 48.32 3.71 -20.60
C LYS D 130 48.56 2.27 -21.08
N ALA D 131 48.21 1.31 -20.23
CA ALA D 131 48.42 -0.09 -20.60
C ALA D 131 47.61 -0.47 -21.83
N GLN D 132 46.37 0.04 -21.93
CA GLN D 132 45.56 -0.23 -23.11
C GLN D 132 46.23 0.33 -24.35
N GLU D 133 46.84 1.50 -24.21
CA GLU D 133 47.55 2.12 -25.32
C GLU D 133 48.83 1.36 -25.69
N LEU D 134 49.55 0.88 -24.70
CA LEU D 134 50.77 0.12 -25.00
C LEU D 134 50.42 -1.22 -25.65
N LEU D 135 49.35 -1.85 -25.18
CA LEU D 135 48.94 -3.11 -25.74
C LEU D 135 48.65 -3.02 -27.23
N LYS D 136 48.12 -1.89 -27.69
CA LYS D 136 47.81 -1.79 -29.12
C LYS D 136 49.07 -1.77 -30.00
N THR D 137 50.13 -1.13 -29.52
CA THR D 137 51.34 -1.04 -30.33
C THR D 137 52.17 -2.32 -30.20
N ILE D 138 51.92 -3.04 -29.11
CA ILE D 138 52.62 -4.28 -28.83
C ILE D 138 52.07 -5.46 -29.64
N ALA D 139 50.77 -5.43 -29.95
CA ALA D 139 50.14 -6.53 -30.66
C ALA D 139 50.71 -6.69 -32.08
N CYS D 140 50.49 -7.84 -32.68
CA CYS D 140 50.89 -8.07 -34.06
C CYS D 140 49.62 -8.20 -34.88
N GLU D 141 49.67 -7.80 -36.14
CA GLU D 141 48.54 -7.95 -37.04
C GLU D 141 48.44 -9.37 -37.58
N VAL D 142 47.22 -9.86 -37.71
CA VAL D 142 46.98 -11.21 -38.19
C VAL D 142 45.77 -11.23 -39.13
N GLY D 143 45.79 -12.14 -40.10
CA GLY D 143 44.68 -12.27 -41.03
C GLY D 143 43.67 -13.30 -40.58
N ALA D 144 42.39 -12.98 -40.75
CA ALA D 144 41.31 -13.86 -40.31
C ALA D 144 41.37 -15.26 -40.94
N GLN D 145 42.01 -15.34 -42.10
CA GLN D 145 42.01 -16.58 -42.86
C GLN D 145 43.37 -17.27 -42.81
N ASP D 146 44.23 -16.78 -41.92
CA ASP D 146 45.56 -17.34 -41.72
C ASP D 146 45.45 -18.53 -40.78
N LYS D 147 45.31 -19.73 -41.36
CA LYS D 147 45.10 -20.94 -40.57
C LYS D 147 46.27 -21.28 -39.65
N GLU D 148 47.49 -21.11 -40.15
CA GLU D 148 48.70 -21.44 -39.37
C GLU D 148 48.70 -20.70 -38.05
N ILE D 149 48.32 -19.44 -38.10
CA ILE D 149 48.37 -18.61 -36.93
C ILE D 149 47.18 -18.94 -36.01
N LEU D 150 45.99 -19.08 -36.59
CA LEU D 150 44.83 -19.51 -35.81
C LEU D 150 45.11 -20.83 -35.09
N THR D 151 45.81 -21.74 -35.75
CA THR D 151 46.14 -23.03 -35.17
C THR D 151 47.13 -22.92 -34.00
N LYS D 152 48.08 -22.00 -34.10
CA LYS D 152 48.97 -21.74 -32.97
C LYS D 152 48.16 -21.15 -31.82
N ILE D 153 47.20 -20.29 -32.17
CA ILE D 153 46.28 -19.74 -31.18
C ILE D 153 45.52 -20.85 -30.45
N ALA D 154 44.94 -21.78 -31.21
CA ALA D 154 44.23 -22.88 -30.57
C ALA D 154 45.18 -23.76 -29.75
N MET D 155 46.30 -24.16 -30.36
CA MET D 155 47.28 -24.97 -29.66
C MET D 155 47.73 -24.32 -28.36
N THR D 156 48.05 -23.03 -28.40
CA THR D 156 48.49 -22.34 -27.19
C THR D 156 47.41 -22.34 -26.09
N SER D 157 46.16 -22.09 -26.48
CA SER D 157 45.06 -22.11 -25.51
C SER D 157 44.94 -23.47 -24.84
N ILE D 158 44.85 -24.52 -25.64
CA ILE D 158 44.70 -25.86 -25.08
C ILE D 158 45.86 -26.22 -24.15
N THR D 159 47.06 -25.77 -24.48
CA THR D 159 48.23 -26.08 -23.68
C THR D 159 48.14 -25.42 -22.30
N GLY D 160 47.40 -24.31 -22.23
CA GLY D 160 47.12 -23.66 -20.95
C GLY D 160 46.55 -24.65 -19.94
N LYS D 161 45.83 -25.65 -20.45
CA LYS D 161 45.28 -26.69 -19.58
C LYS D 161 46.10 -27.99 -19.55
N GLY D 162 47.36 -27.93 -19.99
CA GLY D 162 48.25 -29.08 -19.97
C GLY D 162 48.76 -29.50 -21.35
N ALA D 163 50.05 -29.69 -21.49
CA ALA D 163 50.63 -30.08 -22.78
C ALA D 163 49.97 -31.33 -23.37
N GLU D 164 49.58 -32.26 -22.49
CA GLU D 164 49.04 -33.56 -22.92
C GLU D 164 47.66 -33.44 -23.61
N LYS D 165 47.05 -32.27 -23.50
CA LYS D 165 45.76 -32.05 -24.13
C LYS D 165 45.96 -31.50 -25.53
N ALA D 166 47.15 -30.95 -25.75
CA ALA D 166 47.40 -30.14 -26.93
C ALA D 166 47.82 -30.99 -28.13
N LYS D 167 46.81 -31.45 -28.89
CA LYS D 167 47.02 -32.27 -30.07
C LYS D 167 46.77 -31.44 -31.32
N GLU D 168 47.71 -31.46 -32.25
CA GLU D 168 47.57 -30.73 -33.49
C GLU D 168 46.21 -30.98 -34.15
N LYS D 169 45.85 -32.25 -34.23
CA LYS D 169 44.61 -32.63 -34.89
C LYS D 169 43.43 -31.92 -34.26
N LEU D 170 43.38 -31.92 -32.94
CA LEU D 170 42.31 -31.24 -32.20
C LEU D 170 42.28 -29.73 -32.50
N ALA D 171 43.43 -29.09 -32.45
CA ALA D 171 43.53 -27.66 -32.72
C ALA D 171 43.05 -27.28 -34.14
N GLU D 172 43.52 -28.04 -35.14
CA GLU D 172 43.11 -27.80 -36.53
C GLU D 172 41.60 -27.95 -36.71
N ILE D 173 41.05 -29.03 -36.15
CA ILE D 173 39.62 -29.26 -36.11
C ILE D 173 38.90 -28.03 -35.53
N ILE D 174 39.41 -27.53 -34.42
CA ILE D 174 38.78 -26.38 -33.77
C ILE D 174 38.79 -25.17 -34.69
N VAL D 175 39.93 -24.91 -35.32
CA VAL D 175 40.04 -23.82 -36.27
C VAL D 175 39.07 -24.04 -37.44
N GLU D 176 38.93 -25.26 -37.93
CA GLU D 176 37.97 -25.51 -39.01
C GLU D 176 36.56 -25.21 -38.52
N ALA D 177 36.28 -25.60 -37.28
CA ALA D 177 34.95 -25.39 -36.71
C ALA D 177 34.58 -23.90 -36.64
N VAL D 178 35.47 -23.08 -36.12
CA VAL D 178 35.18 -21.65 -35.95
C VAL D 178 35.12 -20.92 -37.31
N SER D 179 36.09 -21.19 -38.17
CA SER D 179 36.09 -20.65 -39.53
C SER D 179 34.76 -20.89 -40.23
N ALA D 180 34.14 -22.03 -39.96
CA ALA D 180 32.91 -22.41 -40.64
C ALA D 180 31.68 -21.57 -40.24
N VAL D 181 31.69 -21.01 -39.03
CA VAL D 181 30.50 -20.28 -38.58
C VAL D 181 30.66 -18.75 -38.63
N VAL D 182 31.86 -18.29 -39.01
CA VAL D 182 32.09 -16.86 -39.18
C VAL D 182 30.99 -16.30 -40.08
N ASP D 183 30.31 -15.26 -39.63
CA ASP D 183 29.19 -14.73 -40.40
C ASP D 183 29.68 -13.72 -41.45
N ASP D 184 28.77 -13.19 -42.27
CA ASP D 184 29.19 -12.33 -43.37
C ASP D 184 29.81 -11.01 -42.90
N GLU D 185 29.67 -10.72 -41.62
CA GLU D 185 30.25 -9.52 -41.04
C GLU D 185 31.56 -9.80 -40.31
N GLY D 186 32.01 -11.06 -40.37
CA GLY D 186 33.28 -11.44 -39.77
C GLY D 186 33.22 -11.65 -38.27
N LYS D 187 32.00 -11.80 -37.75
CA LYS D 187 31.78 -12.09 -36.33
C LYS D 187 31.64 -13.59 -36.07
N VAL D 188 32.09 -14.01 -34.89
CA VAL D 188 32.02 -15.41 -34.50
C VAL D 188 31.11 -15.61 -33.32
N ASP D 189 30.02 -16.33 -33.52
CA ASP D 189 29.10 -16.63 -32.42
C ASP D 189 29.37 -18.03 -31.88
N LYS D 190 29.98 -18.11 -30.70
CA LYS D 190 30.34 -19.37 -30.05
C LYS D 190 29.22 -20.40 -30.05
N ASP D 191 27.99 -19.93 -29.81
CA ASP D 191 26.83 -20.82 -29.70
C ASP D 191 26.54 -21.59 -30.98
N LEU D 192 27.11 -21.14 -32.09
CA LEU D 192 26.87 -21.80 -33.37
C LEU D 192 27.68 -23.07 -33.49
N ILE D 193 28.73 -23.19 -32.69
CA ILE D 193 29.48 -24.43 -32.60
C ILE D 193 28.90 -25.32 -31.50
N LYS D 194 28.11 -26.28 -31.91
CA LYS D 194 27.44 -27.14 -30.95
C LYS D 194 28.44 -28.14 -30.36
N ILE D 195 28.37 -28.34 -29.05
CA ILE D 195 29.21 -29.32 -28.38
C ILE D 195 28.39 -30.54 -27.99
N GLU D 196 28.79 -31.72 -28.49
CA GLU D 196 28.18 -32.96 -28.06
C GLU D 196 29.23 -33.81 -27.33
N LYS D 197 28.81 -34.49 -26.27
CA LYS D 197 29.76 -35.26 -25.46
C LYS D 197 29.35 -36.72 -25.36
N LYS D 198 30.24 -37.60 -25.82
CA LYS D 198 29.92 -39.03 -25.87
C LYS D 198 31.14 -39.90 -25.58
N SER D 199 31.03 -40.76 -24.58
CA SER D 199 32.14 -41.64 -24.25
C SER D 199 32.48 -42.50 -25.45
N GLY D 200 33.70 -43.03 -25.45
CA GLY D 200 34.18 -43.80 -26.58
C GLY D 200 35.56 -44.38 -26.30
N ALA D 201 36.25 -44.71 -27.39
CA ALA D 201 37.53 -45.40 -27.33
C ALA D 201 38.65 -44.49 -26.83
N SER D 202 38.56 -43.22 -27.19
CA SER D 202 39.66 -42.31 -26.94
C SER D 202 39.28 -40.84 -27.13
N ILE D 203 39.98 -39.96 -26.41
CA ILE D 203 39.88 -38.54 -26.62
C ILE D 203 40.18 -38.15 -28.07
N ASP D 204 41.05 -38.93 -28.71
CA ASP D 204 41.49 -38.62 -30.06
C ASP D 204 40.39 -38.85 -31.08
N ASP D 205 39.33 -39.54 -30.68
CA ASP D 205 38.20 -39.76 -31.57
C ASP D 205 37.28 -38.54 -31.75
N THR D 206 37.55 -37.47 -30.98
CA THR D 206 36.81 -36.22 -31.13
C THR D 206 36.83 -35.79 -32.60
N GLU D 207 35.69 -35.29 -33.10
CA GLU D 207 35.58 -34.96 -34.51
C GLU D 207 34.70 -33.74 -34.74
N LEU D 208 34.87 -33.14 -35.92
CA LEU D 208 34.03 -32.03 -36.34
C LEU D 208 32.98 -32.57 -37.26
N ILE D 209 31.72 -32.31 -36.94
CA ILE D 209 30.65 -32.63 -37.87
C ILE D 209 30.16 -31.35 -38.56
N LYS D 210 30.25 -31.34 -39.89
CA LYS D 210 29.71 -30.25 -40.69
C LYS D 210 28.20 -30.47 -40.77
N GLY D 211 27.52 -30.12 -39.69
CA GLY D 211 26.11 -30.44 -39.55
C GLY D 211 25.77 -30.59 -38.08
N VAL D 212 24.69 -31.31 -37.78
CA VAL D 212 24.20 -31.41 -36.41
C VAL D 212 23.79 -32.82 -35.99
N LEU D 213 23.70 -33.02 -34.67
CA LEU D 213 23.19 -34.27 -34.10
C LEU D 213 21.84 -34.05 -33.45
N VAL D 214 20.87 -34.85 -33.84
CA VAL D 214 19.56 -34.78 -33.23
C VAL D 214 19.29 -36.04 -32.41
N ASP D 215 18.94 -35.86 -31.14
CA ASP D 215 18.61 -36.99 -30.29
C ASP D 215 17.18 -37.46 -30.59
N LYS D 216 17.00 -38.06 -31.76
CA LYS D 216 15.73 -38.70 -32.15
C LYS D 216 15.99 -39.98 -32.94
N GLU D 217 14.95 -40.77 -33.12
CA GLU D 217 14.96 -41.85 -34.10
C GLU D 217 13.86 -41.53 -35.09
N ARG D 218 13.95 -42.07 -36.30
CA ARG D 218 12.88 -41.88 -37.28
C ARG D 218 11.63 -42.55 -36.73
N VAL D 219 10.47 -42.08 -37.18
CA VAL D 219 9.21 -42.51 -36.55
C VAL D 219 8.77 -43.92 -36.92
N SER D 220 9.14 -44.39 -38.10
CA SER D 220 8.78 -45.75 -38.53
C SER D 220 9.97 -46.52 -39.08
N ALA D 221 10.08 -47.78 -38.69
CA ALA D 221 11.23 -48.60 -39.08
C ALA D 221 11.26 -48.84 -40.59
N GLN D 222 10.15 -48.55 -41.25
CA GLN D 222 10.05 -48.74 -42.69
C GLN D 222 10.81 -47.68 -43.49
N MET D 223 11.04 -46.54 -42.88
CA MET D 223 11.81 -45.46 -43.53
C MET D 223 13.28 -45.87 -43.68
N PRO D 224 13.94 -45.36 -44.72
CA PRO D 224 15.37 -45.64 -44.82
C PRO D 224 16.09 -45.16 -43.57
N LYS D 225 17.17 -45.83 -43.21
CA LYS D 225 17.92 -45.51 -42.00
C LYS D 225 19.01 -44.54 -42.40
N LYS D 226 19.18 -44.36 -43.70
CA LYS D 226 20.31 -43.67 -44.26
C LYS D 226 19.91 -43.08 -45.60
N VAL D 227 20.09 -41.78 -45.78
CA VAL D 227 19.91 -41.19 -47.10
C VAL D 227 21.04 -40.25 -47.49
N THR D 228 21.44 -40.36 -48.74
CA THR D 228 22.56 -39.63 -49.29
C THR D 228 22.02 -38.40 -50.02
N ASP D 229 22.75 -37.30 -49.96
CA ASP D 229 22.32 -36.05 -50.60
C ASP D 229 20.87 -35.75 -50.29
N ALA D 230 20.62 -35.44 -49.02
CA ALA D 230 19.26 -35.34 -48.52
C ALA D 230 18.60 -34.00 -48.83
N LYS D 231 17.31 -34.05 -49.17
CA LYS D 231 16.50 -32.85 -49.29
C LYS D 231 15.68 -32.70 -48.02
N ILE D 232 16.09 -31.78 -47.16
CA ILE D 232 15.54 -31.69 -45.81
C ILE D 232 14.43 -30.64 -45.70
N ALA D 233 13.20 -31.08 -45.43
CA ALA D 233 12.13 -30.15 -45.08
C ALA D 233 12.05 -29.98 -43.57
N LEU D 234 11.85 -28.74 -43.12
CA LEU D 234 11.64 -28.46 -41.70
C LEU D 234 10.27 -27.83 -41.46
N LEU D 235 9.42 -28.51 -40.67
CA LEU D 235 8.09 -28.00 -40.32
C LEU D 235 7.92 -27.75 -38.83
N ASN D 236 7.38 -26.58 -38.47
CA ASN D 236 7.04 -26.31 -37.07
C ASN D 236 5.55 -26.48 -36.80
N CYS D 237 4.80 -26.88 -37.83
CA CYS D 237 3.40 -27.24 -37.66
C CYS D 237 3.29 -28.75 -37.68
N ALA D 238 2.40 -29.28 -36.83
CA ALA D 238 2.17 -30.72 -36.76
C ALA D 238 1.51 -31.25 -38.03
N ILE D 239 1.85 -32.48 -38.38
CA ILE D 239 1.22 -33.15 -39.51
C ILE D 239 0.08 -34.00 -39.00
N GLU D 240 -0.89 -33.33 -38.39
CA GLU D 240 -2.14 -33.95 -37.99
C GLU D 240 -3.28 -33.17 -38.63
N ILE D 241 -4.51 -33.57 -38.35
CA ILE D 241 -5.66 -32.89 -38.92
C ILE D 241 -5.82 -31.48 -38.32
N LYS D 242 -5.92 -30.50 -39.19
CA LYS D 242 -6.01 -29.11 -38.74
C LYS D 242 -7.41 -28.84 -38.19
N GLU D 243 -7.48 -28.12 -37.08
CA GLU D 243 -8.76 -27.76 -36.47
C GLU D 243 -8.88 -26.24 -36.35
N THR D 244 -9.96 -25.68 -36.87
CA THR D 244 -10.12 -24.23 -36.85
C THR D 244 -9.92 -23.64 -35.47
N GLU D 245 -9.56 -22.35 -35.42
CA GLU D 245 -9.44 -21.63 -34.17
C GLU D 245 -10.82 -21.40 -33.56
N THR D 246 -11.77 -21.00 -34.39
CA THR D 246 -13.14 -20.82 -33.95
C THR D 246 -13.72 -22.19 -33.65
N ASP D 247 -14.45 -22.31 -32.54
CA ASP D 247 -15.01 -23.60 -32.13
C ASP D 247 -15.92 -24.22 -33.19
N ALA D 248 -15.70 -25.50 -33.47
CA ALA D 248 -16.39 -26.18 -34.56
C ALA D 248 -16.73 -27.62 -34.19
N GLU D 249 -17.93 -28.05 -34.54
CA GLU D 249 -18.39 -29.39 -34.20
C GLU D 249 -19.19 -29.99 -35.37
N ILE D 250 -18.92 -31.25 -35.69
CA ILE D 250 -19.67 -31.93 -36.73
C ILE D 250 -20.98 -32.47 -36.17
N ARG D 251 -22.07 -32.27 -36.92
CA ARG D 251 -23.35 -32.90 -36.58
C ARG D 251 -23.66 -33.99 -37.58
N ILE D 252 -23.94 -35.19 -37.09
CA ILE D 252 -24.22 -36.33 -37.94
C ILE D 252 -25.60 -36.91 -37.63
N THR D 253 -26.46 -36.92 -38.65
CA THR D 253 -27.80 -37.47 -38.51
C THR D 253 -28.02 -38.63 -39.47
N ASP D 254 -27.00 -38.90 -40.27
CA ASP D 254 -27.07 -39.93 -41.30
C ASP D 254 -25.93 -40.93 -41.12
N PRO D 255 -26.26 -42.17 -40.75
CA PRO D 255 -25.29 -43.25 -40.48
C PRO D 255 -24.23 -43.43 -41.55
N ALA D 256 -24.55 -43.11 -42.81
CA ALA D 256 -23.63 -43.31 -43.92
C ALA D 256 -22.59 -42.19 -44.02
N LYS D 257 -22.93 -41.02 -43.46
CA LYS D 257 -22.03 -39.89 -43.48
C LYS D 257 -21.08 -39.95 -42.30
N LEU D 258 -21.05 -41.10 -41.63
CA LEU D 258 -20.08 -41.36 -40.57
C LEU D 258 -18.71 -41.55 -41.17
N MET D 259 -18.64 -42.49 -42.11
CA MET D 259 -17.42 -42.75 -42.85
C MET D 259 -17.04 -41.57 -43.72
N GLU D 260 -18.03 -40.90 -44.31
CA GLU D 260 -17.76 -39.77 -45.20
C GLU D 260 -16.88 -38.72 -44.54
N PHE D 261 -16.97 -38.62 -43.22
CA PHE D 261 -16.15 -37.68 -42.48
C PHE D 261 -14.80 -38.27 -42.13
N ILE D 262 -14.81 -39.47 -41.56
CA ILE D 262 -13.57 -40.18 -41.29
C ILE D 262 -12.69 -40.22 -42.53
N GLU D 263 -13.31 -40.49 -43.68
CA GLU D 263 -12.57 -40.61 -44.93
C GLU D 263 -12.01 -39.27 -45.39
N GLN D 264 -12.72 -38.19 -45.08
CA GLN D 264 -12.25 -36.86 -45.45
C GLN D 264 -10.99 -36.50 -44.68
N GLU D 265 -11.00 -36.78 -43.37
CA GLU D 265 -9.81 -36.55 -42.56
C GLU D 265 -8.63 -37.36 -43.06
N GLU D 266 -8.87 -38.63 -43.39
CA GLU D 266 -7.81 -39.49 -43.94
C GLU D 266 -7.25 -38.92 -45.25
N LYS D 267 -8.13 -38.37 -46.09
CA LYS D 267 -7.72 -37.77 -47.35
C LYS D 267 -6.96 -36.46 -47.12
N MET D 268 -7.13 -35.87 -45.96
CA MET D 268 -6.39 -34.65 -45.64
C MET D 268 -4.94 -34.99 -45.31
N LEU D 269 -4.74 -35.99 -44.46
CA LEU D 269 -3.41 -36.43 -44.09
C LEU D 269 -2.65 -36.90 -45.33
N LYS D 270 -3.33 -37.69 -46.16
CA LYS D 270 -2.74 -38.22 -47.39
C LYS D 270 -2.36 -37.06 -48.30
N ASP D 271 -3.10 -35.95 -48.20
CA ASP D 271 -2.82 -34.78 -49.01
C ASP D 271 -1.62 -33.98 -48.50
N MET D 272 -1.50 -33.84 -47.18
CA MET D 272 -0.35 -33.15 -46.58
C MET D 272 0.94 -33.87 -46.96
N VAL D 273 0.89 -35.20 -46.98
CA VAL D 273 2.07 -36.01 -47.30
C VAL D 273 2.41 -35.86 -48.78
N ALA D 274 1.39 -35.74 -49.61
CA ALA D 274 1.60 -35.54 -51.04
C ALA D 274 2.28 -34.21 -51.29
N GLU D 275 1.87 -33.19 -50.53
CA GLU D 275 2.45 -31.87 -50.68
C GLU D 275 3.94 -31.87 -50.28
N ILE D 276 4.27 -32.59 -49.21
CA ILE D 276 5.65 -32.73 -48.77
C ILE D 276 6.51 -33.40 -49.85
N LYS D 277 5.99 -34.49 -50.40
CA LYS D 277 6.66 -35.23 -51.47
C LYS D 277 6.90 -34.36 -52.70
N ALA D 278 5.93 -33.50 -53.02
CA ALA D 278 6.01 -32.62 -54.18
C ALA D 278 7.14 -31.59 -54.05
N SER D 279 7.54 -31.30 -52.82
CA SER D 279 8.67 -30.41 -52.56
C SER D 279 9.98 -30.95 -53.12
N GLY D 280 10.08 -32.27 -53.24
CA GLY D 280 11.33 -32.93 -53.55
C GLY D 280 11.99 -33.49 -52.30
N ALA D 281 11.39 -33.22 -51.14
CA ALA D 281 11.95 -33.64 -49.85
C ALA D 281 11.96 -35.16 -49.61
N ASN D 282 13.08 -35.66 -49.10
CA ASN D 282 13.17 -37.07 -48.69
C ASN D 282 13.57 -37.26 -47.21
N VAL D 283 13.77 -36.16 -46.50
CA VAL D 283 13.96 -36.21 -45.06
C VAL D 283 13.14 -35.09 -44.44
N LEU D 284 12.45 -35.39 -43.35
CA LEU D 284 11.59 -34.41 -42.69
C LEU D 284 11.79 -34.39 -41.17
N PHE D 285 12.01 -33.19 -40.64
CA PHE D 285 12.06 -32.96 -39.20
C PHE D 285 10.88 -32.06 -38.84
N CYS D 286 9.93 -32.60 -38.09
CA CYS D 286 8.76 -31.85 -37.65
C CYS D 286 8.83 -31.53 -36.15
N GLN D 287 8.45 -30.30 -35.79
CA GLN D 287 8.57 -29.83 -34.42
C GLN D 287 7.46 -30.38 -33.54
N LYS D 288 6.35 -30.74 -34.15
CA LYS D 288 5.19 -31.20 -33.41
C LYS D 288 4.85 -32.62 -33.79
N GLY D 289 3.60 -33.01 -33.59
CA GLY D 289 3.21 -34.38 -33.82
C GLY D 289 3.11 -34.77 -35.28
N ILE D 290 3.14 -36.07 -35.53
CA ILE D 290 2.85 -36.62 -36.84
C ILE D 290 1.85 -37.75 -36.69
N ASP D 291 0.63 -37.54 -37.17
CA ASP D 291 -0.42 -38.53 -37.04
C ASP D 291 0.07 -39.91 -37.46
N ASP D 292 -0.27 -40.92 -36.67
CA ASP D 292 0.13 -42.29 -36.97
C ASP D 292 -0.06 -42.60 -38.45
N LEU D 293 -1.19 -42.14 -39.00
CA LEU D 293 -1.50 -42.43 -40.38
C LEU D 293 -0.50 -41.76 -41.32
N ALA D 294 -0.21 -40.49 -41.06
CA ALA D 294 0.73 -39.75 -41.88
C ALA D 294 2.10 -40.44 -41.90
N GLN D 295 2.49 -40.95 -40.74
CA GLN D 295 3.72 -41.71 -40.60
C GLN D 295 3.75 -42.84 -41.62
N HIS D 296 2.59 -43.42 -41.87
CA HIS D 296 2.49 -44.51 -42.83
C HIS D 296 2.73 -44.02 -44.26
N TYR D 297 2.04 -42.95 -44.65
CA TYR D 297 2.20 -42.43 -46.00
C TYR D 297 3.62 -41.94 -46.23
N LEU D 298 4.22 -41.36 -45.20
CA LEU D 298 5.63 -40.95 -45.27
C LEU D 298 6.55 -42.16 -45.52
N ALA D 299 6.33 -43.25 -44.78
CA ALA D 299 7.12 -44.45 -45.00
C ALA D 299 6.91 -45.01 -46.40
N LYS D 300 5.65 -44.98 -46.85
CA LYS D 300 5.25 -45.54 -48.13
C LYS D 300 5.86 -44.77 -49.31
N GLU D 301 6.06 -43.47 -49.11
CA GLU D 301 6.68 -42.64 -50.13
C GLU D 301 8.19 -42.61 -49.98
N GLY D 302 8.69 -43.44 -49.06
CA GLY D 302 10.12 -43.49 -48.79
C GLY D 302 10.72 -42.24 -48.19
N ILE D 303 9.97 -41.54 -47.35
CA ILE D 303 10.47 -40.31 -46.74
C ILE D 303 10.85 -40.52 -45.26
N VAL D 304 12.07 -40.14 -44.90
CA VAL D 304 12.49 -40.22 -43.51
C VAL D 304 11.93 -39.05 -42.73
N ALA D 305 11.20 -39.33 -41.65
CA ALA D 305 10.67 -38.28 -40.77
C ALA D 305 10.95 -38.53 -39.28
N ALA D 306 11.23 -37.44 -38.56
CA ALA D 306 11.26 -37.47 -37.10
C ALA D 306 10.25 -36.46 -36.58
N ARG D 307 9.64 -36.76 -35.44
CA ARG D 307 8.57 -35.93 -34.89
C ARG D 307 8.96 -35.28 -33.57
N ARG D 308 8.24 -34.22 -33.23
CA ARG D 308 8.42 -33.59 -31.92
C ARG D 308 9.88 -33.25 -31.70
N VAL D 309 10.55 -32.83 -32.75
CA VAL D 309 11.92 -32.36 -32.61
C VAL D 309 11.91 -31.04 -31.83
N LYS D 310 12.75 -30.96 -30.80
CA LYS D 310 12.77 -29.77 -29.94
C LYS D 310 13.13 -28.52 -30.73
N LYS D 311 12.60 -27.38 -30.29
CA LYS D 311 12.75 -26.10 -31.01
C LYS D 311 14.20 -25.76 -31.34
N SER D 312 15.06 -25.76 -30.33
CA SER D 312 16.47 -25.45 -30.52
C SER D 312 17.17 -26.38 -31.54
N ASP D 313 16.59 -27.57 -31.77
CA ASP D 313 17.14 -28.50 -32.75
C ASP D 313 16.74 -28.04 -34.14
N MET D 314 15.45 -27.80 -34.32
CA MET D 314 14.94 -27.18 -35.54
C MET D 314 15.80 -26.00 -35.96
N GLU D 315 16.11 -25.13 -35.01
CA GLU D 315 16.86 -23.92 -35.30
C GLU D 315 18.28 -24.24 -35.79
N LYS D 316 18.92 -25.24 -35.19
CA LYS D 316 20.27 -25.61 -35.63
C LYS D 316 20.26 -26.37 -36.96
N LEU D 317 19.20 -27.15 -37.19
CA LEU D 317 19.05 -27.84 -38.45
C LEU D 317 18.92 -26.80 -39.57
N ALA D 318 18.06 -25.81 -39.35
CA ALA D 318 17.84 -24.75 -40.32
C ALA D 318 19.16 -24.07 -40.61
N LYS D 319 19.91 -23.81 -39.53
CA LYS D 319 21.20 -23.14 -39.66
C LYS D 319 22.21 -24.00 -40.43
N ALA D 320 22.19 -25.30 -40.17
CA ALA D 320 23.17 -26.21 -40.75
C ALA D 320 22.88 -26.50 -42.23
N THR D 321 21.61 -26.79 -42.54
CA THR D 321 21.18 -27.26 -43.88
C THR D 321 20.73 -26.17 -44.85
N GLY D 322 20.43 -24.98 -44.34
CA GLY D 322 19.90 -23.90 -45.17
C GLY D 322 18.40 -23.98 -45.46
N ALA D 323 17.71 -24.85 -44.75
CA ALA D 323 16.26 -24.95 -44.91
C ALA D 323 15.52 -23.79 -44.24
N ASN D 324 14.27 -23.60 -44.62
CA ASN D 324 13.39 -22.69 -43.89
C ASN D 324 12.43 -23.49 -43.01
N VAL D 325 12.30 -23.10 -41.74
CA VAL D 325 11.25 -23.70 -40.92
C VAL D 325 9.89 -23.22 -41.39
N ILE D 326 9.06 -24.16 -41.83
CA ILE D 326 7.80 -23.86 -42.47
C ILE D 326 6.60 -24.08 -41.54
N ALA D 327 5.69 -23.12 -41.53
CA ALA D 327 4.49 -23.19 -40.69
C ALA D 327 3.25 -23.72 -41.42
N ALA D 328 3.26 -23.67 -42.74
CA ALA D 328 2.13 -24.18 -43.51
C ALA D 328 2.60 -25.24 -44.48
N ILE D 329 2.04 -26.44 -44.38
CA ILE D 329 2.44 -27.51 -45.30
C ILE D 329 2.19 -27.12 -46.76
N ALA D 330 1.08 -26.44 -47.01
CA ALA D 330 0.74 -25.96 -48.35
C ALA D 330 1.77 -24.97 -48.90
N ALA D 331 2.38 -24.21 -47.99
CA ALA D 331 3.36 -23.18 -48.35
C ALA D 331 4.72 -23.78 -48.68
N LEU D 332 4.90 -25.06 -48.36
CA LEU D 332 6.17 -25.72 -48.60
C LEU D 332 6.52 -25.73 -50.08
N SER D 333 7.74 -25.29 -50.39
CA SER D 333 8.22 -25.33 -51.76
C SER D 333 9.63 -25.88 -51.82
N ALA D 334 10.08 -26.26 -53.02
CA ALA D 334 11.38 -26.88 -53.18
C ALA D 334 12.48 -25.99 -52.64
N GLN D 335 12.22 -24.68 -52.61
CA GLN D 335 13.21 -23.70 -52.21
C GLN D 335 13.33 -23.56 -50.68
N ASP D 336 12.43 -24.18 -49.94
CA ASP D 336 12.47 -24.14 -48.48
C ASP D 336 13.34 -25.27 -47.94
N LEU D 337 13.77 -26.16 -48.83
CA LEU D 337 14.51 -27.35 -48.40
C LEU D 337 15.99 -27.08 -48.15
N GLY D 338 16.51 -27.69 -47.09
CA GLY D 338 17.94 -27.66 -46.82
C GLY D 338 18.59 -28.84 -47.49
N ASP D 339 19.92 -28.83 -47.53
CA ASP D 339 20.67 -29.95 -48.09
C ASP D 339 21.73 -30.44 -47.12
N ALA D 340 21.87 -31.77 -47.07
CA ALA D 340 22.96 -32.40 -46.34
C ALA D 340 23.48 -33.52 -47.21
N GLY D 341 24.78 -33.73 -47.18
CA GLY D 341 25.38 -34.85 -47.89
C GLY D 341 24.91 -36.18 -47.33
N LEU D 342 24.75 -36.25 -46.01
CA LEU D 342 24.34 -37.49 -45.36
C LEU D 342 23.36 -37.24 -44.22
N VAL D 343 22.30 -38.05 -44.18
CA VAL D 343 21.40 -38.12 -43.03
C VAL D 343 21.29 -39.58 -42.63
N GLU D 344 21.67 -39.88 -41.38
CA GLU D 344 21.71 -41.26 -40.93
C GLU D 344 21.34 -41.47 -39.47
N GLU D 345 20.44 -42.39 -39.22
CA GLU D 345 20.17 -42.84 -37.87
C GLU D 345 21.14 -43.95 -37.55
N ARG D 346 21.99 -43.74 -36.55
CA ARG D 346 22.92 -44.77 -36.11
C ARG D 346 23.13 -44.69 -34.59
N LYS D 347 23.83 -45.66 -34.03
CA LYS D 347 24.09 -45.64 -32.59
C LYS D 347 25.49 -45.11 -32.28
N ILE D 348 25.55 -44.20 -31.31
CA ILE D 348 26.84 -43.77 -30.76
C ILE D 348 26.77 -43.91 -29.23
N SER D 349 27.73 -44.64 -28.66
CA SER D 349 27.69 -44.92 -27.22
C SER D 349 26.36 -45.55 -26.79
N GLY D 350 25.84 -46.44 -27.63
CA GLY D 350 24.61 -47.17 -27.33
C GLY D 350 23.32 -46.39 -27.55
N ASP D 351 23.46 -45.12 -27.90
CA ASP D 351 22.32 -44.24 -28.10
C ASP D 351 22.12 -43.98 -29.59
N SER D 352 20.91 -44.24 -30.07
CA SER D 352 20.59 -43.97 -31.46
C SER D 352 20.24 -42.51 -31.63
N MET D 353 20.82 -41.90 -32.66
CA MET D 353 20.54 -40.50 -32.98
C MET D 353 20.53 -40.32 -34.49
N ILE D 354 19.97 -39.21 -34.94
CA ILE D 354 20.06 -38.83 -36.34
C ILE D 354 21.20 -37.85 -36.57
N PHE D 355 22.15 -38.27 -37.41
CA PHE D 355 23.30 -37.46 -37.83
C PHE D 355 22.96 -36.73 -39.12
N VAL D 356 23.15 -35.41 -39.13
CA VAL D 356 22.96 -34.64 -40.33
C VAL D 356 24.31 -34.00 -40.66
N GLU D 357 25.08 -34.69 -41.51
CA GLU D 357 26.46 -34.28 -41.77
C GLU D 357 26.79 -33.98 -43.23
N GLU D 358 28.01 -33.53 -43.46
CA GLU D 358 28.49 -33.23 -44.80
C GLU D 358 27.62 -32.18 -45.47
N CYS D 359 27.17 -31.22 -44.68
CA CYS D 359 26.52 -30.03 -45.23
C CYS D 359 27.53 -29.13 -45.92
N LYS D 360 27.10 -28.44 -46.98
CA LYS D 360 28.02 -27.69 -47.84
C LYS D 360 28.40 -26.33 -47.27
N HIS D 361 27.41 -25.60 -46.77
CA HIS D 361 27.74 -24.32 -46.15
C HIS D 361 27.06 -24.17 -44.80
N PRO D 362 27.42 -25.05 -43.86
CA PRO D 362 26.73 -25.00 -42.57
C PRO D 362 27.05 -23.68 -41.86
N LYS D 363 26.03 -23.05 -41.28
CA LYS D 363 26.25 -21.89 -40.42
C LYS D 363 26.24 -22.30 -38.94
N ALA D 364 25.92 -23.56 -38.68
CA ALA D 364 26.12 -24.17 -37.39
C ALA D 364 26.80 -25.51 -37.60
N VAL D 365 27.72 -25.88 -36.71
CA VAL D 365 28.38 -27.16 -36.80
C VAL D 365 28.46 -27.83 -35.42
N THR D 366 29.04 -29.02 -35.38
CA THR D 366 29.07 -29.80 -34.15
C THR D 366 30.45 -30.39 -33.85
N MET D 367 31.08 -29.93 -32.77
CA MET D 367 32.24 -30.61 -32.22
C MET D 367 31.73 -31.81 -31.40
N LEU D 368 31.99 -33.01 -31.90
CA LEU D 368 31.63 -34.23 -31.17
C LEU D 368 32.84 -34.67 -30.38
N ILE D 369 32.79 -34.41 -29.08
CA ILE D 369 33.91 -34.68 -28.21
C ILE D 369 33.80 -36.08 -27.62
N ARG D 370 34.88 -36.83 -27.74
CA ARG D 370 34.95 -38.21 -27.27
C ARG D 370 36.03 -38.36 -26.20
N GLY D 371 35.91 -39.40 -25.39
CA GLY D 371 36.88 -39.68 -24.33
C GLY D 371 36.41 -40.94 -23.64
N THR D 372 37.24 -41.51 -22.79
CA THR D 372 36.92 -42.80 -22.20
C THR D 372 35.93 -42.69 -21.02
N THR D 373 35.93 -41.58 -20.31
CA THR D 373 35.00 -41.42 -19.19
C THR D 373 34.29 -40.08 -19.23
N GLU D 374 33.15 -40.02 -18.59
CA GLU D 374 32.40 -38.78 -18.55
C GLU D 374 33.29 -37.63 -18.07
N HIS D 375 34.03 -37.84 -16.98
CA HIS D 375 34.78 -36.71 -16.43
C HIS D 375 35.98 -36.33 -17.27
N VAL D 376 36.59 -37.32 -17.91
CA VAL D 376 37.69 -37.00 -18.82
C VAL D 376 37.15 -36.06 -19.90
N ILE D 377 35.96 -36.41 -20.41
CA ILE D 377 35.34 -35.65 -21.49
C ILE D 377 35.01 -34.24 -21.06
N GLU D 378 34.48 -34.05 -19.86
CA GLU D 378 34.07 -32.70 -19.42
C GLU D 378 35.21 -31.70 -19.57
N GLU D 379 36.42 -32.11 -19.20
CA GLU D 379 37.53 -31.20 -19.18
C GLU D 379 38.12 -30.99 -20.58
N VAL D 380 38.07 -32.02 -21.42
CA VAL D 380 38.41 -31.85 -22.84
C VAL D 380 37.53 -30.77 -23.47
N ALA D 381 36.22 -30.88 -23.24
CA ALA D 381 35.26 -29.89 -23.73
C ALA D 381 35.55 -28.48 -23.21
N ARG D 382 35.95 -28.37 -21.95
CA ARG D 382 36.34 -27.07 -21.43
C ARG D 382 37.52 -26.51 -22.21
N ALA D 383 38.50 -27.36 -22.52
CA ALA D 383 39.65 -26.93 -23.29
C ALA D 383 39.23 -26.49 -24.70
N VAL D 384 38.32 -27.24 -25.31
CA VAL D 384 37.81 -26.91 -26.63
C VAL D 384 37.13 -25.54 -26.57
N ASP D 385 36.34 -25.33 -25.52
CA ASP D 385 35.65 -24.06 -25.31
C ASP D 385 36.64 -22.89 -25.24
N ASP D 386 37.72 -23.05 -24.46
CA ASP D 386 38.81 -22.07 -24.40
C ASP D 386 39.27 -21.71 -25.82
N ALA D 387 39.62 -22.74 -26.60
CA ALA D 387 40.22 -22.56 -27.91
C ALA D 387 39.24 -21.95 -28.90
N VAL D 388 37.98 -22.35 -28.81
CA VAL D 388 36.96 -21.79 -29.67
C VAL D 388 36.87 -20.27 -29.44
N GLY D 389 36.93 -19.88 -28.18
CA GLY D 389 36.91 -18.47 -27.83
C GLY D 389 38.09 -17.69 -28.40
N VAL D 390 39.31 -18.17 -28.19
CA VAL D 390 40.44 -17.39 -28.67
C VAL D 390 40.56 -17.40 -30.19
N VAL D 391 40.25 -18.52 -30.83
CA VAL D 391 40.26 -18.54 -32.30
C VAL D 391 39.29 -17.49 -32.79
N GLY D 392 38.13 -17.39 -32.11
CA GLY D 392 37.10 -16.42 -32.43
C GLY D 392 37.58 -14.99 -32.28
N CYS D 393 38.24 -14.70 -31.15
CA CYS D 393 38.78 -13.37 -30.89
C CYS D 393 39.80 -12.97 -31.95
N THR D 394 40.68 -13.90 -32.31
CA THR D 394 41.69 -13.63 -33.31
C THR D 394 41.06 -13.34 -34.68
N ILE D 395 40.03 -14.09 -35.04
CA ILE D 395 39.36 -13.89 -36.31
C ILE D 395 38.65 -12.53 -36.31
N GLU D 396 38.01 -12.20 -35.20
CA GLU D 396 37.29 -10.94 -35.09
C GLU D 396 38.20 -9.72 -34.95
N ASP D 397 39.33 -9.87 -34.25
CA ASP D 397 40.13 -8.71 -33.90
C ASP D 397 41.30 -8.51 -34.85
N GLY D 398 41.81 -9.61 -35.40
CA GLY D 398 43.02 -9.57 -36.21
C GLY D 398 44.27 -9.15 -35.46
N ARG D 399 44.23 -9.20 -34.12
CA ARG D 399 45.41 -8.84 -33.32
C ARG D 399 45.78 -9.90 -32.30
N ILE D 400 47.06 -10.26 -32.25
CA ILE D 400 47.54 -11.21 -31.26
C ILE D 400 48.77 -10.68 -30.54
N VAL D 401 49.16 -11.35 -29.46
CA VAL D 401 50.37 -11.01 -28.73
C VAL D 401 51.07 -12.31 -28.38
N SER D 402 52.35 -12.23 -28.02
CA SER D 402 53.09 -13.40 -27.58
C SER D 402 52.71 -13.81 -26.14
N GLY D 403 52.81 -15.10 -25.85
CA GLY D 403 52.48 -15.62 -24.52
C GLY D 403 53.66 -15.78 -23.57
N GLY D 404 53.48 -16.66 -22.57
CA GLY D 404 54.54 -16.94 -21.62
C GLY D 404 54.81 -15.82 -20.64
N GLY D 405 53.88 -14.87 -20.53
CA GLY D 405 54.09 -13.69 -19.70
C GLY D 405 55.06 -12.68 -20.30
N SER D 406 55.45 -12.92 -21.55
CA SER D 406 56.29 -12.00 -22.30
C SER D 406 55.64 -10.61 -22.41
N THR D 407 54.36 -10.58 -22.78
CA THR D 407 53.64 -9.34 -22.96
C THR D 407 53.47 -8.58 -21.64
N GLU D 408 53.25 -9.31 -20.55
CA GLU D 408 53.19 -8.69 -19.24
C GLU D 408 54.50 -8.02 -18.86
N VAL D 409 55.63 -8.66 -19.19
CA VAL D 409 56.93 -8.08 -18.85
C VAL D 409 57.20 -6.82 -19.67
N GLU D 410 56.90 -6.87 -20.96
CA GLU D 410 57.05 -5.70 -21.81
C GLU D 410 56.21 -4.57 -21.24
N LEU D 411 54.97 -4.92 -20.88
CA LEU D 411 54.02 -3.95 -20.39
C LEU D 411 54.53 -3.33 -19.10
N SER D 412 55.00 -4.15 -18.18
CA SER D 412 55.42 -3.64 -16.89
C SER D 412 56.63 -2.72 -17.02
N MET D 413 57.56 -3.09 -17.88
CA MET D 413 58.75 -2.28 -18.16
C MET D 413 58.38 -0.91 -18.74
N LYS D 414 57.55 -0.91 -19.77
CA LYS D 414 57.09 0.33 -20.39
C LYS D 414 56.31 1.19 -19.40
N LEU D 415 55.50 0.55 -18.55
CA LEU D 415 54.75 1.27 -17.53
C LEU D 415 55.67 1.90 -16.50
N ARG D 416 56.79 1.24 -16.21
CA ARG D 416 57.77 1.82 -15.29
C ARG D 416 58.37 3.09 -15.90
N GLU D 417 58.66 3.04 -17.19
CA GLU D 417 59.05 4.23 -17.92
C GLU D 417 57.99 5.33 -17.77
N TYR D 418 56.75 4.98 -18.07
CA TYR D 418 55.62 5.90 -17.90
C TYR D 418 55.60 6.51 -16.50
N ALA D 419 55.74 5.66 -15.49
CA ALA D 419 55.61 6.09 -14.10
C ALA D 419 56.60 7.19 -13.75
N GLU D 420 57.77 7.14 -14.38
CA GLU D 420 58.85 8.08 -14.10
C GLU D 420 58.39 9.50 -14.31
N GLY D 421 57.58 9.70 -15.34
CA GLY D 421 57.13 11.02 -15.73
C GLY D 421 55.92 11.50 -14.96
N ILE D 422 55.51 10.73 -13.98
CA ILE D 422 54.37 11.11 -13.15
C ILE D 422 54.84 11.65 -11.82
N SER D 423 54.21 12.72 -11.35
CA SER D 423 54.59 13.33 -10.08
C SER D 423 53.53 13.10 -9.00
N GLY D 424 53.94 13.29 -7.74
CA GLY D 424 53.05 13.06 -6.61
C GLY D 424 53.08 11.61 -6.17
N ARG D 425 52.37 11.31 -5.09
CA ARG D 425 52.33 9.95 -4.57
C ARG D 425 51.76 9.01 -5.63
N GLU D 426 51.03 9.59 -6.59
CA GLU D 426 50.39 8.84 -7.65
C GLU D 426 51.42 7.97 -8.36
N GLN D 427 52.63 8.47 -8.48
CA GLN D 427 53.68 7.69 -9.12
C GLN D 427 53.82 6.32 -8.45
N LEU D 428 53.70 6.29 -7.12
CA LEU D 428 53.81 5.05 -6.38
C LEU D 428 52.77 4.02 -6.85
N ALA D 429 51.58 4.50 -7.17
CA ALA D 429 50.49 3.61 -7.54
C ALA D 429 50.70 3.07 -8.96
N VAL D 430 51.10 3.95 -9.88
CA VAL D 430 51.37 3.56 -11.26
C VAL D 430 52.51 2.53 -11.30
N ARG D 431 53.56 2.78 -10.51
CA ARG D 431 54.65 1.82 -10.38
C ARG D 431 54.18 0.49 -9.77
N ALA D 432 53.24 0.57 -8.83
CA ALA D 432 52.70 -0.64 -8.22
C ALA D 432 51.88 -1.44 -9.23
N PHE D 433 51.17 -0.74 -10.11
CA PHE D 433 50.40 -1.37 -11.17
C PHE D 433 51.32 -2.12 -12.12
N ALA D 434 52.39 -1.46 -12.53
CA ALA D 434 53.39 -2.09 -13.40
C ALA D 434 53.93 -3.35 -12.74
N ASP D 435 54.27 -3.25 -11.46
CA ASP D 435 54.84 -4.41 -10.77
C ASP D 435 53.83 -5.55 -10.69
N ALA D 436 52.56 -5.20 -10.53
CA ALA D 436 51.53 -6.21 -10.37
C ALA D 436 51.48 -7.15 -11.57
N LEU D 437 51.70 -6.62 -12.76
CA LEU D 437 51.55 -7.40 -13.98
C LEU D 437 52.53 -8.57 -14.01
N GLU D 438 53.67 -8.41 -13.36
CA GLU D 438 54.70 -9.45 -13.39
C GLU D 438 54.29 -10.67 -12.57
N VAL D 439 53.14 -10.63 -11.91
CA VAL D 439 52.65 -11.78 -11.18
C VAL D 439 52.36 -12.93 -12.15
N ILE D 440 52.07 -12.60 -13.39
CA ILE D 440 51.88 -13.65 -14.39
C ILE D 440 53.18 -14.42 -14.71
N PRO D 441 54.21 -13.72 -15.20
CA PRO D 441 55.45 -14.48 -15.45
C PRO D 441 55.99 -15.09 -14.18
N ARG D 442 55.77 -14.42 -13.05
CA ARG D 442 56.24 -14.95 -11.78
C ARG D 442 55.56 -16.27 -11.47
N THR D 443 54.23 -16.29 -11.61
CA THR D 443 53.43 -17.50 -11.33
C THR D 443 53.68 -18.63 -12.35
N LEU D 444 53.82 -18.28 -13.62
CA LEU D 444 54.16 -19.26 -14.63
C LEU D 444 55.43 -20.00 -14.23
N ALA D 445 56.45 -19.23 -13.85
CA ALA D 445 57.74 -19.76 -13.42
C ALA D 445 57.58 -20.65 -12.18
N GLU D 446 56.98 -20.07 -11.14
CA GLU D 446 56.73 -20.78 -9.90
C GLU D 446 56.09 -22.15 -10.15
N ASN D 447 55.07 -22.18 -10.99
CA ASN D 447 54.31 -23.43 -11.20
C ASN D 447 55.10 -24.48 -11.97
N ALA D 448 56.12 -24.01 -12.70
CA ALA D 448 57.02 -24.91 -13.41
C ALA D 448 58.20 -25.38 -12.55
N GLY D 449 58.10 -25.21 -11.24
CA GLY D 449 59.22 -25.54 -10.37
C GLY D 449 60.46 -24.68 -10.53
N LEU D 450 60.34 -23.54 -11.21
CA LEU D 450 61.51 -22.69 -11.39
C LEU D 450 61.64 -21.55 -10.37
N ASP D 451 62.84 -20.97 -10.30
CA ASP D 451 63.09 -19.81 -9.45
C ASP D 451 62.63 -18.53 -10.13
N ALA D 452 61.52 -17.98 -9.66
CA ALA D 452 60.84 -16.91 -10.40
C ALA D 452 61.60 -15.59 -10.34
N ILE D 453 62.29 -15.37 -9.22
CA ILE D 453 63.06 -14.15 -9.03
C ILE D 453 64.18 -14.05 -10.07
N GLU D 454 64.98 -15.09 -10.20
CA GLU D 454 66.05 -15.02 -11.19
C GLU D 454 65.51 -15.09 -12.62
N ILE D 455 64.42 -15.83 -12.82
CA ILE D 455 63.81 -15.91 -14.15
C ILE D 455 63.32 -14.55 -14.61
N LEU D 456 62.71 -13.80 -13.70
CA LEU D 456 62.25 -12.47 -14.03
C LEU D 456 63.42 -11.55 -14.40
N VAL D 457 64.53 -11.68 -13.69
CA VAL D 457 65.71 -10.87 -13.99
C VAL D 457 66.12 -11.13 -15.44
N LYS D 458 66.22 -12.40 -15.78
CA LYS D 458 66.58 -12.80 -17.14
C LYS D 458 65.59 -12.27 -18.18
N VAL D 459 64.29 -12.42 -17.94
CA VAL D 459 63.30 -11.99 -18.94
C VAL D 459 63.32 -10.47 -19.10
N ARG D 460 63.41 -9.77 -17.99
CA ARG D 460 63.52 -8.32 -18.05
C ARG D 460 64.68 -7.91 -18.94
N ALA D 461 65.81 -8.58 -18.77
CA ALA D 461 67.02 -8.25 -19.52
C ALA D 461 66.85 -8.47 -21.02
N ALA D 462 66.14 -9.53 -21.39
CA ALA D 462 65.89 -9.81 -22.79
C ALA D 462 64.95 -8.77 -23.39
N HIS D 463 64.29 -7.99 -22.53
CA HIS D 463 63.39 -6.94 -23.00
C HIS D 463 64.09 -5.59 -23.03
N ALA D 464 65.03 -5.39 -22.10
CA ALA D 464 65.71 -4.10 -21.94
C ALA D 464 66.46 -3.65 -23.19
N SER D 465 66.66 -2.34 -23.31
CA SER D 465 67.41 -1.73 -24.42
C SER D 465 67.09 -2.36 -25.78
N ASN D 466 65.84 -2.20 -26.21
CA ASN D 466 65.33 -2.73 -27.48
C ASN D 466 66.20 -3.82 -28.09
N GLY D 467 66.03 -5.07 -27.62
CA GLY D 467 64.99 -5.46 -26.71
C GLY D 467 63.98 -6.33 -27.44
N ASN D 468 63.75 -7.55 -26.94
CA ASN D 468 62.77 -8.42 -27.57
C ASN D 468 61.43 -8.48 -26.83
N LYS D 469 60.40 -7.83 -27.38
CA LYS D 469 59.10 -7.75 -26.72
C LYS D 469 58.43 -9.13 -26.54
N CYS D 470 58.90 -10.12 -27.29
CA CYS D 470 58.25 -11.43 -27.28
C CYS D 470 59.02 -12.45 -26.45
N ALA D 471 60.07 -11.99 -25.78
CA ALA D 471 60.91 -12.87 -24.98
C ALA D 471 60.18 -13.27 -23.71
N GLY D 472 60.12 -14.57 -23.47
CA GLY D 472 59.49 -15.06 -22.27
C GLY D 472 60.12 -16.37 -21.87
N LEU D 473 59.73 -16.89 -20.72
CA LEU D 473 60.28 -18.14 -20.24
C LEU D 473 59.48 -19.34 -20.76
N ASN D 474 60.12 -20.17 -21.57
CA ASN D 474 59.45 -21.40 -22.00
C ASN D 474 59.50 -22.43 -20.88
N VAL D 475 58.34 -22.73 -20.29
CA VAL D 475 58.25 -23.65 -19.16
C VAL D 475 58.72 -25.05 -19.55
N PHE D 476 58.86 -25.28 -20.85
CA PHE D 476 59.27 -26.58 -21.37
C PHE D 476 60.77 -26.69 -21.66
N THR D 477 61.52 -25.62 -21.46
CA THR D 477 62.97 -25.71 -21.61
C THR D 477 63.71 -25.03 -20.47
N GLY D 478 63.02 -24.18 -19.73
CA GLY D 478 63.63 -23.45 -18.64
C GLY D 478 64.44 -22.26 -19.16
N ALA D 479 64.42 -22.08 -20.47
CA ALA D 479 65.15 -21.01 -21.14
C ALA D 479 64.26 -19.83 -21.55
N VAL D 480 64.86 -18.65 -21.60
CA VAL D 480 64.18 -17.47 -22.14
C VAL D 480 64.25 -17.51 -23.66
N GLU D 481 63.09 -17.54 -24.30
CA GLU D 481 63.00 -17.70 -25.75
C GLU D 481 61.99 -16.74 -26.40
N ASP D 482 62.13 -16.56 -27.71
CA ASP D 482 61.20 -15.76 -28.49
C ASP D 482 59.89 -16.52 -28.59
N MET D 483 58.85 -16.01 -27.94
CA MET D 483 57.62 -16.75 -27.79
C MET D 483 56.82 -16.74 -29.09
N CYS D 484 56.90 -15.64 -29.84
CA CYS D 484 56.30 -15.58 -31.18
C CYS D 484 56.88 -16.67 -32.10
N GLU D 485 58.21 -16.80 -32.07
CA GLU D 485 58.91 -17.79 -32.89
C GLU D 485 58.67 -19.22 -32.44
N ASN D 486 58.35 -19.41 -31.17
CA ASN D 486 57.98 -20.74 -30.67
C ASN D 486 56.50 -21.01 -30.91
N GLY D 487 55.77 -19.99 -31.36
CA GLY D 487 54.34 -20.13 -31.59
C GLY D 487 53.48 -20.19 -30.32
N VAL D 488 53.98 -19.66 -29.21
CA VAL D 488 53.15 -19.47 -28.01
C VAL D 488 52.54 -18.09 -28.08
N VAL D 489 51.30 -18.03 -28.55
CA VAL D 489 50.63 -16.77 -28.84
C VAL D 489 49.18 -16.82 -28.39
N GLU D 490 48.63 -15.66 -28.12
CA GLU D 490 47.27 -15.52 -27.61
C GLU D 490 46.69 -14.19 -28.12
N PRO D 491 45.37 -14.08 -28.21
CA PRO D 491 44.70 -12.88 -28.72
C PRO D 491 44.98 -11.67 -27.85
N LEU D 492 45.03 -10.50 -28.48
CA LEU D 492 45.21 -9.25 -27.77
C LEU D 492 44.08 -9.09 -26.74
N ARG D 493 42.90 -9.56 -27.10
CA ARG D 493 41.72 -9.40 -26.27
C ARG D 493 41.85 -10.05 -24.92
N VAL D 494 42.64 -11.13 -24.83
CA VAL D 494 42.85 -11.83 -23.55
C VAL D 494 43.52 -10.88 -22.54
N LYS D 495 44.54 -10.17 -23.02
CA LYS D 495 45.30 -9.24 -22.19
C LYS D 495 44.50 -7.97 -21.91
N THR D 496 43.86 -7.43 -22.94
CA THR D 496 43.15 -6.17 -22.74
C THR D 496 41.99 -6.34 -21.80
N GLN D 497 41.20 -7.39 -21.96
CA GLN D 497 40.06 -7.62 -21.10
C GLN D 497 40.48 -7.92 -19.66
N ALA D 498 41.53 -8.74 -19.52
CA ALA D 498 41.99 -9.14 -18.18
C ALA D 498 42.49 -7.94 -17.40
N ILE D 499 43.26 -7.10 -18.07
CA ILE D 499 43.83 -5.96 -17.38
C ILE D 499 42.75 -4.92 -17.06
N GLN D 500 41.85 -4.65 -18.01
CA GLN D 500 40.79 -3.68 -17.76
C GLN D 500 39.88 -4.13 -16.61
N SER D 501 39.46 -5.40 -16.66
CA SER D 501 38.66 -6.01 -15.61
C SER D 501 39.32 -5.95 -14.24
N ALA D 502 40.60 -6.32 -14.16
CA ALA D 502 41.31 -6.27 -12.89
C ALA D 502 41.37 -4.85 -12.34
N ALA D 503 41.65 -3.90 -13.23
CA ALA D 503 41.74 -2.48 -12.87
C ALA D 503 40.41 -1.94 -12.35
N GLU D 504 39.33 -2.22 -13.09
CA GLU D 504 38.04 -1.62 -12.75
C GLU D 504 37.47 -2.21 -11.46
N SER D 505 37.57 -3.53 -11.29
CA SER D 505 37.09 -4.18 -10.08
C SER D 505 37.89 -3.81 -8.84
N THR D 506 39.22 -3.75 -8.95
CA THR D 506 40.01 -3.41 -7.77
C THR D 506 39.88 -1.93 -7.46
N GLU D 507 39.74 -1.09 -8.49
CA GLU D 507 39.44 0.33 -8.22
C GLU D 507 38.16 0.49 -7.39
N MET D 508 37.13 -0.26 -7.76
CA MET D 508 35.87 -0.24 -7.05
C MET D 508 36.06 -0.74 -5.62
N LEU D 509 36.83 -1.81 -5.47
CA LEU D 509 37.04 -2.37 -4.14
C LEU D 509 37.81 -1.40 -3.26
N LEU D 510 38.81 -0.75 -3.84
CA LEU D 510 39.71 0.10 -3.06
C LEU D 510 39.04 1.38 -2.61
N ARG D 511 37.83 1.66 -3.11
CA ARG D 511 37.08 2.85 -2.68
C ARG D 511 36.28 2.63 -1.38
N ILE D 512 36.27 1.39 -0.89
CA ILE D 512 35.37 1.03 0.19
C ILE D 512 36.02 1.27 1.55
N ASP D 513 35.34 1.94 2.46
CA ASP D 513 35.91 2.15 3.79
C ASP D 513 34.93 1.73 4.88
N ASP D 514 33.97 0.91 4.50
CA ASP D 514 32.90 0.55 5.42
C ASP D 514 32.12 -0.60 4.81
N VAL D 515 32.00 -1.68 5.57
CA VAL D 515 31.25 -2.84 5.13
C VAL D 515 30.17 -3.06 6.17
N ILE D 516 28.93 -3.15 5.71
CA ILE D 516 27.80 -3.35 6.60
C ILE D 516 27.04 -4.58 6.13
N ALA D 517 27.25 -5.68 6.83
CA ALA D 517 26.65 -6.98 6.47
C ALA D 517 25.57 -7.39 7.45
N ALA D 518 24.46 -7.91 6.95
CA ALA D 518 23.32 -8.26 7.80
C ALA D 518 23.27 -9.75 8.13
N GLU D 519 22.23 -10.17 8.85
CA GLU D 519 21.99 -11.58 9.19
C GLU D 519 23.27 -12.35 9.53
#